data_2D3D
# 
_entry.id   2D3D 
# 
_audit_conform.dict_name       mmcif_pdbx.dic 
_audit_conform.dict_version    5.388 
_audit_conform.dict_location   http://mmcif.pdb.org/dictionaries/ascii/mmcif_pdbx.dic 
# 
loop_
_database_2.database_id 
_database_2.database_code 
_database_2.pdbx_database_accession 
_database_2.pdbx_DOI 
PDB   2D3D         pdb_00002d3d 10.2210/pdb2d3d/pdb 
RCSB  RCSB024936   ?            ?                   
WWPDB D_1000024936 ?            ?                   
# 
loop_
_pdbx_audit_revision_history.ordinal 
_pdbx_audit_revision_history.data_content_type 
_pdbx_audit_revision_history.major_revision 
_pdbx_audit_revision_history.minor_revision 
_pdbx_audit_revision_history.revision_date 
1 'Structure model' 1 0 2006-02-14 
2 'Structure model' 1 1 2008-04-30 
3 'Structure model' 1 2 2011-07-13 
4 'Structure model' 1 3 2024-03-13 
# 
_pdbx_audit_revision_details.ordinal             1 
_pdbx_audit_revision_details.revision_ordinal    1 
_pdbx_audit_revision_details.data_content_type   'Structure model' 
_pdbx_audit_revision_details.provider            repository 
_pdbx_audit_revision_details.type                'Initial release' 
_pdbx_audit_revision_details.description         ? 
_pdbx_audit_revision_details.details             ? 
# 
loop_
_pdbx_audit_revision_group.ordinal 
_pdbx_audit_revision_group.revision_ordinal 
_pdbx_audit_revision_group.data_content_type 
_pdbx_audit_revision_group.group 
1 2 'Structure model' 'Version format compliance' 
2 3 'Structure model' 'Version format compliance' 
3 4 'Structure model' 'Data collection'           
4 4 'Structure model' 'Database references'       
5 4 'Structure model' 'Derived calculations'      
# 
loop_
_pdbx_audit_revision_category.ordinal 
_pdbx_audit_revision_category.revision_ordinal 
_pdbx_audit_revision_category.data_content_type 
_pdbx_audit_revision_category.category 
1 4 'Structure model' chem_comp_atom         
2 4 'Structure model' chem_comp_bond         
3 4 'Structure model' database_2             
4 4 'Structure model' pdbx_struct_conn_angle 
5 4 'Structure model' struct_conn            
6 4 'Structure model' struct_site            
# 
loop_
_pdbx_audit_revision_item.ordinal 
_pdbx_audit_revision_item.revision_ordinal 
_pdbx_audit_revision_item.data_content_type 
_pdbx_audit_revision_item.item 
1  4 'Structure model' '_database_2.pdbx_DOI'                        
2  4 'Structure model' '_database_2.pdbx_database_accession'         
3  4 'Structure model' '_pdbx_struct_conn_angle.ptnr1_auth_comp_id'  
4  4 'Structure model' '_pdbx_struct_conn_angle.ptnr1_auth_seq_id'   
5  4 'Structure model' '_pdbx_struct_conn_angle.ptnr1_label_asym_id' 
6  4 'Structure model' '_pdbx_struct_conn_angle.ptnr1_label_atom_id' 
7  4 'Structure model' '_pdbx_struct_conn_angle.ptnr1_label_comp_id' 
8  4 'Structure model' '_pdbx_struct_conn_angle.ptnr1_label_seq_id'  
9  4 'Structure model' '_pdbx_struct_conn_angle.ptnr1_symmetry'      
10 4 'Structure model' '_pdbx_struct_conn_angle.ptnr3_auth_comp_id'  
11 4 'Structure model' '_pdbx_struct_conn_angle.ptnr3_auth_seq_id'   
12 4 'Structure model' '_pdbx_struct_conn_angle.ptnr3_label_asym_id' 
13 4 'Structure model' '_pdbx_struct_conn_angle.ptnr3_label_atom_id' 
14 4 'Structure model' '_pdbx_struct_conn_angle.ptnr3_label_comp_id' 
15 4 'Structure model' '_pdbx_struct_conn_angle.ptnr3_label_seq_id'  
16 4 'Structure model' '_pdbx_struct_conn_angle.ptnr3_symmetry'      
17 4 'Structure model' '_pdbx_struct_conn_angle.value'               
18 4 'Structure model' '_struct_conn.pdbx_dist_value'                
19 4 'Structure model' '_struct_conn.ptnr1_auth_comp_id'             
20 4 'Structure model' '_struct_conn.ptnr1_auth_seq_id'              
21 4 'Structure model' '_struct_conn.ptnr1_label_asym_id'            
22 4 'Structure model' '_struct_conn.ptnr1_label_atom_id'            
23 4 'Structure model' '_struct_conn.ptnr1_label_comp_id'            
24 4 'Structure model' '_struct_conn.ptnr1_symmetry'                 
25 4 'Structure model' '_struct_conn.ptnr2_auth_comp_id'             
26 4 'Structure model' '_struct_conn.ptnr2_auth_seq_id'              
27 4 'Structure model' '_struct_conn.ptnr2_label_asym_id'            
28 4 'Structure model' '_struct_conn.ptnr2_label_atom_id'            
29 4 'Structure model' '_struct_conn.ptnr2_label_comp_id'            
30 4 'Structure model' '_struct_conn.ptnr2_label_seq_id'             
31 4 'Structure model' '_struct_conn.ptnr2_symmetry'                 
32 4 'Structure model' '_struct_site.pdbx_auth_asym_id'              
33 4 'Structure model' '_struct_site.pdbx_auth_comp_id'              
34 4 'Structure model' '_struct_site.pdbx_auth_seq_id'               
# 
_pdbx_database_status.status_code                     REL 
_pdbx_database_status.entry_id                        2D3D 
_pdbx_database_status.recvd_initial_deposition_date   2005-09-27 
_pdbx_database_status.deposit_site                    PDBJ 
_pdbx_database_status.process_site                    PDBJ 
_pdbx_database_status.status_code_sf                  REL 
_pdbx_database_status.status_code_mr                  ? 
_pdbx_database_status.SG_entry                        ? 
_pdbx_database_status.pdb_format_compatible           Y 
_pdbx_database_status.status_code_cs                  ? 
_pdbx_database_status.status_code_nmr_data            ? 
_pdbx_database_status.methods_development_category    ? 
# 
loop_
_audit_author.name 
_audit_author.pdbx_ordinal 
'Aviv, T.'        1 
'Amborski, A.N.'  2 
'Zhao, X.S.'      3 
'Kwan, J.J.'      4 
'Johnson, P.E.'   5 
'Sicheri, F.'     6 
'Donaldson, L.W.' 7 
# 
loop_
_citation.id 
_citation.title 
_citation.journal_abbrev 
_citation.journal_volume 
_citation.page_first 
_citation.page_last 
_citation.year 
_citation.journal_id_ASTM 
_citation.country 
_citation.journal_id_ISSN 
_citation.journal_id_CSD 
_citation.book_publisher 
_citation.pdbx_database_id_PubMed 
_citation.pdbx_database_id_DOI 
primary 
'The NMR and X-ray Structures of the Saccharomyces cerevisiae Vts1 SAM Domain Define a Surface for the Recognition of RNA Hairpins' 
J.Mol.Biol.      356 274 279 2006 JMOBAK UK 0022-2836 0070 ? 16375924 10.1016/j.jmb.2005.11.066 
1       'The RNA-binding SAM domain of Smaug defines a new family of post-transcriptional regulators' Nat.Struct.Biol. 10  614 621 
2003 NSBIEW US 1072-8368 2024 ? 12858164 10.1038/nsb956            
# 
loop_
_citation_author.citation_id 
_citation_author.name 
_citation_author.ordinal 
_citation_author.identifier_ORCID 
primary 'Aviv, T.'        1  ? 
primary 'Amborski, A.N.'  2  ? 
primary 'Zhao, X.S.'      3  ? 
primary 'Kwan, J.J.'      4  ? 
primary 'Johnson, P.E.'   5  ? 
primary 'Sicheri, F.'     6  ? 
primary 'Donaldson, L.W.' 7  ? 
1       'Aviv, T.'        8  ? 
1       'Lin, Z.'         9  ? 
1       'Lau, S.'         10 ? 
1       'Rendl, L.M.'     11 ? 
1       'Sicheri, F.'     12 ? 
1       'Smibert, C.A.'   13 ? 
# 
loop_
_entity.id 
_entity.type 
_entity.src_method 
_entity.pdbx_description 
_entity.formula_weight 
_entity.pdbx_number_of_molecules 
_entity.pdbx_ec 
_entity.pdbx_mutation 
_entity.pdbx_fragment 
_entity.details 
1 polymer     man 'Vts1 protein' 10079.785 1  ? ? 'minimal RNA binding fragment' ? 
2 non-polymer syn 'CALCIUM ION'  40.078    1  ? ? ?                              ? 
3 water       nat water          18.015    73 ? ? ?                              ? 
# 
_entity_poly.entity_id                      1 
_entity_poly.type                           'polypeptide(L)' 
_entity_poly.nstd_linkage                   no 
_entity_poly.nstd_monomer                   no 
_entity_poly.pdbx_seq_one_letter_code       
;LSSNSSMNPKSLTDPKLLKNIPMWLKSLRLHKYSDALSGTPWIELIYLDDETLEKKGVLALGARRKLLKAFGIVIDYKER
DLIDRSAY
;
_entity_poly.pdbx_seq_one_letter_code_can   
;LSSNSSMNPKSLTDPKLLKNIPMWLKSLRLHKYSDALSGTPWIELIYLDDETLEKKGVLALGARRKLLKAFGIVIDYKER
DLIDRSAY
;
_entity_poly.pdbx_strand_id                 A 
_entity_poly.pdbx_target_identifier         ? 
# 
loop_
_pdbx_entity_nonpoly.entity_id 
_pdbx_entity_nonpoly.name 
_pdbx_entity_nonpoly.comp_id 
2 'CALCIUM ION' CA  
3 water         HOH 
# 
loop_
_entity_poly_seq.entity_id 
_entity_poly_seq.num 
_entity_poly_seq.mon_id 
_entity_poly_seq.hetero 
1 1  LEU n 
1 2  SER n 
1 3  SER n 
1 4  ASN n 
1 5  SER n 
1 6  SER n 
1 7  MET n 
1 8  ASN n 
1 9  PRO n 
1 10 LYS n 
1 11 SER n 
1 12 LEU n 
1 13 THR n 
1 14 ASP n 
1 15 PRO n 
1 16 LYS n 
1 17 LEU n 
1 18 LEU n 
1 19 LYS n 
1 20 ASN n 
1 21 ILE n 
1 22 PRO n 
1 23 MET n 
1 24 TRP n 
1 25 LEU n 
1 26 LYS n 
1 27 SER n 
1 28 LEU n 
1 29 ARG n 
1 30 LEU n 
1 31 HIS n 
1 32 LYS n 
1 33 TYR n 
1 34 SER n 
1 35 ASP n 
1 36 ALA n 
1 37 LEU n 
1 38 SER n 
1 39 GLY n 
1 40 THR n 
1 41 PRO n 
1 42 TRP n 
1 43 ILE n 
1 44 GLU n 
1 45 LEU n 
1 46 ILE n 
1 47 TYR n 
1 48 LEU n 
1 49 ASP n 
1 50 ASP n 
1 51 GLU n 
1 52 THR n 
1 53 LEU n 
1 54 GLU n 
1 55 LYS n 
1 56 LYS n 
1 57 GLY n 
1 58 VAL n 
1 59 LEU n 
1 60 ALA n 
1 61 LEU n 
1 62 GLY n 
1 63 ALA n 
1 64 ARG n 
1 65 ARG n 
1 66 LYS n 
1 67 LEU n 
1 68 LEU n 
1 69 LYS n 
1 70 ALA n 
1 71 PHE n 
1 72 GLY n 
1 73 ILE n 
1 74 VAL n 
1 75 ILE n 
1 76 ASP n 
1 77 TYR n 
1 78 LYS n 
1 79 GLU n 
1 80 ARG n 
1 81 ASP n 
1 82 LEU n 
1 83 ILE n 
1 84 ASP n 
1 85 ARG n 
1 86 SER n 
1 87 ALA n 
1 88 TYR n 
# 
_entity_src_gen.entity_id                          1 
_entity_src_gen.pdbx_src_id                        1 
_entity_src_gen.pdbx_alt_source_flag               sample 
_entity_src_gen.pdbx_seq_type                      ? 
_entity_src_gen.pdbx_beg_seq_num                   ? 
_entity_src_gen.pdbx_end_seq_num                   ? 
_entity_src_gen.gene_src_common_name               
;baker's yeast
;
_entity_src_gen.gene_src_genus                     Saccharomyces 
_entity_src_gen.pdbx_gene_src_gene                 Vts1 
_entity_src_gen.gene_src_species                   ? 
_entity_src_gen.gene_src_strain                    ? 
_entity_src_gen.gene_src_tissue                    ? 
_entity_src_gen.gene_src_tissue_fraction           ? 
_entity_src_gen.gene_src_details                   ? 
_entity_src_gen.pdbx_gene_src_fragment             ? 
_entity_src_gen.pdbx_gene_src_scientific_name      'Saccharomyces cerevisiae' 
_entity_src_gen.pdbx_gene_src_ncbi_taxonomy_id     4932 
_entity_src_gen.pdbx_gene_src_variant              ? 
_entity_src_gen.pdbx_gene_src_cell_line            ? 
_entity_src_gen.pdbx_gene_src_atcc                 ? 
_entity_src_gen.pdbx_gene_src_organ                ? 
_entity_src_gen.pdbx_gene_src_organelle            ? 
_entity_src_gen.pdbx_gene_src_cell                 ? 
_entity_src_gen.pdbx_gene_src_cellular_location    ? 
_entity_src_gen.host_org_common_name               ? 
_entity_src_gen.pdbx_host_org_scientific_name      'Escherichia coli BL21' 
_entity_src_gen.pdbx_host_org_ncbi_taxonomy_id     511693 
_entity_src_gen.host_org_genus                     Escherichia 
_entity_src_gen.pdbx_host_org_gene                 ? 
_entity_src_gen.pdbx_host_org_organ                ? 
_entity_src_gen.host_org_species                   'Escherichia coli' 
_entity_src_gen.pdbx_host_org_tissue               ? 
_entity_src_gen.pdbx_host_org_tissue_fraction      ? 
_entity_src_gen.pdbx_host_org_strain               BL21 
_entity_src_gen.pdbx_host_org_variant              ? 
_entity_src_gen.pdbx_host_org_cell_line            ? 
_entity_src_gen.pdbx_host_org_atcc                 ? 
_entity_src_gen.pdbx_host_org_culture_collection   ? 
_entity_src_gen.pdbx_host_org_cell                 ? 
_entity_src_gen.pdbx_host_org_organelle            ? 
_entity_src_gen.pdbx_host_org_cellular_location    ? 
_entity_src_gen.pdbx_host_org_vector_type          plasmid 
_entity_src_gen.pdbx_host_org_vector               ? 
_entity_src_gen.host_org_details                   ? 
_entity_src_gen.expression_system_id               ? 
_entity_src_gen.plasmid_name                       pGEX 
_entity_src_gen.plasmid_details                    ? 
_entity_src_gen.pdbx_description                   ? 
# 
loop_
_chem_comp.id 
_chem_comp.type 
_chem_comp.mon_nstd_flag 
_chem_comp.name 
_chem_comp.pdbx_synonyms 
_chem_comp.formula 
_chem_comp.formula_weight 
ALA 'L-peptide linking' y ALANINE         ? 'C3 H7 N O2'     89.093  
ARG 'L-peptide linking' y ARGININE        ? 'C6 H15 N4 O2 1' 175.209 
ASN 'L-peptide linking' y ASPARAGINE      ? 'C4 H8 N2 O3'    132.118 
ASP 'L-peptide linking' y 'ASPARTIC ACID' ? 'C4 H7 N O4'     133.103 
CA  non-polymer         . 'CALCIUM ION'   ? 'Ca 2'           40.078  
GLU 'L-peptide linking' y 'GLUTAMIC ACID' ? 'C5 H9 N O4'     147.129 
GLY 'peptide linking'   y GLYCINE         ? 'C2 H5 N O2'     75.067  
HIS 'L-peptide linking' y HISTIDINE       ? 'C6 H10 N3 O2 1' 156.162 
HOH non-polymer         . WATER           ? 'H2 O'           18.015  
ILE 'L-peptide linking' y ISOLEUCINE      ? 'C6 H13 N O2'    131.173 
LEU 'L-peptide linking' y LEUCINE         ? 'C6 H13 N O2'    131.173 
LYS 'L-peptide linking' y LYSINE          ? 'C6 H15 N2 O2 1' 147.195 
MET 'L-peptide linking' y METHIONINE      ? 'C5 H11 N O2 S'  149.211 
PHE 'L-peptide linking' y PHENYLALANINE   ? 'C9 H11 N O2'    165.189 
PRO 'L-peptide linking' y PROLINE         ? 'C5 H9 N O2'     115.130 
SER 'L-peptide linking' y SERINE          ? 'C3 H7 N O3'     105.093 
THR 'L-peptide linking' y THREONINE       ? 'C4 H9 N O3'     119.119 
TRP 'L-peptide linking' y TRYPTOPHAN      ? 'C11 H12 N2 O2'  204.225 
TYR 'L-peptide linking' y TYROSINE        ? 'C9 H11 N O3'    181.189 
VAL 'L-peptide linking' y VALINE          ? 'C5 H11 N O2'    117.146 
# 
loop_
_pdbx_poly_seq_scheme.asym_id 
_pdbx_poly_seq_scheme.entity_id 
_pdbx_poly_seq_scheme.seq_id 
_pdbx_poly_seq_scheme.mon_id 
_pdbx_poly_seq_scheme.ndb_seq_num 
_pdbx_poly_seq_scheme.pdb_seq_num 
_pdbx_poly_seq_scheme.auth_seq_num 
_pdbx_poly_seq_scheme.pdb_mon_id 
_pdbx_poly_seq_scheme.auth_mon_id 
_pdbx_poly_seq_scheme.pdb_strand_id 
_pdbx_poly_seq_scheme.pdb_ins_code 
_pdbx_poly_seq_scheme.hetero 
A 1 1  LEU 1  436 ?   ?   ?   A . n 
A 1 2  SER 2  437 ?   ?   ?   A . n 
A 1 3  SER 3  438 ?   ?   ?   A . n 
A 1 4  ASN 4  439 ?   ?   ?   A . n 
A 1 5  SER 5  440 ?   ?   ?   A . n 
A 1 6  SER 6  441 441 SER ALA A . n 
A 1 7  MET 7  442 442 MET MET A . n 
A 1 8  ASN 8  443 443 ASN ASN A . n 
A 1 9  PRO 9  444 444 PRO PRO A . n 
A 1 10 LYS 10 445 445 LYS LYS A . n 
A 1 11 SER 11 446 446 SER SER A . n 
A 1 12 LEU 12 447 447 LEU LEU A . n 
A 1 13 THR 13 448 448 THR THR A . n 
A 1 14 ASP 14 449 449 ASP ASP A . n 
A 1 15 PRO 15 450 450 PRO PRO A . n 
A 1 16 LYS 16 451 451 LYS LYS A . n 
A 1 17 LEU 17 452 452 LEU LEU A . n 
A 1 18 LEU 18 453 453 LEU LEU A . n 
A 1 19 LYS 19 454 454 LYS LYS A . n 
A 1 20 ASN 20 455 455 ASN ASN A . n 
A 1 21 ILE 21 456 456 ILE ILE A . n 
A 1 22 PRO 22 457 457 PRO PRO A . n 
A 1 23 MET 23 458 458 MET MET A . n 
A 1 24 TRP 24 459 459 TRP TRP A . n 
A 1 25 LEU 25 460 460 LEU LEU A . n 
A 1 26 LYS 26 461 461 LYS LYS A . n 
A 1 27 SER 27 462 462 SER SER A . n 
A 1 28 LEU 28 463 463 LEU LEU A . n 
A 1 29 ARG 29 464 464 ARG ARG A . n 
A 1 30 LEU 30 465 465 LEU LEU A . n 
A 1 31 HIS 31 466 466 HIS HIS A . n 
A 1 32 LYS 32 467 467 LYS LYS A . n 
A 1 33 TYR 33 468 468 TYR TYR A . n 
A 1 34 SER 34 469 469 SER SER A . n 
A 1 35 ASP 35 470 470 ASP ASP A . n 
A 1 36 ALA 36 471 471 ALA ALA A . n 
A 1 37 LEU 37 472 472 LEU LEU A . n 
A 1 38 SER 38 473 473 SER SER A . n 
A 1 39 GLY 39 474 474 GLY GLY A . n 
A 1 40 THR 40 475 475 THR THR A . n 
A 1 41 PRO 41 476 476 PRO PRO A . n 
A 1 42 TRP 42 477 477 TRP TRP A . n 
A 1 43 ILE 43 478 478 ILE ILE A . n 
A 1 44 GLU 44 479 479 GLU GLU A . n 
A 1 45 LEU 45 480 480 LEU LEU A . n 
A 1 46 ILE 46 481 481 ILE ILE A . n 
A 1 47 TYR 47 482 482 TYR TYR A . n 
A 1 48 LEU 48 483 483 LEU LEU A . n 
A 1 49 ASP 49 484 484 ASP ASP A . n 
A 1 50 ASP 50 485 485 ASP ASP A . n 
A 1 51 GLU 51 486 486 GLU GLU A . n 
A 1 52 THR 52 487 487 THR THR A . n 
A 1 53 LEU 53 488 488 LEU LEU A . n 
A 1 54 GLU 54 489 489 GLU GLU A . n 
A 1 55 LYS 55 490 490 LYS LYS A . n 
A 1 56 LYS 56 491 491 LYS LYS A . n 
A 1 57 GLY 57 492 492 GLY GLY A . n 
A 1 58 VAL 58 493 493 VAL VAL A . n 
A 1 59 LEU 59 494 494 LEU LEU A . n 
A 1 60 ALA 60 495 495 ALA ALA A . n 
A 1 61 LEU 61 496 496 LEU LEU A . n 
A 1 62 GLY 62 497 497 GLY GLY A . n 
A 1 63 ALA 63 498 498 ALA ALA A . n 
A 1 64 ARG 64 499 499 ARG ARG A . n 
A 1 65 ARG 65 500 500 ARG ARG A . n 
A 1 66 LYS 66 501 501 LYS LYS A . n 
A 1 67 LEU 67 502 502 LEU LEU A . n 
A 1 68 LEU 68 503 503 LEU LEU A . n 
A 1 69 LYS 69 504 504 LYS LYS A . n 
A 1 70 ALA 70 505 505 ALA ALA A . n 
A 1 71 PHE 71 506 506 PHE PHE A . n 
A 1 72 GLY 72 507 507 GLY GLY A . n 
A 1 73 ILE 73 508 508 ILE ILE A . n 
A 1 74 VAL 74 509 509 VAL VAL A . n 
A 1 75 ILE 75 510 510 ILE ILE A . n 
A 1 76 ASP 76 511 511 ASP ASP A . n 
A 1 77 TYR 77 512 512 TYR TYR A . n 
A 1 78 LYS 78 513 513 LYS LYS A . n 
A 1 79 GLU 79 514 514 GLU GLU A . n 
A 1 80 ARG 80 515 515 ARG ARG A . n 
A 1 81 ASP 81 516 516 ASP ASP A . n 
A 1 82 LEU 82 517 517 LEU LEU A . n 
A 1 83 ILE 83 518 518 ILE ILE A . n 
A 1 84 ASP 84 519 519 ASP ASP A . n 
A 1 85 ARG 85 520 520 ARG ARG A . n 
A 1 86 SER 86 521 521 SER SER A . n 
A 1 87 ALA 87 522 522 ALA ALA A . n 
A 1 88 TYR 88 523 523 TYR TYR A . n 
# 
loop_
_pdbx_nonpoly_scheme.asym_id 
_pdbx_nonpoly_scheme.entity_id 
_pdbx_nonpoly_scheme.mon_id 
_pdbx_nonpoly_scheme.ndb_seq_num 
_pdbx_nonpoly_scheme.pdb_seq_num 
_pdbx_nonpoly_scheme.auth_seq_num 
_pdbx_nonpoly_scheme.pdb_mon_id 
_pdbx_nonpoly_scheme.auth_mon_id 
_pdbx_nonpoly_scheme.pdb_strand_id 
_pdbx_nonpoly_scheme.pdb_ins_code 
B 2 CA  1  101 1  CA  CA  A . 
C 3 HOH 1  1   1  HOH HOH A . 
C 3 HOH 2  2   2  HOH HOH A . 
C 3 HOH 3  3   3  HOH HOH A . 
C 3 HOH 4  4   4  HOH HOH A . 
C 3 HOH 5  5   5  HOH HOH A . 
C 3 HOH 6  6   6  HOH HOH A . 
C 3 HOH 7  7   7  HOH HOH A . 
C 3 HOH 8  8   8  HOH HOH A . 
C 3 HOH 9  9   9  HOH HOH A . 
C 3 HOH 10 10  10 HOH HOH A . 
C 3 HOH 11 11  11 HOH HOH A . 
C 3 HOH 12 12  12 HOH HOH A . 
C 3 HOH 13 13  13 HOH HOH A . 
C 3 HOH 14 14  14 HOH HOH A . 
C 3 HOH 15 15  15 HOH HOH A . 
C 3 HOH 16 16  16 HOH HOH A . 
C 3 HOH 17 18  18 HOH HOH A . 
C 3 HOH 18 19  19 HOH HOH A . 
C 3 HOH 19 20  20 HOH HOH A . 
C 3 HOH 20 21  21 HOH HOH A . 
C 3 HOH 21 22  22 HOH HOH A . 
C 3 HOH 22 23  23 HOH HOH A . 
C 3 HOH 23 24  24 HOH HOH A . 
C 3 HOH 24 25  25 HOH HOH A . 
C 3 HOH 25 26  26 HOH HOH A . 
C 3 HOH 26 27  27 HOH HOH A . 
C 3 HOH 27 28  28 HOH HOH A . 
C 3 HOH 28 29  29 HOH HOH A . 
C 3 HOH 29 30  30 HOH HOH A . 
C 3 HOH 30 31  31 HOH HOH A . 
C 3 HOH 31 32  32 HOH HOH A . 
C 3 HOH 32 33  33 HOH HOH A . 
C 3 HOH 33 34  34 HOH HOH A . 
C 3 HOH 34 35  35 HOH HOH A . 
C 3 HOH 35 36  36 HOH HOH A . 
C 3 HOH 36 37  37 HOH HOH A . 
C 3 HOH 37 38  38 HOH HOH A . 
C 3 HOH 38 39  39 HOH HOH A . 
C 3 HOH 39 40  40 HOH HOH A . 
C 3 HOH 40 41  41 HOH HOH A . 
C 3 HOH 41 42  42 HOH HOH A . 
C 3 HOH 42 43  43 HOH HOH A . 
C 3 HOH 43 44  44 HOH HOH A . 
C 3 HOH 44 45  45 HOH HOH A . 
C 3 HOH 45 46  46 HOH HOH A . 
C 3 HOH 46 47  47 HOH HOH A . 
C 3 HOH 47 48  48 HOH HOH A . 
C 3 HOH 48 49  49 HOH HOH A . 
C 3 HOH 49 50  50 HOH HOH A . 
C 3 HOH 50 51  51 HOH HOH A . 
C 3 HOH 51 53  53 HOH HOH A . 
C 3 HOH 52 54  54 HOH HOH A . 
C 3 HOH 53 55  55 HOH HOH A . 
C 3 HOH 54 56  56 HOH HOH A . 
C 3 HOH 55 57  57 HOH HOH A . 
C 3 HOH 56 58  58 HOH HOH A . 
C 3 HOH 57 59  59 HOH HOH A . 
C 3 HOH 58 60  60 HOH HOH A . 
C 3 HOH 59 61  61 HOH HOH A . 
C 3 HOH 60 62  62 HOH HOH A . 
C 3 HOH 61 63  63 HOH HOH A . 
C 3 HOH 62 64  64 HOH HOH A . 
C 3 HOH 63 65  65 HOH HOH A . 
C 3 HOH 64 66  66 HOH HOH A . 
C 3 HOH 65 67  67 HOH HOH A . 
C 3 HOH 66 68  68 HOH HOH A . 
C 3 HOH 67 69  69 HOH HOH A . 
C 3 HOH 68 70  70 HOH HOH A . 
C 3 HOH 69 71  71 HOH HOH A . 
C 3 HOH 70 72  72 HOH HOH A . 
C 3 HOH 71 73  73 HOH HOH A . 
C 3 HOH 72 74  74 HOH HOH A . 
C 3 HOH 73 75  75 HOH HOH A . 
# 
_pdbx_unobs_or_zero_occ_atoms.id               1 
_pdbx_unobs_or_zero_occ_atoms.PDB_model_num    1 
_pdbx_unobs_or_zero_occ_atoms.polymer_flag     Y 
_pdbx_unobs_or_zero_occ_atoms.occupancy_flag   1 
_pdbx_unobs_or_zero_occ_atoms.auth_asym_id     A 
_pdbx_unobs_or_zero_occ_atoms.auth_comp_id     SER 
_pdbx_unobs_or_zero_occ_atoms.auth_seq_id      441 
_pdbx_unobs_or_zero_occ_atoms.PDB_ins_code     ? 
_pdbx_unobs_or_zero_occ_atoms.auth_atom_id     OG 
_pdbx_unobs_or_zero_occ_atoms.label_alt_id     ? 
_pdbx_unobs_or_zero_occ_atoms.label_asym_id    A 
_pdbx_unobs_or_zero_occ_atoms.label_comp_id    SER 
_pdbx_unobs_or_zero_occ_atoms.label_seq_id     6 
_pdbx_unobs_or_zero_occ_atoms.label_atom_id    OG 
# 
loop_
_software.name 
_software.classification 
_software.version 
_software.citation_id 
_software.pdbx_ordinal 
REFMAC       refinement       5.2.0005       ? 1 
CrystalClear 'data reduction' '(MSC/RIGAKU)' ? 2 
CrystalClear 'data scaling'   '(MSC/RIGAKU)' ? 3 
SHARP        phasing          .              ? 4 
# 
_cell.entry_id           2D3D 
_cell.length_a           27.38 
_cell.length_b           27.89 
_cell.length_c           99.91 
_cell.angle_alpha        90.00 
_cell.angle_beta         90.00 
_cell.angle_gamma        90.00 
_cell.Z_PDB              4 
_cell.pdbx_unique_axis   ? 
_cell.length_a_esd       ? 
_cell.length_b_esd       ? 
_cell.length_c_esd       ? 
_cell.angle_alpha_esd    ? 
_cell.angle_beta_esd     ? 
_cell.angle_gamma_esd    ? 
# 
_symmetry.entry_id                         2D3D 
_symmetry.space_group_name_H-M             'P 21 21 21' 
_symmetry.pdbx_full_space_group_name_H-M   ? 
_symmetry.cell_setting                     ? 
_symmetry.Int_Tables_number                19 
_symmetry.space_group_name_Hall            ? 
# 
_exptl.entry_id          2D3D 
_exptl.method            'X-RAY DIFFRACTION' 
_exptl.crystals_number   1 
# 
_exptl_crystal.id                    1 
_exptl_crystal.density_meas          ? 
_exptl_crystal.density_Matthews      1.9 
_exptl_crystal.density_percent_sol   38.12 
_exptl_crystal.description           ? 
_exptl_crystal.F_000                 ? 
_exptl_crystal.preparation           ? 
# 
_exptl_crystal_grow.crystal_id      1 
_exptl_crystal_grow.method          'VAPOR DIFFUSION, HANGING DROP' 
_exptl_crystal_grow.temp            293 
_exptl_crystal_grow.temp_details    ? 
_exptl_crystal_grow.pH              8.5 
_exptl_crystal_grow.pdbx_details    
'PEG 4000, ammonium chloride, calcium chloride, pH 8.5, VAPOR DIFFUSION, HANGING DROP, temperature 293K' 
_exptl_crystal_grow.pdbx_pH_range   . 
# 
_diffrn.id                     1 
_diffrn.ambient_temp           93 
_diffrn.ambient_temp_details   ? 
_diffrn.crystal_id             1 
# 
_diffrn_detector.diffrn_id              1 
_diffrn_detector.detector               'IMAGE PLATE' 
_diffrn_detector.type                   'RIGAKU RAXIS IV' 
_diffrn_detector.pdbx_collection_date   2004-07-20 
_diffrn_detector.details                ? 
# 
_diffrn_radiation.diffrn_id                        1 
_diffrn_radiation.wavelength_id                    1 
_diffrn_radiation.pdbx_monochromatic_or_laue_m_l   M 
_diffrn_radiation.monochromator                    ? 
_diffrn_radiation.pdbx_diffrn_protocol             'SINGLE WAVELENGTH' 
_diffrn_radiation.pdbx_scattering_type             x-ray 
# 
_diffrn_radiation_wavelength.id           1 
_diffrn_radiation_wavelength.wavelength   1.54 
_diffrn_radiation_wavelength.wt           1.0 
# 
_diffrn_source.diffrn_id                   1 
_diffrn_source.source                      'ROTATING ANODE' 
_diffrn_source.type                        'RIGAKU MICROMAX-002' 
_diffrn_source.pdbx_synchrotron_site       ? 
_diffrn_source.pdbx_synchrotron_beamline   ? 
_diffrn_source.pdbx_wavelength             ? 
_diffrn_source.pdbx_wavelength_list        1.54 
# 
_reflns.entry_id                     2D3D 
_reflns.observed_criterion_sigma_F   3 
_reflns.observed_criterion_sigma_I   ? 
_reflns.d_resolution_high            1.6 
_reflns.d_resolution_low             26.6 
_reflns.number_all                   10544 
_reflns.number_obs                   9742 
_reflns.percent_possible_obs         92.4 
_reflns.pdbx_Rmerge_I_obs            ? 
_reflns.pdbx_Rsym_value              0.038 
_reflns.pdbx_netI_over_sigmaI        26.7 
_reflns.B_iso_Wilson_estimate        ? 
_reflns.pdbx_redundancy              5.1 
_reflns.R_free_details               ? 
_reflns.limit_h_max                  ? 
_reflns.limit_h_min                  ? 
_reflns.limit_k_max                  ? 
_reflns.limit_k_min                  ? 
_reflns.limit_l_max                  ? 
_reflns.limit_l_min                  ? 
_reflns.observed_criterion_F_max     ? 
_reflns.observed_criterion_F_min     ? 
_reflns.pdbx_chi_squared             ? 
_reflns.pdbx_scaling_rejects         ? 
_reflns.pdbx_diffrn_id               1 
_reflns.pdbx_ordinal                 1 
# 
_reflns_shell.d_res_high             1.6 
_reflns_shell.d_res_low              1.66 
_reflns_shell.percent_possible_all   95.9 
_reflns_shell.Rmerge_I_obs           ? 
_reflns_shell.pdbx_Rsym_value        0.184 
_reflns_shell.meanI_over_sigI_obs    5.3 
_reflns_shell.pdbx_redundancy        4.0 
_reflns_shell.percent_possible_obs   ? 
_reflns_shell.number_unique_all      960 
_reflns_shell.number_measured_all    ? 
_reflns_shell.number_measured_obs    ? 
_reflns_shell.number_unique_obs      ? 
_reflns_shell.pdbx_chi_squared       ? 
_reflns_shell.pdbx_diffrn_id         ? 
_reflns_shell.pdbx_ordinal           1 
# 
_refine.entry_id                                 2D3D 
_refine.ls_number_reflns_obs                     9721 
_refine.ls_number_reflns_all                     13063 
_refine.pdbx_ls_sigma_I                          ? 
_refine.pdbx_ls_sigma_F                          3 
_refine.pdbx_data_cutoff_high_absF               ? 
_refine.pdbx_data_cutoff_low_absF                ? 
_refine.pdbx_data_cutoff_high_rms_absF           ? 
_refine.ls_d_res_low                             26.6 
_refine.ls_d_res_high                            1.60 
_refine.ls_percent_reflns_obs                    92.35 
_refine.ls_R_factor_obs                          0.20811 
_refine.ls_R_factor_all                          0.20811 
_refine.ls_R_factor_R_work                       0.20575 
_refine.ls_R_factor_R_free                       0.25571 
_refine.ls_R_factor_R_free_error                 ? 
_refine.ls_R_factor_R_free_error_details         ? 
_refine.ls_percent_reflns_R_free                 4.8 
_refine.ls_number_reflns_R_free                  471 
_refine.ls_number_parameters                     ? 
_refine.ls_number_restraints                     ? 
_refine.occupancy_min                            ? 
_refine.occupancy_max                            ? 
_refine.correlation_coeff_Fo_to_Fc               0.950 
_refine.correlation_coeff_Fo_to_Fc_free          0.920 
_refine.B_iso_mean                               14.955 
_refine.aniso_B[1][1]                            -0.20 
_refine.aniso_B[2][2]                            -0.20 
_refine.aniso_B[3][3]                            0.40 
_refine.aniso_B[1][2]                            0.00 
_refine.aniso_B[1][3]                            0.00 
_refine.aniso_B[2][3]                            0.00 
_refine.solvent_model_details                    MASK 
_refine.solvent_model_param_ksol                 ? 
_refine.solvent_model_param_bsol                 ? 
_refine.pdbx_solvent_vdw_probe_radii             1.20 
_refine.pdbx_solvent_ion_probe_radii             0.80 
_refine.pdbx_solvent_shrinkage_radii             0.80 
_refine.pdbx_ls_cross_valid_method               THROUGHOUT 
_refine.details                                  ? 
_refine.pdbx_starting_model                      ? 
_refine.pdbx_method_to_determine_struct          SIRAS 
_refine.pdbx_isotropic_thermal_model             ? 
_refine.pdbx_stereochemistry_target_values       'MAXIMUM LIKELIHOOD' 
_refine.pdbx_stereochem_target_val_spec_case     ? 
_refine.pdbx_R_Free_selection_details            RANDOM 
_refine.pdbx_overall_ESU_R                       0.191 
_refine.pdbx_overall_ESU_R_Free                  0.122 
_refine.overall_SU_ML                            0.070 
_refine.overall_SU_B                             4.351 
_refine.ls_redundancy_reflns_obs                 ? 
_refine.B_iso_min                                ? 
_refine.B_iso_max                                ? 
_refine.overall_SU_R_Cruickshank_DPI             ? 
_refine.overall_SU_R_free                        ? 
_refine.ls_wR_factor_R_free                      ? 
_refine.ls_wR_factor_R_work                      ? 
_refine.overall_FOM_free_R_set                   ? 
_refine.overall_FOM_work_R_set                   ? 
_refine.pdbx_refine_id                           'X-RAY DIFFRACTION' 
_refine.pdbx_diffrn_id                           1 
_refine.pdbx_TLS_residual_ADP_flag               ? 
_refine.pdbx_overall_phase_error                 ? 
_refine.pdbx_overall_SU_R_free_Cruickshank_DPI   ? 
_refine.pdbx_overall_SU_R_Blow_DPI               ? 
_refine.pdbx_overall_SU_R_free_Blow_DPI          ? 
# 
_refine_hist.pdbx_refine_id                   'X-RAY DIFFRACTION' 
_refine_hist.cycle_id                         LAST 
_refine_hist.pdbx_number_atoms_protein        681 
_refine_hist.pdbx_number_atoms_nucleic_acid   0 
_refine_hist.pdbx_number_atoms_ligand         1 
_refine_hist.number_atoms_solvent             73 
_refine_hist.number_atoms_total               755 
_refine_hist.d_res_high                       1.60 
_refine_hist.d_res_low                        26.6 
# 
loop_
_refine_ls_restr.type 
_refine_ls_restr.dev_ideal 
_refine_ls_restr.dev_ideal_target 
_refine_ls_restr.weight 
_refine_ls_restr.number 
_refine_ls_restr.pdbx_refine_id 
_refine_ls_restr.pdbx_restraint_function 
r_bond_refined_d         0.012  0.022  ? 696 'X-RAY DIFFRACTION' ? 
r_angle_refined_deg      1.334  2.010  ? 940 'X-RAY DIFFRACTION' ? 
r_dihedral_angle_1_deg   4.779  5.000  ? 84  'X-RAY DIFFRACTION' ? 
r_dihedral_angle_2_deg   30.668 22.963 ? 27  'X-RAY DIFFRACTION' ? 
r_dihedral_angle_3_deg   11.903 15.000 ? 139 'X-RAY DIFFRACTION' ? 
r_dihedral_angle_4_deg   10.440 15.000 ? 5   'X-RAY DIFFRACTION' ? 
r_chiral_restr           0.087  0.200  ? 106 'X-RAY DIFFRACTION' ? 
r_gen_planes_refined     0.005  0.020  ? 500 'X-RAY DIFFRACTION' ? 
r_nbd_refined            0.209  0.200  ? 319 'X-RAY DIFFRACTION' ? 
r_nbtor_refined          0.314  0.200  ? 472 'X-RAY DIFFRACTION' ? 
r_xyhbond_nbd_refined    0.112  0.200  ? 39  'X-RAY DIFFRACTION' ? 
r_symmetry_vdw_refined   0.133  0.200  ? 25  'X-RAY DIFFRACTION' ? 
r_symmetry_hbond_refined 0.154  0.200  ? 17  'X-RAY DIFFRACTION' ? 
r_mcbond_it              1.088  1.500  ? 426 'X-RAY DIFFRACTION' ? 
r_mcangle_it             1.582  2.000  ? 674 'X-RAY DIFFRACTION' ? 
r_scbond_it              3.555  3.000  ? 307 'X-RAY DIFFRACTION' ? 
r_scangle_it             3.739  4.500  ? 265 'X-RAY DIFFRACTION' ? 
r_rigid_bond_restr       3.269  3.000  ? 733 'X-RAY DIFFRACTION' ? 
r_sphericity_free        5.706  3.000  ? 74  'X-RAY DIFFRACTION' ? 
r_sphericity_bonded      4.587  3.000  ? 681 'X-RAY DIFFRACTION' ? 
# 
_refine_ls_shell.pdbx_total_number_of_bins_used   20 
_refine_ls_shell.d_res_high                       1.600 
_refine_ls_shell.d_res_low                        1.642 
_refine_ls_shell.number_reflns_R_work             668 
_refine_ls_shell.R_factor_R_work                  0.45 
_refine_ls_shell.percent_reflns_obs               95.91 
_refine_ls_shell.R_factor_R_free                  0.622 
_refine_ls_shell.R_factor_R_free_error            ? 
_refine_ls_shell.percent_reflns_R_free            ? 
_refine_ls_shell.number_reflns_R_free             35 
_refine_ls_shell.number_reflns_obs                ? 
_refine_ls_shell.redundancy_reflns_obs            ? 
_refine_ls_shell.number_reflns_all                ? 
_refine_ls_shell.R_factor_all                     ? 
_refine_ls_shell.pdbx_refine_id                   'X-RAY DIFFRACTION' 
# 
_struct.entry_id                  2D3D 
_struct.title                     'crystal structure of the RNA binding SAM domain of saccharomyces cerevisiae Vts1' 
_struct.pdbx_model_details        ? 
_struct.pdbx_CASP_flag            ? 
_struct.pdbx_model_type_details   ? 
# 
_struct_keywords.entry_id        2D3D 
_struct_keywords.pdbx_keywords   'RNA BINDING PROTEIN' 
_struct_keywords.text            'RNA binding, SAM domain, SRE hairpin binding, RNA binding protein' 
# 
loop_
_struct_asym.id 
_struct_asym.pdbx_blank_PDB_chainid_flag 
_struct_asym.pdbx_modified 
_struct_asym.entity_id 
_struct_asym.details 
A N N 1 ? 
B N N 2 ? 
C N N 3 ? 
# 
_struct_ref.id                         1 
_struct_ref.db_name                    GB 
_struct_ref.db_code                    NP_015004 
_struct_ref.pdbx_db_accession          6324935 
_struct_ref.entity_id                  1 
_struct_ref.pdbx_seq_one_letter_code   
;LSSNSSMNPKSLTDPKLLKNIPMWLKSLRLHKYSDALSGTPWIELIYLDDETLEKKGVLALGARRKLLKAFGIVIDYKER
DLIDRSAY
;
_struct_ref.pdbx_align_begin           436 
_struct_ref.pdbx_db_isoform            ? 
# 
_struct_ref_seq.align_id                      1 
_struct_ref_seq.ref_id                        1 
_struct_ref_seq.pdbx_PDB_id_code              2D3D 
_struct_ref_seq.pdbx_strand_id                A 
_struct_ref_seq.seq_align_beg                 1 
_struct_ref_seq.pdbx_seq_align_beg_ins_code   ? 
_struct_ref_seq.seq_align_end                 88 
_struct_ref_seq.pdbx_seq_align_end_ins_code   ? 
_struct_ref_seq.pdbx_db_accession             6324935 
_struct_ref_seq.db_align_beg                  436 
_struct_ref_seq.pdbx_db_align_beg_ins_code    ? 
_struct_ref_seq.db_align_end                  523 
_struct_ref_seq.pdbx_db_align_end_ins_code    ? 
_struct_ref_seq.pdbx_auth_seq_align_beg       436 
_struct_ref_seq.pdbx_auth_seq_align_end       523 
# 
_pdbx_struct_assembly.id                   1 
_pdbx_struct_assembly.details              author_defined_assembly 
_pdbx_struct_assembly.method_details       ? 
_pdbx_struct_assembly.oligomeric_details   monomeric 
_pdbx_struct_assembly.oligomeric_count     1 
# 
_pdbx_struct_assembly_gen.assembly_id       1 
_pdbx_struct_assembly_gen.oper_expression   1 
_pdbx_struct_assembly_gen.asym_id_list      A,B,C 
# 
_pdbx_struct_oper_list.id                   1 
_pdbx_struct_oper_list.type                 'identity operation' 
_pdbx_struct_oper_list.name                 1_555 
_pdbx_struct_oper_list.symmetry_operation   x,y,z 
_pdbx_struct_oper_list.matrix[1][1]         1.0000000000 
_pdbx_struct_oper_list.matrix[1][2]         0.0000000000 
_pdbx_struct_oper_list.matrix[1][3]         0.0000000000 
_pdbx_struct_oper_list.vector[1]            0.0000000000 
_pdbx_struct_oper_list.matrix[2][1]         0.0000000000 
_pdbx_struct_oper_list.matrix[2][2]         1.0000000000 
_pdbx_struct_oper_list.matrix[2][3]         0.0000000000 
_pdbx_struct_oper_list.vector[2]            0.0000000000 
_pdbx_struct_oper_list.matrix[3][1]         0.0000000000 
_pdbx_struct_oper_list.matrix[3][2]         0.0000000000 
_pdbx_struct_oper_list.matrix[3][3]         1.0000000000 
_pdbx_struct_oper_list.vector[3]            0.0000000000 
# 
_struct_biol.id                    1 
_struct_biol.pdbx_parent_biol_id   ? 
_struct_biol.details               ? 
# 
loop_
_struct_conf.conf_type_id 
_struct_conf.id 
_struct_conf.pdbx_PDB_helix_id 
_struct_conf.beg_label_comp_id 
_struct_conf.beg_label_asym_id 
_struct_conf.beg_label_seq_id 
_struct_conf.pdbx_beg_PDB_ins_code 
_struct_conf.end_label_comp_id 
_struct_conf.end_label_asym_id 
_struct_conf.end_label_seq_id 
_struct_conf.pdbx_end_PDB_ins_code 
_struct_conf.beg_auth_comp_id 
_struct_conf.beg_auth_asym_id 
_struct_conf.beg_auth_seq_id 
_struct_conf.end_auth_comp_id 
_struct_conf.end_auth_asym_id 
_struct_conf.end_auth_seq_id 
_struct_conf.pdbx_PDB_helix_class 
_struct_conf.details 
_struct_conf.pdbx_PDB_helix_length 
HELX_P HELX_P1 1 ASN A 8  ? THR A 13 ? ASN A 443 THR A 448 1 ? 6  
HELX_P HELX_P2 2 ASP A 14 ? LYS A 19 ? ASP A 449 LYS A 454 1 ? 6  
HELX_P HELX_P3 3 ASN A 20 ? LEU A 28 ? ASN A 455 LEU A 463 1 ? 9  
HELX_P HELX_P4 4 ARG A 29 ? LYS A 32 ? ARG A 464 LYS A 467 5 ? 4  
HELX_P HELX_P5 5 TYR A 33 ? SER A 38 ? TYR A 468 SER A 473 1 ? 6  
HELX_P HELX_P6 6 PRO A 41 ? ILE A 46 ? PRO A 476 ILE A 481 1 ? 6  
HELX_P HELX_P7 7 ASP A 49 ? LYS A 56 ? ASP A 484 LYS A 491 1 ? 8  
HELX_P HELX_P8 8 ALA A 60 ? ARG A 80 ? ALA A 495 ARG A 515 1 ? 21 
HELX_P HELX_P9 9 ASP A 84 ? TYR A 88 ? ASP A 519 TYR A 523 5 ? 5  
# 
_struct_conf_type.id          HELX_P 
_struct_conf_type.criteria    ? 
_struct_conf_type.reference   ? 
# 
loop_
_struct_conn.id 
_struct_conn.conn_type_id 
_struct_conn.pdbx_leaving_atom_flag 
_struct_conn.pdbx_PDB_id 
_struct_conn.ptnr1_label_asym_id 
_struct_conn.ptnr1_label_comp_id 
_struct_conn.ptnr1_label_seq_id 
_struct_conn.ptnr1_label_atom_id 
_struct_conn.pdbx_ptnr1_label_alt_id 
_struct_conn.pdbx_ptnr1_PDB_ins_code 
_struct_conn.pdbx_ptnr1_standard_comp_id 
_struct_conn.ptnr1_symmetry 
_struct_conn.ptnr2_label_asym_id 
_struct_conn.ptnr2_label_comp_id 
_struct_conn.ptnr2_label_seq_id 
_struct_conn.ptnr2_label_atom_id 
_struct_conn.pdbx_ptnr2_label_alt_id 
_struct_conn.pdbx_ptnr2_PDB_ins_code 
_struct_conn.ptnr1_auth_asym_id 
_struct_conn.ptnr1_auth_comp_id 
_struct_conn.ptnr1_auth_seq_id 
_struct_conn.ptnr2_auth_asym_id 
_struct_conn.ptnr2_auth_comp_id 
_struct_conn.ptnr2_auth_seq_id 
_struct_conn.ptnr2_symmetry 
_struct_conn.pdbx_ptnr3_label_atom_id 
_struct_conn.pdbx_ptnr3_label_seq_id 
_struct_conn.pdbx_ptnr3_label_comp_id 
_struct_conn.pdbx_ptnr3_label_asym_id 
_struct_conn.pdbx_ptnr3_label_alt_id 
_struct_conn.pdbx_ptnr3_PDB_ins_code 
_struct_conn.details 
_struct_conn.pdbx_dist_value 
_struct_conn.pdbx_value_order 
_struct_conn.pdbx_role 
metalc1 metalc ? ? C HOH . O  ? ? ? 1_555 B CA  .  CA ? ? A HOH 37  A CA  101 1_555 ? ? ? ? ? ? ? 3.071 ? ? 
metalc2 metalc ? ? C HOH . O  ? ? ? 3_545 B CA  .  CA ? ? A HOH 70  A CA  101 1_555 ? ? ? ? ? ? ? 3.309 ? ? 
metalc3 metalc ? ? B CA  . CA ? ? ? 1_555 A TYR 33 OH ? ? A CA  101 A TYR 468 1_555 ? ? ? ? ? ? ? 2.871 ? ? 
metalc4 metalc ? ? B CA  . CA ? ? ? 1_555 A LEU 59 N  ? ? A CA  101 A LEU 494 1_555 ? ? ? ? ? ? ? 3.332 ? ? 
metalc5 metalc ? ? B CA  . CA ? ? ? 1_555 A ALA 60 N  ? ? A CA  101 A ALA 495 1_555 ? ? ? ? ? ? ? 3.191 ? ? 
# 
_struct_conn_type.id          metalc 
_struct_conn_type.criteria    ? 
_struct_conn_type.reference   ? 
# 
loop_
_pdbx_struct_conn_angle.id 
_pdbx_struct_conn_angle.ptnr1_label_atom_id 
_pdbx_struct_conn_angle.ptnr1_label_alt_id 
_pdbx_struct_conn_angle.ptnr1_label_asym_id 
_pdbx_struct_conn_angle.ptnr1_label_comp_id 
_pdbx_struct_conn_angle.ptnr1_label_seq_id 
_pdbx_struct_conn_angle.ptnr1_auth_atom_id 
_pdbx_struct_conn_angle.ptnr1_auth_asym_id 
_pdbx_struct_conn_angle.ptnr1_auth_comp_id 
_pdbx_struct_conn_angle.ptnr1_auth_seq_id 
_pdbx_struct_conn_angle.ptnr1_PDB_ins_code 
_pdbx_struct_conn_angle.ptnr1_symmetry 
_pdbx_struct_conn_angle.ptnr2_label_atom_id 
_pdbx_struct_conn_angle.ptnr2_label_alt_id 
_pdbx_struct_conn_angle.ptnr2_label_asym_id 
_pdbx_struct_conn_angle.ptnr2_label_comp_id 
_pdbx_struct_conn_angle.ptnr2_label_seq_id 
_pdbx_struct_conn_angle.ptnr2_auth_atom_id 
_pdbx_struct_conn_angle.ptnr2_auth_asym_id 
_pdbx_struct_conn_angle.ptnr2_auth_comp_id 
_pdbx_struct_conn_angle.ptnr2_auth_seq_id 
_pdbx_struct_conn_angle.ptnr2_PDB_ins_code 
_pdbx_struct_conn_angle.ptnr2_symmetry 
_pdbx_struct_conn_angle.ptnr3_label_atom_id 
_pdbx_struct_conn_angle.ptnr3_label_alt_id 
_pdbx_struct_conn_angle.ptnr3_label_asym_id 
_pdbx_struct_conn_angle.ptnr3_label_comp_id 
_pdbx_struct_conn_angle.ptnr3_label_seq_id 
_pdbx_struct_conn_angle.ptnr3_auth_atom_id 
_pdbx_struct_conn_angle.ptnr3_auth_asym_id 
_pdbx_struct_conn_angle.ptnr3_auth_comp_id 
_pdbx_struct_conn_angle.ptnr3_auth_seq_id 
_pdbx_struct_conn_angle.ptnr3_PDB_ins_code 
_pdbx_struct_conn_angle.ptnr3_symmetry 
_pdbx_struct_conn_angle.value 
_pdbx_struct_conn_angle.value_esd 
1  O  ? C HOH .  ? A HOH 37  ? 1_555 CA ? B CA . ? A CA 101 ? 1_555 O  ? C HOH .  ? A HOH 70  ? 3_545 56.5  ? 
2  O  ? C HOH .  ? A HOH 37  ? 1_555 CA ? B CA . ? A CA 101 ? 1_555 OH ? A TYR 33 ? A TYR 468 ? 1_555 89.7  ? 
3  O  ? C HOH .  ? A HOH 70  ? 3_545 CA ? B CA . ? A CA 101 ? 1_555 OH ? A TYR 33 ? A TYR 468 ? 1_555 133.6 ? 
4  O  ? C HOH .  ? A HOH 37  ? 1_555 CA ? B CA . ? A CA 101 ? 1_555 N  ? A LEU 59 ? A LEU 494 ? 1_555 151.6 ? 
5  O  ? C HOH .  ? A HOH 70  ? 3_545 CA ? B CA . ? A CA 101 ? 1_555 N  ? A LEU 59 ? A LEU 494 ? 1_555 96.8  ? 
6  OH ? A TYR 33 ? A TYR 468 ? 1_555 CA ? B CA . ? A CA 101 ? 1_555 N  ? A LEU 59 ? A LEU 494 ? 1_555 105.5 ? 
7  O  ? C HOH .  ? A HOH 37  ? 1_555 CA ? B CA . ? A CA 101 ? 1_555 N  ? A ALA 60 ? A ALA 495 ? 1_555 103.9 ? 
8  O  ? C HOH .  ? A HOH 70  ? 3_545 CA ? B CA . ? A CA 101 ? 1_555 N  ? A ALA 60 ? A ALA 495 ? 1_555 64.8  ? 
9  OH ? A TYR 33 ? A TYR 468 ? 1_555 CA ? B CA . ? A CA 101 ? 1_555 N  ? A ALA 60 ? A ALA 495 ? 1_555 99.5  ? 
10 N  ? A LEU 59 ? A LEU 494 ? 1_555 CA ? B CA . ? A CA 101 ? 1_555 N  ? A ALA 60 ? A ALA 495 ? 1_555 50.7  ? 
# 
_struct_site.id                   AC1 
_struct_site.pdbx_evidence_code   Software 
_struct_site.pdbx_auth_asym_id    A 
_struct_site.pdbx_auth_comp_id    CA 
_struct_site.pdbx_auth_seq_id     101 
_struct_site.pdbx_auth_ins_code   ? 
_struct_site.pdbx_num_residues    5 
_struct_site.details              'BINDING SITE FOR RESIDUE CA A 101' 
# 
loop_
_struct_site_gen.id 
_struct_site_gen.site_id 
_struct_site_gen.pdbx_num_res 
_struct_site_gen.label_comp_id 
_struct_site_gen.label_asym_id 
_struct_site_gen.label_seq_id 
_struct_site_gen.pdbx_auth_ins_code 
_struct_site_gen.auth_comp_id 
_struct_site_gen.auth_asym_id 
_struct_site_gen.auth_seq_id 
_struct_site_gen.label_atom_id 
_struct_site_gen.label_alt_id 
_struct_site_gen.symmetry 
_struct_site_gen.details 
1 AC1 5 HOH C .  ? HOH A 37  . ? 1_555 ? 
2 AC1 5 TYR A 33 ? TYR A 468 . ? 1_555 ? 
3 AC1 5 LYS A 55 ? LYS A 490 . ? 3_545 ? 
4 AC1 5 LEU A 59 ? LEU A 494 . ? 1_555 ? 
5 AC1 5 ALA A 60 ? ALA A 495 . ? 1_555 ? 
# 
_pdbx_validate_torsion.id              1 
_pdbx_validate_torsion.PDB_model_num   1 
_pdbx_validate_torsion.auth_comp_id    MET 
_pdbx_validate_torsion.auth_asym_id    A 
_pdbx_validate_torsion.auth_seq_id     442 
_pdbx_validate_torsion.PDB_ins_code    ? 
_pdbx_validate_torsion.label_alt_id    ? 
_pdbx_validate_torsion.phi             -90.37 
_pdbx_validate_torsion.psi             48.80 
# 
loop_
_pdbx_unobs_or_zero_occ_residues.id 
_pdbx_unobs_or_zero_occ_residues.PDB_model_num 
_pdbx_unobs_or_zero_occ_residues.polymer_flag 
_pdbx_unobs_or_zero_occ_residues.occupancy_flag 
_pdbx_unobs_or_zero_occ_residues.auth_asym_id 
_pdbx_unobs_or_zero_occ_residues.auth_comp_id 
_pdbx_unobs_or_zero_occ_residues.auth_seq_id 
_pdbx_unobs_or_zero_occ_residues.PDB_ins_code 
_pdbx_unobs_or_zero_occ_residues.label_asym_id 
_pdbx_unobs_or_zero_occ_residues.label_comp_id 
_pdbx_unobs_or_zero_occ_residues.label_seq_id 
1 1 Y 1 A LEU 436 ? A LEU 1 
2 1 Y 1 A SER 437 ? A SER 2 
3 1 Y 1 A SER 438 ? A SER 3 
4 1 Y 1 A ASN 439 ? A ASN 4 
5 1 Y 1 A SER 440 ? A SER 5 
# 
loop_
_chem_comp_atom.comp_id 
_chem_comp_atom.atom_id 
_chem_comp_atom.type_symbol 
_chem_comp_atom.pdbx_aromatic_flag 
_chem_comp_atom.pdbx_stereo_config 
_chem_comp_atom.pdbx_ordinal 
ALA N    N  N N 1   
ALA CA   C  N S 2   
ALA C    C  N N 3   
ALA O    O  N N 4   
ALA CB   C  N N 5   
ALA OXT  O  N N 6   
ALA H    H  N N 7   
ALA H2   H  N N 8   
ALA HA   H  N N 9   
ALA HB1  H  N N 10  
ALA HB2  H  N N 11  
ALA HB3  H  N N 12  
ALA HXT  H  N N 13  
ARG N    N  N N 14  
ARG CA   C  N S 15  
ARG C    C  N N 16  
ARG O    O  N N 17  
ARG CB   C  N N 18  
ARG CG   C  N N 19  
ARG CD   C  N N 20  
ARG NE   N  N N 21  
ARG CZ   C  N N 22  
ARG NH1  N  N N 23  
ARG NH2  N  N N 24  
ARG OXT  O  N N 25  
ARG H    H  N N 26  
ARG H2   H  N N 27  
ARG HA   H  N N 28  
ARG HB2  H  N N 29  
ARG HB3  H  N N 30  
ARG HG2  H  N N 31  
ARG HG3  H  N N 32  
ARG HD2  H  N N 33  
ARG HD3  H  N N 34  
ARG HE   H  N N 35  
ARG HH11 H  N N 36  
ARG HH12 H  N N 37  
ARG HH21 H  N N 38  
ARG HH22 H  N N 39  
ARG HXT  H  N N 40  
ASN N    N  N N 41  
ASN CA   C  N S 42  
ASN C    C  N N 43  
ASN O    O  N N 44  
ASN CB   C  N N 45  
ASN CG   C  N N 46  
ASN OD1  O  N N 47  
ASN ND2  N  N N 48  
ASN OXT  O  N N 49  
ASN H    H  N N 50  
ASN H2   H  N N 51  
ASN HA   H  N N 52  
ASN HB2  H  N N 53  
ASN HB3  H  N N 54  
ASN HD21 H  N N 55  
ASN HD22 H  N N 56  
ASN HXT  H  N N 57  
ASP N    N  N N 58  
ASP CA   C  N S 59  
ASP C    C  N N 60  
ASP O    O  N N 61  
ASP CB   C  N N 62  
ASP CG   C  N N 63  
ASP OD1  O  N N 64  
ASP OD2  O  N N 65  
ASP OXT  O  N N 66  
ASP H    H  N N 67  
ASP H2   H  N N 68  
ASP HA   H  N N 69  
ASP HB2  H  N N 70  
ASP HB3  H  N N 71  
ASP HD2  H  N N 72  
ASP HXT  H  N N 73  
CA  CA   CA N N 74  
GLU N    N  N N 75  
GLU CA   C  N S 76  
GLU C    C  N N 77  
GLU O    O  N N 78  
GLU CB   C  N N 79  
GLU CG   C  N N 80  
GLU CD   C  N N 81  
GLU OE1  O  N N 82  
GLU OE2  O  N N 83  
GLU OXT  O  N N 84  
GLU H    H  N N 85  
GLU H2   H  N N 86  
GLU HA   H  N N 87  
GLU HB2  H  N N 88  
GLU HB3  H  N N 89  
GLU HG2  H  N N 90  
GLU HG3  H  N N 91  
GLU HE2  H  N N 92  
GLU HXT  H  N N 93  
GLY N    N  N N 94  
GLY CA   C  N N 95  
GLY C    C  N N 96  
GLY O    O  N N 97  
GLY OXT  O  N N 98  
GLY H    H  N N 99  
GLY H2   H  N N 100 
GLY HA2  H  N N 101 
GLY HA3  H  N N 102 
GLY HXT  H  N N 103 
HIS N    N  N N 104 
HIS CA   C  N S 105 
HIS C    C  N N 106 
HIS O    O  N N 107 
HIS CB   C  N N 108 
HIS CG   C  Y N 109 
HIS ND1  N  Y N 110 
HIS CD2  C  Y N 111 
HIS CE1  C  Y N 112 
HIS NE2  N  Y N 113 
HIS OXT  O  N N 114 
HIS H    H  N N 115 
HIS H2   H  N N 116 
HIS HA   H  N N 117 
HIS HB2  H  N N 118 
HIS HB3  H  N N 119 
HIS HD1  H  N N 120 
HIS HD2  H  N N 121 
HIS HE1  H  N N 122 
HIS HE2  H  N N 123 
HIS HXT  H  N N 124 
HOH O    O  N N 125 
HOH H1   H  N N 126 
HOH H2   H  N N 127 
ILE N    N  N N 128 
ILE CA   C  N S 129 
ILE C    C  N N 130 
ILE O    O  N N 131 
ILE CB   C  N S 132 
ILE CG1  C  N N 133 
ILE CG2  C  N N 134 
ILE CD1  C  N N 135 
ILE OXT  O  N N 136 
ILE H    H  N N 137 
ILE H2   H  N N 138 
ILE HA   H  N N 139 
ILE HB   H  N N 140 
ILE HG12 H  N N 141 
ILE HG13 H  N N 142 
ILE HG21 H  N N 143 
ILE HG22 H  N N 144 
ILE HG23 H  N N 145 
ILE HD11 H  N N 146 
ILE HD12 H  N N 147 
ILE HD13 H  N N 148 
ILE HXT  H  N N 149 
LEU N    N  N N 150 
LEU CA   C  N S 151 
LEU C    C  N N 152 
LEU O    O  N N 153 
LEU CB   C  N N 154 
LEU CG   C  N N 155 
LEU CD1  C  N N 156 
LEU CD2  C  N N 157 
LEU OXT  O  N N 158 
LEU H    H  N N 159 
LEU H2   H  N N 160 
LEU HA   H  N N 161 
LEU HB2  H  N N 162 
LEU HB3  H  N N 163 
LEU HG   H  N N 164 
LEU HD11 H  N N 165 
LEU HD12 H  N N 166 
LEU HD13 H  N N 167 
LEU HD21 H  N N 168 
LEU HD22 H  N N 169 
LEU HD23 H  N N 170 
LEU HXT  H  N N 171 
LYS N    N  N N 172 
LYS CA   C  N S 173 
LYS C    C  N N 174 
LYS O    O  N N 175 
LYS CB   C  N N 176 
LYS CG   C  N N 177 
LYS CD   C  N N 178 
LYS CE   C  N N 179 
LYS NZ   N  N N 180 
LYS OXT  O  N N 181 
LYS H    H  N N 182 
LYS H2   H  N N 183 
LYS HA   H  N N 184 
LYS HB2  H  N N 185 
LYS HB3  H  N N 186 
LYS HG2  H  N N 187 
LYS HG3  H  N N 188 
LYS HD2  H  N N 189 
LYS HD3  H  N N 190 
LYS HE2  H  N N 191 
LYS HE3  H  N N 192 
LYS HZ1  H  N N 193 
LYS HZ2  H  N N 194 
LYS HZ3  H  N N 195 
LYS HXT  H  N N 196 
MET N    N  N N 197 
MET CA   C  N S 198 
MET C    C  N N 199 
MET O    O  N N 200 
MET CB   C  N N 201 
MET CG   C  N N 202 
MET SD   S  N N 203 
MET CE   C  N N 204 
MET OXT  O  N N 205 
MET H    H  N N 206 
MET H2   H  N N 207 
MET HA   H  N N 208 
MET HB2  H  N N 209 
MET HB3  H  N N 210 
MET HG2  H  N N 211 
MET HG3  H  N N 212 
MET HE1  H  N N 213 
MET HE2  H  N N 214 
MET HE3  H  N N 215 
MET HXT  H  N N 216 
PHE N    N  N N 217 
PHE CA   C  N S 218 
PHE C    C  N N 219 
PHE O    O  N N 220 
PHE CB   C  N N 221 
PHE CG   C  Y N 222 
PHE CD1  C  Y N 223 
PHE CD2  C  Y N 224 
PHE CE1  C  Y N 225 
PHE CE2  C  Y N 226 
PHE CZ   C  Y N 227 
PHE OXT  O  N N 228 
PHE H    H  N N 229 
PHE H2   H  N N 230 
PHE HA   H  N N 231 
PHE HB2  H  N N 232 
PHE HB3  H  N N 233 
PHE HD1  H  N N 234 
PHE HD2  H  N N 235 
PHE HE1  H  N N 236 
PHE HE2  H  N N 237 
PHE HZ   H  N N 238 
PHE HXT  H  N N 239 
PRO N    N  N N 240 
PRO CA   C  N S 241 
PRO C    C  N N 242 
PRO O    O  N N 243 
PRO CB   C  N N 244 
PRO CG   C  N N 245 
PRO CD   C  N N 246 
PRO OXT  O  N N 247 
PRO H    H  N N 248 
PRO HA   H  N N 249 
PRO HB2  H  N N 250 
PRO HB3  H  N N 251 
PRO HG2  H  N N 252 
PRO HG3  H  N N 253 
PRO HD2  H  N N 254 
PRO HD3  H  N N 255 
PRO HXT  H  N N 256 
SER N    N  N N 257 
SER CA   C  N S 258 
SER C    C  N N 259 
SER O    O  N N 260 
SER CB   C  N N 261 
SER OG   O  N N 262 
SER OXT  O  N N 263 
SER H    H  N N 264 
SER H2   H  N N 265 
SER HA   H  N N 266 
SER HB2  H  N N 267 
SER HB3  H  N N 268 
SER HG   H  N N 269 
SER HXT  H  N N 270 
THR N    N  N N 271 
THR CA   C  N S 272 
THR C    C  N N 273 
THR O    O  N N 274 
THR CB   C  N R 275 
THR OG1  O  N N 276 
THR CG2  C  N N 277 
THR OXT  O  N N 278 
THR H    H  N N 279 
THR H2   H  N N 280 
THR HA   H  N N 281 
THR HB   H  N N 282 
THR HG1  H  N N 283 
THR HG21 H  N N 284 
THR HG22 H  N N 285 
THR HG23 H  N N 286 
THR HXT  H  N N 287 
TRP N    N  N N 288 
TRP CA   C  N S 289 
TRP C    C  N N 290 
TRP O    O  N N 291 
TRP CB   C  N N 292 
TRP CG   C  Y N 293 
TRP CD1  C  Y N 294 
TRP CD2  C  Y N 295 
TRP NE1  N  Y N 296 
TRP CE2  C  Y N 297 
TRP CE3  C  Y N 298 
TRP CZ2  C  Y N 299 
TRP CZ3  C  Y N 300 
TRP CH2  C  Y N 301 
TRP OXT  O  N N 302 
TRP H    H  N N 303 
TRP H2   H  N N 304 
TRP HA   H  N N 305 
TRP HB2  H  N N 306 
TRP HB3  H  N N 307 
TRP HD1  H  N N 308 
TRP HE1  H  N N 309 
TRP HE3  H  N N 310 
TRP HZ2  H  N N 311 
TRP HZ3  H  N N 312 
TRP HH2  H  N N 313 
TRP HXT  H  N N 314 
TYR N    N  N N 315 
TYR CA   C  N S 316 
TYR C    C  N N 317 
TYR O    O  N N 318 
TYR CB   C  N N 319 
TYR CG   C  Y N 320 
TYR CD1  C  Y N 321 
TYR CD2  C  Y N 322 
TYR CE1  C  Y N 323 
TYR CE2  C  Y N 324 
TYR CZ   C  Y N 325 
TYR OH   O  N N 326 
TYR OXT  O  N N 327 
TYR H    H  N N 328 
TYR H2   H  N N 329 
TYR HA   H  N N 330 
TYR HB2  H  N N 331 
TYR HB3  H  N N 332 
TYR HD1  H  N N 333 
TYR HD2  H  N N 334 
TYR HE1  H  N N 335 
TYR HE2  H  N N 336 
TYR HH   H  N N 337 
TYR HXT  H  N N 338 
VAL N    N  N N 339 
VAL CA   C  N S 340 
VAL C    C  N N 341 
VAL O    O  N N 342 
VAL CB   C  N N 343 
VAL CG1  C  N N 344 
VAL CG2  C  N N 345 
VAL OXT  O  N N 346 
VAL H    H  N N 347 
VAL H2   H  N N 348 
VAL HA   H  N N 349 
VAL HB   H  N N 350 
VAL HG11 H  N N 351 
VAL HG12 H  N N 352 
VAL HG13 H  N N 353 
VAL HG21 H  N N 354 
VAL HG22 H  N N 355 
VAL HG23 H  N N 356 
VAL HXT  H  N N 357 
# 
loop_
_chem_comp_bond.comp_id 
_chem_comp_bond.atom_id_1 
_chem_comp_bond.atom_id_2 
_chem_comp_bond.value_order 
_chem_comp_bond.pdbx_aromatic_flag 
_chem_comp_bond.pdbx_stereo_config 
_chem_comp_bond.pdbx_ordinal 
ALA N   CA   sing N N 1   
ALA N   H    sing N N 2   
ALA N   H2   sing N N 3   
ALA CA  C    sing N N 4   
ALA CA  CB   sing N N 5   
ALA CA  HA   sing N N 6   
ALA C   O    doub N N 7   
ALA C   OXT  sing N N 8   
ALA CB  HB1  sing N N 9   
ALA CB  HB2  sing N N 10  
ALA CB  HB3  sing N N 11  
ALA OXT HXT  sing N N 12  
ARG N   CA   sing N N 13  
ARG N   H    sing N N 14  
ARG N   H2   sing N N 15  
ARG CA  C    sing N N 16  
ARG CA  CB   sing N N 17  
ARG CA  HA   sing N N 18  
ARG C   O    doub N N 19  
ARG C   OXT  sing N N 20  
ARG CB  CG   sing N N 21  
ARG CB  HB2  sing N N 22  
ARG CB  HB3  sing N N 23  
ARG CG  CD   sing N N 24  
ARG CG  HG2  sing N N 25  
ARG CG  HG3  sing N N 26  
ARG CD  NE   sing N N 27  
ARG CD  HD2  sing N N 28  
ARG CD  HD3  sing N N 29  
ARG NE  CZ   sing N N 30  
ARG NE  HE   sing N N 31  
ARG CZ  NH1  sing N N 32  
ARG CZ  NH2  doub N N 33  
ARG NH1 HH11 sing N N 34  
ARG NH1 HH12 sing N N 35  
ARG NH2 HH21 sing N N 36  
ARG NH2 HH22 sing N N 37  
ARG OXT HXT  sing N N 38  
ASN N   CA   sing N N 39  
ASN N   H    sing N N 40  
ASN N   H2   sing N N 41  
ASN CA  C    sing N N 42  
ASN CA  CB   sing N N 43  
ASN CA  HA   sing N N 44  
ASN C   O    doub N N 45  
ASN C   OXT  sing N N 46  
ASN CB  CG   sing N N 47  
ASN CB  HB2  sing N N 48  
ASN CB  HB3  sing N N 49  
ASN CG  OD1  doub N N 50  
ASN CG  ND2  sing N N 51  
ASN ND2 HD21 sing N N 52  
ASN ND2 HD22 sing N N 53  
ASN OXT HXT  sing N N 54  
ASP N   CA   sing N N 55  
ASP N   H    sing N N 56  
ASP N   H2   sing N N 57  
ASP CA  C    sing N N 58  
ASP CA  CB   sing N N 59  
ASP CA  HA   sing N N 60  
ASP C   O    doub N N 61  
ASP C   OXT  sing N N 62  
ASP CB  CG   sing N N 63  
ASP CB  HB2  sing N N 64  
ASP CB  HB3  sing N N 65  
ASP CG  OD1  doub N N 66  
ASP CG  OD2  sing N N 67  
ASP OD2 HD2  sing N N 68  
ASP OXT HXT  sing N N 69  
GLU N   CA   sing N N 70  
GLU N   H    sing N N 71  
GLU N   H2   sing N N 72  
GLU CA  C    sing N N 73  
GLU CA  CB   sing N N 74  
GLU CA  HA   sing N N 75  
GLU C   O    doub N N 76  
GLU C   OXT  sing N N 77  
GLU CB  CG   sing N N 78  
GLU CB  HB2  sing N N 79  
GLU CB  HB3  sing N N 80  
GLU CG  CD   sing N N 81  
GLU CG  HG2  sing N N 82  
GLU CG  HG3  sing N N 83  
GLU CD  OE1  doub N N 84  
GLU CD  OE2  sing N N 85  
GLU OE2 HE2  sing N N 86  
GLU OXT HXT  sing N N 87  
GLY N   CA   sing N N 88  
GLY N   H    sing N N 89  
GLY N   H2   sing N N 90  
GLY CA  C    sing N N 91  
GLY CA  HA2  sing N N 92  
GLY CA  HA3  sing N N 93  
GLY C   O    doub N N 94  
GLY C   OXT  sing N N 95  
GLY OXT HXT  sing N N 96  
HIS N   CA   sing N N 97  
HIS N   H    sing N N 98  
HIS N   H2   sing N N 99  
HIS CA  C    sing N N 100 
HIS CA  CB   sing N N 101 
HIS CA  HA   sing N N 102 
HIS C   O    doub N N 103 
HIS C   OXT  sing N N 104 
HIS CB  CG   sing N N 105 
HIS CB  HB2  sing N N 106 
HIS CB  HB3  sing N N 107 
HIS CG  ND1  sing Y N 108 
HIS CG  CD2  doub Y N 109 
HIS ND1 CE1  doub Y N 110 
HIS ND1 HD1  sing N N 111 
HIS CD2 NE2  sing Y N 112 
HIS CD2 HD2  sing N N 113 
HIS CE1 NE2  sing Y N 114 
HIS CE1 HE1  sing N N 115 
HIS NE2 HE2  sing N N 116 
HIS OXT HXT  sing N N 117 
HOH O   H1   sing N N 118 
HOH O   H2   sing N N 119 
ILE N   CA   sing N N 120 
ILE N   H    sing N N 121 
ILE N   H2   sing N N 122 
ILE CA  C    sing N N 123 
ILE CA  CB   sing N N 124 
ILE CA  HA   sing N N 125 
ILE C   O    doub N N 126 
ILE C   OXT  sing N N 127 
ILE CB  CG1  sing N N 128 
ILE CB  CG2  sing N N 129 
ILE CB  HB   sing N N 130 
ILE CG1 CD1  sing N N 131 
ILE CG1 HG12 sing N N 132 
ILE CG1 HG13 sing N N 133 
ILE CG2 HG21 sing N N 134 
ILE CG2 HG22 sing N N 135 
ILE CG2 HG23 sing N N 136 
ILE CD1 HD11 sing N N 137 
ILE CD1 HD12 sing N N 138 
ILE CD1 HD13 sing N N 139 
ILE OXT HXT  sing N N 140 
LEU N   CA   sing N N 141 
LEU N   H    sing N N 142 
LEU N   H2   sing N N 143 
LEU CA  C    sing N N 144 
LEU CA  CB   sing N N 145 
LEU CA  HA   sing N N 146 
LEU C   O    doub N N 147 
LEU C   OXT  sing N N 148 
LEU CB  CG   sing N N 149 
LEU CB  HB2  sing N N 150 
LEU CB  HB3  sing N N 151 
LEU CG  CD1  sing N N 152 
LEU CG  CD2  sing N N 153 
LEU CG  HG   sing N N 154 
LEU CD1 HD11 sing N N 155 
LEU CD1 HD12 sing N N 156 
LEU CD1 HD13 sing N N 157 
LEU CD2 HD21 sing N N 158 
LEU CD2 HD22 sing N N 159 
LEU CD2 HD23 sing N N 160 
LEU OXT HXT  sing N N 161 
LYS N   CA   sing N N 162 
LYS N   H    sing N N 163 
LYS N   H2   sing N N 164 
LYS CA  C    sing N N 165 
LYS CA  CB   sing N N 166 
LYS CA  HA   sing N N 167 
LYS C   O    doub N N 168 
LYS C   OXT  sing N N 169 
LYS CB  CG   sing N N 170 
LYS CB  HB2  sing N N 171 
LYS CB  HB3  sing N N 172 
LYS CG  CD   sing N N 173 
LYS CG  HG2  sing N N 174 
LYS CG  HG3  sing N N 175 
LYS CD  CE   sing N N 176 
LYS CD  HD2  sing N N 177 
LYS CD  HD3  sing N N 178 
LYS CE  NZ   sing N N 179 
LYS CE  HE2  sing N N 180 
LYS CE  HE3  sing N N 181 
LYS NZ  HZ1  sing N N 182 
LYS NZ  HZ2  sing N N 183 
LYS NZ  HZ3  sing N N 184 
LYS OXT HXT  sing N N 185 
MET N   CA   sing N N 186 
MET N   H    sing N N 187 
MET N   H2   sing N N 188 
MET CA  C    sing N N 189 
MET CA  CB   sing N N 190 
MET CA  HA   sing N N 191 
MET C   O    doub N N 192 
MET C   OXT  sing N N 193 
MET CB  CG   sing N N 194 
MET CB  HB2  sing N N 195 
MET CB  HB3  sing N N 196 
MET CG  SD   sing N N 197 
MET CG  HG2  sing N N 198 
MET CG  HG3  sing N N 199 
MET SD  CE   sing N N 200 
MET CE  HE1  sing N N 201 
MET CE  HE2  sing N N 202 
MET CE  HE3  sing N N 203 
MET OXT HXT  sing N N 204 
PHE N   CA   sing N N 205 
PHE N   H    sing N N 206 
PHE N   H2   sing N N 207 
PHE CA  C    sing N N 208 
PHE CA  CB   sing N N 209 
PHE CA  HA   sing N N 210 
PHE C   O    doub N N 211 
PHE C   OXT  sing N N 212 
PHE CB  CG   sing N N 213 
PHE CB  HB2  sing N N 214 
PHE CB  HB3  sing N N 215 
PHE CG  CD1  doub Y N 216 
PHE CG  CD2  sing Y N 217 
PHE CD1 CE1  sing Y N 218 
PHE CD1 HD1  sing N N 219 
PHE CD2 CE2  doub Y N 220 
PHE CD2 HD2  sing N N 221 
PHE CE1 CZ   doub Y N 222 
PHE CE1 HE1  sing N N 223 
PHE CE2 CZ   sing Y N 224 
PHE CE2 HE2  sing N N 225 
PHE CZ  HZ   sing N N 226 
PHE OXT HXT  sing N N 227 
PRO N   CA   sing N N 228 
PRO N   CD   sing N N 229 
PRO N   H    sing N N 230 
PRO CA  C    sing N N 231 
PRO CA  CB   sing N N 232 
PRO CA  HA   sing N N 233 
PRO C   O    doub N N 234 
PRO C   OXT  sing N N 235 
PRO CB  CG   sing N N 236 
PRO CB  HB2  sing N N 237 
PRO CB  HB3  sing N N 238 
PRO CG  CD   sing N N 239 
PRO CG  HG2  sing N N 240 
PRO CG  HG3  sing N N 241 
PRO CD  HD2  sing N N 242 
PRO CD  HD3  sing N N 243 
PRO OXT HXT  sing N N 244 
SER N   CA   sing N N 245 
SER N   H    sing N N 246 
SER N   H2   sing N N 247 
SER CA  C    sing N N 248 
SER CA  CB   sing N N 249 
SER CA  HA   sing N N 250 
SER C   O    doub N N 251 
SER C   OXT  sing N N 252 
SER CB  OG   sing N N 253 
SER CB  HB2  sing N N 254 
SER CB  HB3  sing N N 255 
SER OG  HG   sing N N 256 
SER OXT HXT  sing N N 257 
THR N   CA   sing N N 258 
THR N   H    sing N N 259 
THR N   H2   sing N N 260 
THR CA  C    sing N N 261 
THR CA  CB   sing N N 262 
THR CA  HA   sing N N 263 
THR C   O    doub N N 264 
THR C   OXT  sing N N 265 
THR CB  OG1  sing N N 266 
THR CB  CG2  sing N N 267 
THR CB  HB   sing N N 268 
THR OG1 HG1  sing N N 269 
THR CG2 HG21 sing N N 270 
THR CG2 HG22 sing N N 271 
THR CG2 HG23 sing N N 272 
THR OXT HXT  sing N N 273 
TRP N   CA   sing N N 274 
TRP N   H    sing N N 275 
TRP N   H2   sing N N 276 
TRP CA  C    sing N N 277 
TRP CA  CB   sing N N 278 
TRP CA  HA   sing N N 279 
TRP C   O    doub N N 280 
TRP C   OXT  sing N N 281 
TRP CB  CG   sing N N 282 
TRP CB  HB2  sing N N 283 
TRP CB  HB3  sing N N 284 
TRP CG  CD1  doub Y N 285 
TRP CG  CD2  sing Y N 286 
TRP CD1 NE1  sing Y N 287 
TRP CD1 HD1  sing N N 288 
TRP CD2 CE2  doub Y N 289 
TRP CD2 CE3  sing Y N 290 
TRP NE1 CE2  sing Y N 291 
TRP NE1 HE1  sing N N 292 
TRP CE2 CZ2  sing Y N 293 
TRP CE3 CZ3  doub Y N 294 
TRP CE3 HE3  sing N N 295 
TRP CZ2 CH2  doub Y N 296 
TRP CZ2 HZ2  sing N N 297 
TRP CZ3 CH2  sing Y N 298 
TRP CZ3 HZ3  sing N N 299 
TRP CH2 HH2  sing N N 300 
TRP OXT HXT  sing N N 301 
TYR N   CA   sing N N 302 
TYR N   H    sing N N 303 
TYR N   H2   sing N N 304 
TYR CA  C    sing N N 305 
TYR CA  CB   sing N N 306 
TYR CA  HA   sing N N 307 
TYR C   O    doub N N 308 
TYR C   OXT  sing N N 309 
TYR CB  CG   sing N N 310 
TYR CB  HB2  sing N N 311 
TYR CB  HB3  sing N N 312 
TYR CG  CD1  doub Y N 313 
TYR CG  CD2  sing Y N 314 
TYR CD1 CE1  sing Y N 315 
TYR CD1 HD1  sing N N 316 
TYR CD2 CE2  doub Y N 317 
TYR CD2 HD2  sing N N 318 
TYR CE1 CZ   doub Y N 319 
TYR CE1 HE1  sing N N 320 
TYR CE2 CZ   sing Y N 321 
TYR CE2 HE2  sing N N 322 
TYR CZ  OH   sing N N 323 
TYR OH  HH   sing N N 324 
TYR OXT HXT  sing N N 325 
VAL N   CA   sing N N 326 
VAL N   H    sing N N 327 
VAL N   H2   sing N N 328 
VAL CA  C    sing N N 329 
VAL CA  CB   sing N N 330 
VAL CA  HA   sing N N 331 
VAL C   O    doub N N 332 
VAL C   OXT  sing N N 333 
VAL CB  CG1  sing N N 334 
VAL CB  CG2  sing N N 335 
VAL CB  HB   sing N N 336 
VAL CG1 HG11 sing N N 337 
VAL CG1 HG12 sing N N 338 
VAL CG1 HG13 sing N N 339 
VAL CG2 HG21 sing N N 340 
VAL CG2 HG22 sing N N 341 
VAL CG2 HG23 sing N N 342 
VAL OXT HXT  sing N N 343 
# 
_atom_sites.entry_id                    2D3D 
_atom_sites.fract_transf_matrix[1][1]   0.00575689 
_atom_sites.fract_transf_matrix[1][2]   -0.03548516 
_atom_sites.fract_transf_matrix[1][3]   0.00644911 
_atom_sites.fract_transf_matrix[2][1]   0.00269189 
_atom_sites.fract_transf_matrix[2][2]   -0.00596999 
_atom_sites.fract_transf_matrix[2][3]   -0.03525186 
_atom_sites.fract_transf_matrix[3][1]   0.00985527 
_atom_sites.fract_transf_matrix[3][2]   0.00168380 
_atom_sites.fract_transf_matrix[3][3]   0.00046741 
_atom_sites.fract_transf_vector[1]      0.377640 
_atom_sites.fract_transf_vector[2]      0.087333 
_atom_sites.fract_transf_vector[3]      0.125455 
# 
loop_
_atom_type.symbol 
C  
CA 
N  
O  
S  
# 
loop_
_atom_site.group_PDB 
_atom_site.id 
_atom_site.type_symbol 
_atom_site.label_atom_id 
_atom_site.label_alt_id 
_atom_site.label_comp_id 
_atom_site.label_asym_id 
_atom_site.label_entity_id 
_atom_site.label_seq_id 
_atom_site.pdbx_PDB_ins_code 
_atom_site.Cartn_x 
_atom_site.Cartn_y 
_atom_site.Cartn_z 
_atom_site.occupancy 
_atom_site.B_iso_or_equiv 
_atom_site.pdbx_formal_charge 
_atom_site.auth_seq_id 
_atom_site.auth_comp_id 
_atom_site.auth_asym_id 
_atom_site.auth_atom_id 
_atom_site.pdbx_PDB_model_num 
ATOM   1   N  N   . SER A 1 6  ? -2.325  -4.760  10.280  1.00 30.74 ? 441 SER A N   1 
ATOM   2   C  CA  . SER A 1 6  ? -1.009  -4.467  9.629   1.00 30.05 ? 441 SER A CA  1 
ATOM   3   C  C   . SER A 1 6  ? -0.620  -5.547  8.624   1.00 29.18 ? 441 SER A C   1 
ATOM   4   O  O   . SER A 1 6  ? -1.217  -5.613  7.551   1.00 29.81 ? 441 SER A O   1 
ATOM   5   C  CB  . SER A 1 6  ? 0.106   -4.246  10.678  1.00 30.71 ? 441 SER A CB  1 
ATOM   6   N  N   . MET A 1 7  ? 0.374   -6.374  8.965   1.00 27.64 ? 442 MET A N   1 
ATOM   7   C  CA  . MET A 1 7  ? 0.892   -7.428  8.075   1.00 26.08 ? 442 MET A CA  1 
ATOM   8   C  C   . MET A 1 7  ? 0.132   -8.735  8.299   1.00 24.80 ? 442 MET A C   1 
ATOM   9   O  O   . MET A 1 7  ? 0.688   -9.828  8.528   1.00 24.84 ? 442 MET A O   1 
ATOM   10  C  CB  . MET A 1 7  ? 2.396   -7.615  8.233   1.00 25.25 ? 442 MET A CB  1 
ATOM   11  C  CG  . MET A 1 7  ? 3.188   -6.325  8.110   1.00 24.42 ? 442 MET A CG  1 
ATOM   12  S  SD  . MET A 1 7  ? 3.366   -5.713  6.423   1.00 20.15 ? 442 MET A SD  1 
ATOM   13  C  CE  . MET A 1 7  ? 4.342   -4.264  6.781   1.00 22.39 ? 442 MET A CE  1 
ATOM   14  N  N   . ASN A 1 8  ? -1.175  -8.570  8.292   1.00 22.41 ? 443 ASN A N   1 
ATOM   15  C  CA  . ASN A 1 8  ? -2.095  -9.644  8.067   1.00 21.12 ? 443 ASN A CA  1 
ATOM   16  C  C   . ASN A 1 8  ? -2.457  -9.536  6.587   1.00 19.39 ? 443 ASN A C   1 
ATOM   17  O  O   . ASN A 1 8  ? -3.037  -8.529  6.148   1.00 18.15 ? 443 ASN A O   1 
ATOM   18  C  CB  . ASN A 1 8  ? -3.309  -9.435  8.962   1.00 21.54 ? 443 ASN A CB  1 
ATOM   19  C  CG  . ASN A 1 8  ? -4.437  -10.385 8.658   1.00 22.72 ? 443 ASN A CG  1 
ATOM   20  O  OD1 . ASN A 1 8  ? -4.308  -11.307 7.839   1.00 23.93 ? 443 ASN A OD1 1 
ATOM   21  N  ND2 . ASN A 1 8  ? -5.570  -10.170 9.334   1.00 26.36 ? 443 ASN A ND2 1 
ATOM   22  N  N   . PRO A 1 9  ? -2.055  -10.538 5.788   1.00 18.47 ? 444 PRO A N   1 
ATOM   23  C  CA  . PRO A 1 9  ? -2.361  -10.543 4.361   1.00 18.20 ? 444 PRO A CA  1 
ATOM   24  C  C   . PRO A 1 9  ? -3.841  -10.355 4.032   1.00 17.93 ? 444 PRO A C   1 
ATOM   25  O  O   . PRO A 1 9  ? -4.164  -9.761  3.015   1.00 18.43 ? 444 PRO A O   1 
ATOM   26  C  CB  . PRO A 1 9  ? -1.895  -11.924 3.911   1.00 18.40 ? 444 PRO A CB  1 
ATOM   27  C  CG  . PRO A 1 9  ? -0.790  -12.244 4.831   1.00 18.85 ? 444 PRO A CG  1 
ATOM   28  C  CD  . PRO A 1 9  ? -1.213  -11.692 6.164   1.00 19.13 ? 444 PRO A CD  1 
ATOM   29  N  N   . LYS A 1 10 ? -4.723  -10.853 4.890   1.00 17.67 ? 445 LYS A N   1 
ATOM   30  C  CA  . LYS A 1 10 ? -6.170  -10.660 4.704   1.00 17.70 ? 445 LYS A CA  1 
ATOM   31  C  C   . LYS A 1 10 ? -6.619  -9.210  4.898   1.00 16.71 ? 445 LYS A C   1 
ATOM   32  O  O   . LYS A 1 10 ? -7.597  -8.763  4.317   1.00 17.43 ? 445 LYS A O   1 
ATOM   33  C  CB  . LYS A 1 10 ? -6.957  -11.599 5.623   1.00 19.89 ? 445 LYS A CB  1 
ATOM   34  C  CG  . LYS A 1 10 ? -6.837  -13.067 5.216   1.00 21.01 ? 445 LYS A CG  1 
ATOM   35  C  CD  . LYS A 1 10 ? -7.170  -13.230 3.716   1.00 25.25 ? 445 LYS A CD  1 
ATOM   36  C  CE  . LYS A 1 10 ? -7.318  -14.693 3.268   1.00 20.30 ? 445 LYS A CE  1 
ATOM   37  N  NZ  . LYS A 1 10 ? -7.365  -14.770 1.777   1.00 23.65 ? 445 LYS A NZ  1 
ATOM   38  N  N   . SER A 1 11 ? -5.912  -8.467  5.732   1.00 15.81 ? 446 SER A N   1 
ATOM   39  C  CA  . SER A 1 11 ? -6.247  -7.073  5.895   1.00 15.53 ? 446 SER A CA  1 
ATOM   40  C  C   . SER A 1 11 ? -5.664  -6.280  4.714   1.00 14.37 ? 446 SER A C   1 
ATOM   41  O  O   . SER A 1 11 ? -6.330  -5.424  4.119   1.00 14.09 ? 446 SER A O   1 
ATOM   42  C  CB  . SER A 1 11 ? -5.708  -6.557  7.228   1.00 16.17 ? 446 SER A CB  1 
ATOM   43  O  OG  . SER A 1 11 ? -5.869  -5.159  7.300   1.00 19.50 ? 446 SER A OG  1 
ATOM   44  N  N   . LEU A 1 12 ? -4.411  -6.567  4.380   1.00 12.97 ? 447 LEU A N   1 
ATOM   45  C  CA  . LEU A 1 12 ? -3.733  -5.855  3.296   1.00 12.01 ? 447 LEU A CA  1 
ATOM   46  C  C   . LEU A 1 12 ? -4.406  -6.021  1.939   1.00 11.50 ? 447 LEU A C   1 
ATOM   47  O  O   . LEU A 1 12 ? -4.286  -5.149  1.074   1.00 10.93 ? 447 LEU A O   1 
ATOM   48  C  CB  . LEU A 1 12 ? -2.275  -6.293  3.190   1.00 12.12 ? 447 LEU A CB  1 
ATOM   49  C  CG  . LEU A 1 12 ? -1.482  -5.793  4.395   1.00 13.35 ? 447 LEU A CG  1 
ATOM   50  C  CD1 . LEU A 1 12 ? -0.127  -6.429  4.411   1.00 15.11 ? 447 LEU A CD1 1 
ATOM   51  C  CD2 . LEU A 1 12 ? -1.378  -4.266  4.447   1.00 13.08 ? 447 LEU A CD2 1 
ATOM   52  N  N   . THR A 1 13 ? -5.091  -7.155  1.747   1.00 11.73 ? 448 THR A N   1 
ATOM   53  C  CA  . THR A 1 13 ? -5.696  -7.451  0.455   1.00 11.16 ? 448 THR A CA  1 
ATOM   54  C  C   . THR A 1 13 ? -7.218  -7.302  0.483   1.00 11.49 ? 448 THR A C   1 
ATOM   55  O  O   . THR A 1 13 ? -7.865  -7.623  -0.503  1.00 12.28 ? 448 THR A O   1 
ATOM   56  C  CB  . THR A 1 13 ? -5.301  -8.857  -0.081  1.00 11.83 ? 448 THR A CB  1 
ATOM   57  O  OG1 . THR A 1 13 ? -5.768  -9.864  0.824   1.00 13.54 ? 448 THR A OG1 1 
ATOM   58  C  CG2 . THR A 1 13 ? -3.747  -8.954  -0.255  1.00 10.84 ? 448 THR A CG2 1 
ATOM   59  N  N   . ASP A 1 14 ? -7.747  -6.784  1.597   1.00 11.50 ? 449 ASP A N   1 
ATOM   60  C  CA  . ASP A 1 14 ? -9.176  -6.515  1.743   1.00 12.18 ? 449 ASP A CA  1 
ATOM   61  C  C   . ASP A 1 14 ? -9.587  -5.497  0.675   1.00 11.38 ? 449 ASP A C   1 
ATOM   62  O  O   . ASP A 1 14 ? -9.048  -4.393  0.644   1.00 11.39 ? 449 ASP A O   1 
ATOM   63  C  CB  . ASP A 1 14 ? -9.429  -5.976  3.150   1.00 13.06 ? 449 ASP A CB  1 
ATOM   64  C  CG  . ASP A 1 14 ? -10.880 -5.611  3.415   1.00 15.21 ? 449 ASP A CG  1 
ATOM   65  O  OD1 . ASP A 1 14 ? -11.735 -5.735  2.521   1.00 17.88 ? 449 ASP A OD1 1 
ATOM   66  O  OD2 . ASP A 1 14 ? -11.143 -5.164  4.546   1.00 18.12 ? 449 ASP A OD2 1 
ATOM   67  N  N   . PRO A 1 15 ? -10.538 -5.858  -0.214  1.00 12.05 ? 450 PRO A N   1 
ATOM   68  C  CA  . PRO A 1 15 ? -10.941 -4.922  -1.290  1.00 12.16 ? 450 PRO A CA  1 
ATOM   69  C  C   . PRO A 1 15 ? -11.406 -3.563  -0.750  1.00 12.45 ? 450 PRO A C   1 
ATOM   70  O  O   . PRO A 1 15 ? -11.177 -2.530  -1.394  1.00 12.12 ? 450 PRO A O   1 
ATOM   71  C  CB  . PRO A 1 15 ? -12.101 -5.641  -2.016  1.00 12.23 ? 450 PRO A CB  1 
ATOM   72  C  CG  . PRO A 1 15 ? -12.313 -6.936  -1.294  1.00 14.13 ? 450 PRO A CG  1 
ATOM   73  C  CD  . PRO A 1 15 ? -11.250 -7.152  -0.271  1.00 12.75 ? 450 PRO A CD  1 
ATOM   74  N  N   . LYS A 1 16 ? -12.054 -3.558  0.419   1.00 12.83 ? 451 LYS A N   1 
ATOM   75  C  CA  . LYS A 1 16 ? -12.495 -2.301  1.044   1.00 12.88 ? 451 LYS A CA  1 
ATOM   76  C  C   . LYS A 1 16 ? -11.327 -1.376  1.384   1.00 12.78 ? 451 LYS A C   1 
ATOM   77  O  O   . LYS A 1 16 ? -11.429 -0.151  1.295   1.00 12.96 ? 451 LYS A O   1 
ATOM   78  C  CB  . LYS A 1 16 ? -13.301 -2.581  2.311   1.00 13.71 ? 451 LYS A CB  1 
ATOM   79  C  CG  . LYS A 1 16 ? -14.614 -3.304  2.048   1.00 14.84 ? 451 LYS A CG  1 
ATOM   80  C  CD  . LYS A 1 16 ? -15.509 -3.252  3.293   1.00 18.98 ? 451 LYS A CD  1 
ATOM   81  C  CE  . LYS A 1 16 ? -14.930 -3.991  4.496   1.00 21.48 ? 451 LYS A CE  1 
ATOM   82  N  NZ  . LYS A 1 16 ? -15.178 -5.458  4.389   1.00 25.02 ? 451 LYS A NZ  1 
ATOM   83  N  N   . LEU A 1 17 ? -10.211 -1.986  1.783   1.00 11.86 ? 452 LEU A N   1 
ATOM   84  C  CA  . LEU A 1 17 ? -9.046  -1.222  2.178   1.00 11.96 ? 452 LEU A CA  1 
ATOM   85  C  C   . LEU A 1 17 ? -8.228  -0.855  0.950   1.00 10.50 ? 452 LEU A C   1 
ATOM   86  O  O   . LEU A 1 17 ? -7.739  0.257   0.855   1.00 11.05 ? 452 LEU A O   1 
ATOM   87  C  CB  . LEU A 1 17 ? -8.206  -2.004  3.185   1.00 12.93 ? 452 LEU A CB  1 
ATOM   88  C  CG  . LEU A 1 17 ? -8.608  -1.930  4.664   1.00 15.31 ? 452 LEU A CG  1 
ATOM   89  C  CD1 . LEU A 1 17 ? -7.483  -2.505  5.524   1.00 18.32 ? 452 LEU A CD1 1 
ATOM   90  C  CD2 . LEU A 1 17 ? -8.955  -0.511  5.139   1.00 16.38 ? 452 LEU A CD2 1 
ATOM   91  N  N   . LEU A 1 18 ? -8.081  -1.775  -0.003  1.00 10.18 ? 453 LEU A N   1 
ATOM   92  C  CA  . LEU A 1 18 ? -7.372  -1.417  -1.256  1.00 10.05 ? 453 LEU A CA  1 
ATOM   93  C  C   . LEU A 1 18 ? -8.054  -0.255  -1.988  1.00 10.50 ? 453 LEU A C   1 
ATOM   94  O  O   . LEU A 1 18 ? -7.380  0.556   -2.652  1.00 11.57 ? 453 LEU A O   1 
ATOM   95  C  CB  . LEU A 1 18 ? -7.216  -2.615  -2.205  1.00 9.44  ? 453 LEU A CB  1 
ATOM   96  C  CG  . LEU A 1 18 ? -6.355  -3.782  -1.730  1.00 7.45  ? 453 LEU A CG  1 
ATOM   97  C  CD1 . LEU A 1 18 ? -6.524  -5.009  -2.610  1.00 8.36  ? 453 LEU A CD1 1 
ATOM   98  C  CD2 . LEU A 1 18 ? -4.873  -3.370  -1.633  1.00 9.17  ? 453 LEU A CD2 1 
ATOM   99  N  N   . LYS A 1 19 ? -9.388  -0.177  -1.891  1.00 10.77 ? 454 LYS A N   1 
ATOM   100 C  CA  . LYS A 1 19 ? -10.128 0.909   -2.543  1.00 10.85 ? 454 LYS A CA  1 
ATOM   101 C  C   . LYS A 1 19 ? -10.186 2.167   -1.662  1.00 11.06 ? 454 LYS A C   1 
ATOM   102 O  O   . LYS A 1 19 ? -10.790 3.170   -2.040  1.00 11.80 ? 454 LYS A O   1 
ATOM   103 C  CB  . LYS A 1 19 ? -11.546 0.447   -2.960  1.00 11.34 ? 454 LYS A CB  1 
ATOM   104 C  CG  . LYS A 1 19 ? -11.552 -0.170  -4.337  1.00 12.59 ? 454 LYS A CG  1 
ATOM   105 C  CD  . LYS A 1 19 ? -12.948 -0.578  -4.795  1.00 10.38 ? 454 LYS A CD  1 
ATOM   106 C  CE  . LYS A 1 19 ? -13.033 -0.663  -6.315  1.00 12.10 ? 454 LYS A CE  1 
ATOM   107 N  NZ  . LYS A 1 19 ? -14.331 -1.323  -6.729  1.00 12.47 ? 454 LYS A NZ  1 
ATOM   108 N  N   . ASN A 1 20 ? -9.514  2.140   -0.510  1.00 10.84 ? 455 ASN A N   1 
ATOM   109 C  CA  . ASN A 1 20 ? -9.479  3.303   0.375   1.00 11.29 ? 455 ASN A CA  1 
ATOM   110 C  C   . ASN A 1 20 ? -8.063  3.491   0.891   1.00 10.65 ? 455 ASN A C   1 
ATOM   111 O  O   . ASN A 1 20 ? -7.754  3.149   2.025   1.00 11.03 ? 455 ASN A O   1 
ATOM   112 C  CB  . ASN A 1 20 ? -10.465 3.154   1.543   1.00 11.34 ? 455 ASN A CB  1 
ATOM   113 C  CG  . ASN A 1 20 ? -10.661 4.457   2.313   1.00 13.17 ? 455 ASN A CG  1 
ATOM   114 O  OD1 . ASN A 1 20 ? -9.825  5.358   2.259   1.00 13.20 ? 455 ASN A OD1 1 
ATOM   115 N  ND2 . ASN A 1 20 ? -11.795 4.573   3.006   1.00 16.01 ? 455 ASN A ND2 1 
ATOM   116 N  N   . ILE A 1 21 ? -7.202  4.031   0.042   1.00 10.93 ? 456 ILE A N   1 
ATOM   117 C  CA  . ILE A 1 21 ? -5.778  4.065   0.390   1.00 11.36 ? 456 ILE A CA  1 
ATOM   118 C  C   . ILE A 1 21 ? -5.474  4.820   1.707   1.00 11.47 ? 456 ILE A C   1 
ATOM   119 O  O   . ILE A 1 21 ? -4.646  4.355   2.509   1.00 11.19 ? 456 ILE A O   1 
ATOM   120 C  CB  . ILE A 1 21 ? -4.933  4.554   -0.811  1.00 12.05 ? 456 ILE A CB  1 
ATOM   121 C  CG1 . ILE A 1 21 ? -4.915  3.487   -1.915  1.00 12.58 ? 456 ILE A CG1 1 
ATOM   122 C  CG2 . ILE A 1 21 ? -3.496  4.878   -0.404  1.00 12.48 ? 456 ILE A CG2 1 
ATOM   123 C  CD1 . ILE A 1 21 ? -4.416  2.089   -1.462  1.00 14.26 ? 456 ILE A CD1 1 
ATOM   124 N  N   . PRO A 1 22 ? -6.124  5.971   1.955   1.00 12.01 ? 457 PRO A N   1 
ATOM   125 C  CA  . PRO A 1 22 ? -5.919  6.572   3.283   1.00 12.08 ? 457 PRO A CA  1 
ATOM   126 C  C   . PRO A 1 22 ? -6.169  5.592   4.459   1.00 12.38 ? 457 PRO A C   1 
ATOM   127 O  O   . PRO A 1 22 ? -5.380  5.558   5.408   1.00 13.60 ? 457 PRO A O   1 
ATOM   128 C  CB  . PRO A 1 22 ? -6.906  7.740   3.294   1.00 12.58 ? 457 PRO A CB  1 
ATOM   129 C  CG  . PRO A 1 22 ? -7.014  8.133   1.855   1.00 12.11 ? 457 PRO A CG  1 
ATOM   130 C  CD  . PRO A 1 22 ? -6.959  6.831   1.086   1.00 11.81 ? 457 PRO A CD  1 
ATOM   131 N  N   . MET A 1 23 ? -7.226  4.777   4.380   1.00 11.92 ? 458 MET A N   1 
ATOM   132 C  CA  . MET A 1 23 ? -7.485  3.793   5.438   1.00 11.99 ? 458 MET A CA  1 
ATOM   133 C  C   . MET A 1 23 ? -6.532  2.583   5.402   1.00 11.63 ? 458 MET A C   1 
ATOM   134 O  O   . MET A 1 23 ? -6.152  2.042   6.465   1.00 11.84 ? 458 MET A O   1 
ATOM   135 C  CB  . MET A 1 23 ? -8.943  3.355   5.458   1.00 13.47 ? 458 MET A CB  1 
ATOM   136 C  CG  . MET A 1 23 ? -9.899  4.486   5.770   1.00 14.61 ? 458 MET A CG  1 
ATOM   137 S  SD  . MET A 1 23 ? -9.622  5.135   7.424   1.00 20.06 ? 458 MET A SD  1 
ATOM   138 C  CE  . MET A 1 23 ? -8.635  6.602   7.098   1.00 22.61 ? 458 MET A CE  1 
ATOM   139 N  N   . TRP A 1 24 ? -6.148  2.170   4.196   1.00 10.37 ? 459 TRP A N   1 
ATOM   140 C  CA  . TRP A 1 24 ? -5.111  1.172   4.012   1.00 10.42 ? 459 TRP A CA  1 
ATOM   141 C  C   . TRP A 1 24 ? -3.824  1.632   4.697   1.00 10.86 ? 459 TRP A C   1 
ATOM   142 O  O   . TRP A 1 24 ? -3.234  0.895   5.481   1.00 11.40 ? 459 TRP A O   1 
ATOM   143 C  CB  . TRP A 1 24 ? -4.927  0.890   2.523   1.00 9.86  ? 459 TRP A CB  1 
ATOM   144 C  CG  . TRP A 1 24 ? -4.067  -0.294  2.204   1.00 10.71 ? 459 TRP A CG  1 
ATOM   145 C  CD1 . TRP A 1 24 ? -4.489  -1.573  1.960   1.00 9.04  ? 459 TRP A CD1 1 
ATOM   146 C  CD2 . TRP A 1 24 ? -2.640  -0.315  2.080   1.00 9.20  ? 459 TRP A CD2 1 
ATOM   147 N  NE1 . TRP A 1 24 ? -3.417  -2.387  1.675   1.00 10.44 ? 459 TRP A NE1 1 
ATOM   148 C  CE2 . TRP A 1 24 ? -2.268  -1.641  1.742   1.00 8.90  ? 459 TRP A CE2 1 
ATOM   149 C  CE3 . TRP A 1 24 ? -1.639  0.663   2.184   1.00 9.55  ? 459 TRP A CE3 1 
ATOM   150 C  CZ2 . TRP A 1 24 ? -0.925  -2.024  1.533   1.00 7.95  ? 459 TRP A CZ2 1 
ATOM   151 C  CZ3 . TRP A 1 24 ? -0.329  0.285   1.993   1.00 9.68  ? 459 TRP A CZ3 1 
ATOM   152 C  CH2 . TRP A 1 24 ? 0.023   -1.042  1.666   1.00 8.79  ? 459 TRP A CH2 1 
ATOM   153 N  N   . LEU A 1 25 ? -3.439  2.883   4.450   1.00 11.02 ? 460 LEU A N   1 
ATOM   154 C  CA  . LEU A 1 25 ? -2.254  3.436   5.117   1.00 11.61 ? 460 LEU A CA  1 
ATOM   155 C  C   . LEU A 1 25 ? -2.441  3.523   6.649   1.00 12.67 ? 460 LEU A C   1 
ATOM   156 O  O   . LEU A 1 25 ? -1.525  3.235   7.424   1.00 13.72 ? 460 LEU A O   1 
ATOM   157 C  CB  . LEU A 1 25 ? -1.940  4.807   4.549   1.00 11.49 ? 460 LEU A CB  1 
ATOM   158 C  CG  . LEU A 1 25 ? -1.407  4.856   3.119   1.00 11.70 ? 460 LEU A CG  1 
ATOM   159 C  CD1 . LEU A 1 25 ? -1.368  6.309   2.626   1.00 13.59 ? 460 LEU A CD1 1 
ATOM   160 C  CD2 . LEU A 1 25 ? 0.006   4.191   2.998   1.00 12.16 ? 460 LEU A CD2 1 
ATOM   161 N  N   . LYS A 1 26 ? -3.624  3.939   7.096   1.00 13.04 ? 461 LYS A N   1 
ATOM   162 C  CA  . LYS A 1 26 ? -3.889  4.033   8.526   1.00 16.18 ? 461 LYS A CA  1 
ATOM   163 C  C   . LYS A 1 26 ? -3.754  2.680   9.233   1.00 15.03 ? 461 LYS A C   1 
ATOM   164 O  O   . LYS A 1 26 ? -3.323  2.631   10.387  1.00 15.14 ? 461 LYS A O   1 
ATOM   165 C  CB  . LYS A 1 26 ? -5.292  4.599   8.767   1.00 14.95 ? 461 LYS A CB  1 
ATOM   166 C  CG  . LYS A 1 26 ? -5.530  4.925   10.230  1.00 18.44 ? 461 LYS A CG  1 
ATOM   167 C  CD  . LYS A 1 26 ? -6.953  5.430   10.466  1.00 16.45 ? 461 LYS A CD  1 
ATOM   168 C  CE  . LYS A 1 26 ? -7.108  5.975   11.882  1.00 27.47 ? 461 LYS A CE  1 
ATOM   169 N  NZ  . LYS A 1 26 ? -8.458  6.580   12.062  1.00 22.37 ? 461 LYS A NZ  1 
ATOM   170 N  N   . SER A 1 27 ? -4.112  1.591   8.535   1.00 15.07 ? 462 SER A N   1 
ATOM   171 C  CA  . SER A 1 27 ? -4.052  0.237   9.111   1.00 16.06 ? 462 SER A CA  1 
ATOM   172 C  C   . SER A 1 27 ? -2.614  -0.149  9.436   1.00 15.93 ? 462 SER A C   1 
ATOM   173 O  O   . SER A 1 27 ? -2.355  -1.031  10.270  1.00 16.76 ? 462 SER A O   1 
ATOM   174 C  CB  . SER A 1 27 ? -4.669  -0.800  8.169   1.00 16.16 ? 462 SER A CB  1 
ATOM   175 O  OG  . SER A 1 27 ? -3.747  -1.182  7.164   1.00 17.87 ? 462 SER A OG  1 
ATOM   176 N  N   . LEU A 1 28 ? -1.691  0.510   8.753   1.00 15.64 ? 463 LEU A N   1 
ATOM   177 C  CA  . LEU A 1 28 ? -0.250  0.292   8.943   1.00 15.67 ? 463 LEU A CA  1 
ATOM   178 C  C   . LEU A 1 28 ? 0.406   1.382   9.780   1.00 15.21 ? 463 LEU A C   1 
ATOM   179 O  O   . LEU A 1 28 ? 1.617   1.359   9.985   1.00 15.20 ? 463 LEU A O   1 
ATOM   180 C  CB  . LEU A 1 28 ? 0.440   0.194   7.589   1.00 15.89 ? 463 LEU A CB  1 
ATOM   181 C  CG  . LEU A 1 28 ? 0.184   -1.078  6.779   1.00 16.27 ? 463 LEU A CG  1 
ATOM   182 C  CD1 . LEU A 1 28 ? 0.611   -0.815  5.352   1.00 16.51 ? 463 LEU A CD1 1 
ATOM   183 C  CD2 . LEU A 1 28 ? 0.959   -2.271  7.371   1.00 17.53 ? 463 LEU A CD2 1 
ATOM   184 N  N   . ARG A 1 29 ? -0.402  2.331   10.253  1.00 15.14 ? 464 ARG A N   1 
ATOM   185 C  CA  . ARG A 1 29 ? 0.071   3.530   10.963  1.00 15.08 ? 464 ARG A CA  1 
ATOM   186 C  C   . ARG A 1 29 ? 0.992   4.377   10.098  1.00 14.99 ? 464 ARG A C   1 
ATOM   187 O  O   . ARG A 1 29 ? 2.024   4.908   10.572  1.00 15.51 ? 464 ARG A O   1 
ATOM   188 C  CB  . ARG A 1 29 ? 0.698   3.175   12.313  1.00 15.79 ? 464 ARG A CB  1 
ATOM   189 C  CG  . ARG A 1 29 ? -0.221  2.297   13.156  1.00 17.30 ? 464 ARG A CG  1 
ATOM   190 C  CD  . ARG A 1 29 ? 0.289   2.144   14.572  1.00 18.89 ? 464 ARG A CD  1 
ATOM   191 N  NE  . ARG A 1 29 ? 1.690   1.737   14.623  1.00 27.53 ? 464 ARG A NE  1 
ATOM   192 C  CZ  . ARG A 1 29 ? 2.151   0.514   14.360  1.00 19.07 ? 464 ARG A CZ  1 
ATOM   193 N  NH1 . ARG A 1 29 ? 1.327   -0.472  14.015  1.00 31.21 ? 464 ARG A NH1 1 
ATOM   194 N  NH2 . ARG A 1 29 ? 3.453   0.276   14.449  1.00 28.45 ? 464 ARG A NH2 1 
ATOM   195 N  N   . LEU A 1 30 ? 0.602   4.493   8.826   1.00 13.73 ? 465 LEU A N   1 
ATOM   196 C  CA  . LEU A 1 30 ? 1.344   5.256   7.837   1.00 13.81 ? 465 LEU A CA  1 
ATOM   197 C  C   . LEU A 1 30 ? 0.489   6.325   7.161   1.00 13.27 ? 465 LEU A C   1 
ATOM   198 O  O   . LEU A 1 30 ? 0.840   6.804   6.090   1.00 12.74 ? 465 LEU A O   1 
ATOM   199 C  CB  . LEU A 1 30 ? 1.946   4.316   6.787   1.00 13.88 ? 465 LEU A CB  1 
ATOM   200 C  CG  . LEU A 1 30 ? 3.029   3.388   7.329   1.00 15.49 ? 465 LEU A CG  1 
ATOM   201 C  CD1 . LEU A 1 30 ? 3.338   2.306   6.329   1.00 16.39 ? 465 LEU A CD1 1 
ATOM   202 C  CD2 . LEU A 1 30 ? 4.274   4.187   7.677   1.00 16.58 ? 465 LEU A CD2 1 
ATOM   203 N  N   . HIS A 1 31 ? -0.603  6.717   7.825   1.00 13.68 ? 466 HIS A N   1 
ATOM   204 C  CA  A HIS A 1 31 ? -1.533  7.694   7.257   0.25 13.80 ? 466 HIS A CA  1 
ATOM   205 C  CA  B HIS A 1 31 ? -1.540  7.705   7.277   0.25 13.59 ? 466 HIS A CA  1 
ATOM   206 C  C   . HIS A 1 31 ? -0.917  9.080   7.023   1.00 14.40 ? 466 HIS A C   1 
ATOM   207 O  O   . HIS A 1 31 ? -1.420  9.858   6.199   1.00 14.41 ? 466 HIS A O   1 
ATOM   208 C  CB  A HIS A 1 31 ? -2.871  7.765   8.032   0.25 13.59 ? 466 HIS A CB  1 
ATOM   209 C  CB  B HIS A 1 31 ? -2.768  7.854   8.179   0.25 13.16 ? 466 HIS A CB  1 
ATOM   210 C  CG  A HIS A 1 31 ? -2.754  7.570   9.518   0.25 12.90 ? 466 HIS A CG  1 
ATOM   211 C  CG  B HIS A 1 31 ? -3.828  8.739   7.603   0.25 11.41 ? 466 HIS A CG  1 
ATOM   212 N  ND1 A HIS A 1 31 ? -1.971  6.589   10.090  0.25 12.15 ? 466 HIS A ND1 1 
ATOM   213 N  ND1 B HIS A 1 31 ? -3.873  10.098  7.837   0.25 10.11 ? 466 HIS A ND1 1 
ATOM   214 C  CD2 A HIS A 1 31 ? -3.363  8.207   10.547  0.25 12.07 ? 466 HIS A CD2 1 
ATOM   215 C  CD2 B HIS A 1 31 ? -4.876  8.463   6.790   0.25 10.20 ? 466 HIS A CD2 1 
ATOM   216 C  CE1 A HIS A 1 31 ? -2.080  6.646   11.404  0.25 11.20 ? 466 HIS A CE1 1 
ATOM   217 C  CE1 B HIS A 1 31 ? -4.910  10.618  7.204   0.25 9.99  ? 466 HIS A CE1 1 
ATOM   218 N  NE2 A HIS A 1 31 ? -2.924  7.617   11.708  0.25 12.99 ? 466 HIS A NE2 1 
ATOM   219 N  NE2 B HIS A 1 31 ? -5.529  9.649   6.554   0.25 9.58  ? 466 HIS A NE2 1 
ATOM   220 N  N   . LYS A 1 32 ? 0.190   9.388   7.712   1.00 15.70 ? 467 LYS A N   1 
ATOM   221 C  CA  . LYS A 1 32 ? 0.819   10.698  7.481   1.00 18.07 ? 467 LYS A CA  1 
ATOM   222 C  C   . LYS A 1 32 ? 1.280   10.915  6.037   1.00 16.57 ? 467 LYS A C   1 
ATOM   223 O  O   . LYS A 1 32 ? 1.456   12.056  5.607   1.00 17.86 ? 467 LYS A O   1 
ATOM   224 C  CB  . LYS A 1 32 ? 1.928   11.016  8.496   1.00 18.16 ? 467 LYS A CB  1 
ATOM   225 C  CG  . LYS A 1 32 ? 2.937   9.915   8.734   1.00 20.10 ? 467 LYS A CG  1 
ATOM   226 C  CD  . LYS A 1 32 ? 3.656   10.163  10.076  1.00 17.17 ? 467 LYS A CD  1 
ATOM   227 C  CE  . LYS A 1 32 ? 4.131   8.866   10.730  1.00 31.22 ? 467 LYS A CE  1 
ATOM   228 N  NZ  . LYS A 1 32 ? 5.125   9.133   11.815  1.00 19.65 ? 467 LYS A NZ  1 
ATOM   229 N  N   . TYR A 1 33 ? 1.463   9.825   5.285   1.00 15.80 ? 468 TYR A N   1 
ATOM   230 C  CA  . TYR A 1 33 ? 1.851   9.901   3.885   1.00 15.65 ? 468 TYR A CA  1 
ATOM   231 C  C   . TYR A 1 33 ? 0.659   9.902   2.939   1.00 15.76 ? 468 TYR A C   1 
ATOM   232 O  O   . TYR A 1 33 ? 0.835   9.856   1.731   1.00 15.33 ? 468 TYR A O   1 
ATOM   233 C  CB  . TYR A 1 33 ? 2.809   8.757   3.541   1.00 15.38 ? 468 TYR A CB  1 
ATOM   234 C  CG  . TYR A 1 33 ? 3.961   8.677   4.523   1.00 14.95 ? 468 TYR A CG  1 
ATOM   235 C  CD1 . TYR A 1 33 ? 4.932   9.677   4.563   1.00 14.45 ? 468 TYR A CD1 1 
ATOM   236 C  CD2 . TYR A 1 33 ? 4.038   7.648   5.460   1.00 15.19 ? 468 TYR A CD2 1 
ATOM   237 C  CE1 . TYR A 1 33 ? 5.978   9.635   5.498   1.00 13.67 ? 468 TYR A CE1 1 
ATOM   238 C  CE2 . TYR A 1 33 ? 5.094   7.588   6.393   1.00 13.90 ? 468 TYR A CE2 1 
ATOM   239 C  CZ  . TYR A 1 33 ? 6.065   8.595   6.399   1.00 14.56 ? 468 TYR A CZ  1 
ATOM   240 O  OH  . TYR A 1 33 ? 7.104   8.555   7.311   1.00 15.58 ? 468 TYR A OH  1 
ATOM   241 N  N   . SER A 1 34 ? -0.552  9.972   3.491   1.00 17.07 ? 469 SER A N   1 
ATOM   242 C  CA  . SER A 1 34 ? -1.744  10.046  2.653   1.00 18.09 ? 469 SER A CA  1 
ATOM   243 C  C   . SER A 1 34 ? -1.737  11.262  1.719   1.00 18.38 ? 469 SER A C   1 
ATOM   244 O  O   . SER A 1 34 ? -2.229  11.183  0.587   1.00 18.87 ? 469 SER A O   1 
ATOM   245 C  CB  . SER A 1 34 ? -3.023  9.988   3.503   1.00 18.09 ? 469 SER A CB  1 
ATOM   246 O  OG  . SER A 1 34 ? -4.151  9.691   2.684   1.00 20.74 ? 469 SER A OG  1 
ATOM   247 N  N   . ASP A 1 35 ? -1.179  12.377  2.184   1.00 19.51 ? 470 ASP A N   1 
ATOM   248 C  CA  . ASP A 1 35 ? -1.092  13.603  1.376   1.00 20.85 ? 470 ASP A CA  1 
ATOM   249 C  C   . ASP A 1 35 ? -0.512  13.379  -0.032  1.00 20.91 ? 470 ASP A C   1 
ATOM   250 O  O   . ASP A 1 35 ? -1.011  13.928  -1.027  1.00 22.07 ? 470 ASP A O   1 
ATOM   251 C  CB  . ASP A 1 35 ? -0.312  14.711  2.132   1.00 21.76 ? 470 ASP A CB  1 
ATOM   252 C  CG  . ASP A 1 35 ? 1.152   14.333  2.446   1.00 23.06 ? 470 ASP A CG  1 
ATOM   253 O  OD1 . ASP A 1 35 ? 1.561   13.153  2.302   1.00 23.82 ? 470 ASP A OD1 1 
ATOM   254 O  OD2 . ASP A 1 35 ? 1.913   15.238  2.868   1.00 25.15 ? 470 ASP A OD2 1 
ATOM   255 N  N   . ALA A 1 36 ? 0.524   12.552  -0.113  1.00 20.39 ? 471 ALA A N   1 
ATOM   256 C  CA  . ALA A 1 36 ? 1.237   12.325  -1.363  1.00 20.62 ? 471 ALA A CA  1 
ATOM   257 C  C   . ALA A 1 36 ? 0.772   11.080  -2.093  1.00 20.41 ? 471 ALA A C   1 
ATOM   258 O  O   . ALA A 1 36 ? 1.033   10.924  -3.294  1.00 20.99 ? 471 ALA A O   1 
ATOM   259 C  CB  . ALA A 1 36 ? 2.733   12.230  -1.094  1.00 20.98 ? 471 ALA A CB  1 
ATOM   260 N  N   . LEU A 1 37 ? 0.100   10.182  -1.372  1.00 19.44 ? 472 LEU A N   1 
ATOM   261 C  CA  . LEU A 1 37 ? -0.196  8.861   -1.914  1.00 18.56 ? 472 LEU A CA  1 
ATOM   262 C  C   . LEU A 1 37 ? -1.680  8.565   -2.216  1.00 18.10 ? 472 LEU A C   1 
ATOM   263 O  O   . LEU A 1 37 ? -1.972  7.626   -2.969  1.00 18.83 ? 472 LEU A O   1 
ATOM   264 C  CB  . LEU A 1 37 ? 0.397   7.764   -1.009  1.00 18.27 ? 472 LEU A CB  1 
ATOM   265 C  CG  . LEU A 1 37 ? 1.925   7.711   -0.792  1.00 17.54 ? 472 LEU A CG  1 
ATOM   266 C  CD1 . LEU A 1 37 ? 2.320   6.627   0.185   1.00 15.67 ? 472 LEU A CD1 1 
ATOM   267 C  CD2 . LEU A 1 37 ? 2.724   7.556   -2.109  1.00 18.42 ? 472 LEU A CD2 1 
ATOM   268 N  N   . SER A 1 38 ? -2.591  9.368   -1.661  1.00 17.60 ? 473 SER A N   1 
ATOM   269 C  CA  . SER A 1 38 ? -4.047  9.064   -1.695  1.00 17.62 ? 473 SER A CA  1 
ATOM   270 C  C   . SER A 1 38 ? -4.666  9.085   -3.104  1.00 16.97 ? 473 SER A C   1 
ATOM   271 O  O   . SER A 1 38 ? -5.742  8.488   -3.331  1.00 17.15 ? 473 SER A O   1 
ATOM   272 C  CB  . SER A 1 38 ? -4.821  10.014  -0.772  1.00 17.50 ? 473 SER A CB  1 
ATOM   273 O  OG  . SER A 1 38 ? -5.014  11.272  -1.399  1.00 20.54 ? 473 SER A OG  1 
ATOM   274 N  N   . GLY A 1 39 ? -4.021  9.827   -4.010  1.00 16.41 ? 474 GLY A N   1 
ATOM   275 C  CA  . GLY A 1 39 ? -4.415  9.903   -5.429  1.00 15.60 ? 474 GLY A CA  1 
ATOM   276 C  C   . GLY A 1 39 ? -4.047  8.688   -6.270  1.00 15.21 ? 474 GLY A C   1 
ATOM   277 O  O   . GLY A 1 39 ? -4.591  8.475   -7.375  1.00 15.22 ? 474 GLY A O   1 
ATOM   278 N  N   . THR A 1 40 ? -3.097  7.895   -5.766  1.00 14.52 ? 475 THR A N   1 
ATOM   279 C  CA  . THR A 1 40 ? -2.559  6.771   -6.517  1.00 13.27 ? 475 THR A CA  1 
ATOM   280 C  C   . THR A 1 40 ? -3.403  5.508   -6.267  1.00 12.87 ? 475 THR A C   1 
ATOM   281 O  O   . THR A 1 40 ? -3.528  5.087   -5.110  1.00 11.48 ? 475 THR A O   1 
ATOM   282 C  CB  . THR A 1 40 ? -1.105  6.519   -6.098  1.00 13.36 ? 475 THR A CB  1 
ATOM   283 O  OG1 . THR A 1 40 ? -0.380  7.756   -6.144  1.00 14.69 ? 475 THR A OG1 1 
ATOM   284 C  CG2 . THR A 1 40 ? -0.438  5.520   -7.038  1.00 14.78 ? 475 THR A CG2 1 
ATOM   285 N  N   . PRO A 1 41 ? -3.976  4.906   -7.337  1.00 12.53 ? 476 PRO A N   1 
ATOM   286 C  CA  . PRO A 1 41 ? -4.823  3.727   -7.085  1.00 12.73 ? 476 PRO A CA  1 
ATOM   287 C  C   . PRO A 1 41 ? -3.955  2.559   -6.650  1.00 11.62 ? 476 PRO A C   1 
ATOM   288 O  O   . PRO A 1 41 ? -2.763  2.525   -6.996  1.00 11.62 ? 476 PRO A O   1 
ATOM   289 C  CB  . PRO A 1 41 ? -5.446  3.424   -8.451  1.00 13.56 ? 476 PRO A CB  1 
ATOM   290 C  CG  . PRO A 1 41 ? -4.450  3.930   -9.424  1.00 13.51 ? 476 PRO A CG  1 
ATOM   291 C  CD  . PRO A 1 41 ? -3.870  5.201   -8.776  1.00 13.41 ? 476 PRO A CD  1 
ATOM   292 N  N   . TRP A 1 42 ? -4.525  1.595   -5.934  1.00 10.95 ? 477 TRP A N   1 
ATOM   293 C  CA  . TRP A 1 42 ? -3.699  0.551   -5.311  1.00 10.83 ? 477 TRP A CA  1 
ATOM   294 C  C   . TRP A 1 42 ? -2.872  -0.235  -6.310  1.00 11.08 ? 477 TRP A C   1 
ATOM   295 O  O   . TRP A 1 42 ? -1.719  -0.575  -6.018  1.00 11.38 ? 477 TRP A O   1 
ATOM   296 C  CB  . TRP A 1 42 ? -4.537  -0.401  -4.445  1.00 11.01 ? 477 TRP A CB  1 
ATOM   297 C  CG  . TRP A 1 42 ? -5.446  -1.309  -5.217  1.00 10.91 ? 477 TRP A CG  1 
ATOM   298 C  CD1 . TRP A 1 42 ? -6.763  -1.070  -5.553  1.00 11.22 ? 477 TRP A CD1 1 
ATOM   299 C  CD2 . TRP A 1 42 ? -5.139  -2.626  -5.701  1.00 10.19 ? 477 TRP A CD2 1 
ATOM   300 N  NE1 . TRP A 1 42 ? -7.270  -2.147  -6.248  1.00 10.77 ? 477 TRP A NE1 1 
ATOM   301 C  CE2 . TRP A 1 42 ? -6.302  -3.119  -6.347  1.00 10.75 ? 477 TRP A CE2 1 
ATOM   302 C  CE3 . TRP A 1 42 ? -3.993  -3.434  -5.656  1.00 10.15 ? 477 TRP A CE3 1 
ATOM   303 C  CZ2 . TRP A 1 42 ? -6.353  -4.388  -6.933  1.00 10.95 ? 477 TRP A CZ2 1 
ATOM   304 C  CZ3 . TRP A 1 42 ? -4.032  -4.699  -6.266  1.00 11.58 ? 477 TRP A CZ3 1 
ATOM   305 C  CH2 . TRP A 1 42 ? -5.216  -5.161  -6.894  1.00 10.82 ? 477 TRP A CH2 1 
ATOM   306 N  N   . ILE A 1 43 ? -3.452  -0.484  -7.490  1.00 12.03 ? 478 ILE A N   1 
ATOM   307 C  CA  . ILE A 1 43 ? -2.798  -1.247  -8.565  1.00 13.90 ? 478 ILE A CA  1 
ATOM   308 C  C   . ILE A 1 43 ? -1.481  -0.610  -9.010  1.00 13.42 ? 478 ILE A C   1 
ATOM   309 O  O   . ILE A 1 43 ? -0.598  -1.318  -9.516  1.00 14.38 ? 478 ILE A O   1 
ATOM   310 C  CB  . ILE A 1 43 ? -3.725  -1.434  -9.823  1.00 14.04 ? 478 ILE A CB  1 
ATOM   311 C  CG1 . ILE A 1 43 ? -4.203  -0.078  -10.383 1.00 16.23 ? 478 ILE A CG1 1 
ATOM   312 C  CG2 . ILE A 1 43 ? -4.909  -2.313  -9.486  1.00 15.76 ? 478 ILE A CG2 1 
ATOM   313 C  CD1 . ILE A 1 43 ? -4.719  -0.106  -11.814 1.00 16.16 ? 478 ILE A CD1 1 
ATOM   314 N  N   . GLU A 1 44 ? -1.387  0.720   -8.855  1.00 12.38 ? 479 GLU A N   1 
ATOM   315 C  CA  . GLU A 1 44 ? -0.189  1.507   -9.176  1.00 13.08 ? 479 GLU A CA  1 
ATOM   316 C  C   . GLU A 1 44 ? 0.680   1.676   -7.922  1.00 12.39 ? 479 GLU A C   1 
ATOM   317 O  O   . GLU A 1 44 ? 1.918   1.501   -7.972  1.00 13.45 ? 479 GLU A O   1 
ATOM   318 C  CB  . GLU A 1 44 ? -0.611  2.868   -9.748  1.00 12.05 ? 479 GLU A CB  1 
ATOM   319 C  CG  . GLU A 1 44 ? 0.536   3.826   -10.073 1.00 14.22 ? 479 GLU A CG  1 
ATOM   320 C  CD  . GLU A 1 44 ? 0.041   5.134   -10.686 1.00 15.78 ? 479 GLU A CD  1 
ATOM   321 O  OE1 . GLU A 1 44 ? -1.078  5.139   -11.243 1.00 19.37 ? 479 GLU A OE1 1 
ATOM   322 O  OE2 . GLU A 1 44 ? 0.776   6.144   -10.604 1.00 20.68 ? 479 GLU A OE2 1 
ATOM   323 N  N   . LEU A 1 45 ? 0.028   2.024   -6.811  1.00 11.65 ? 480 LEU A N   1 
ATOM   324 C  CA  . LEU A 1 45 ? 0.679   2.251   -5.516  1.00 10.72 ? 480 LEU A CA  1 
ATOM   325 C  C   . LEU A 1 45 ? 1.643   1.105   -5.127  1.00 9.45  ? 480 LEU A C   1 
ATOM   326 O  O   . LEU A 1 45 ? 2.814   1.352   -4.729  1.00 10.22 ? 480 LEU A O   1 
ATOM   327 C  CB  . LEU A 1 45 ? -0.379  2.430   -4.412  1.00 11.98 ? 480 LEU A CB  1 
ATOM   328 C  CG  . LEU A 1 45 ? 0.213   2.825   -3.053  1.00 12.29 ? 480 LEU A CG  1 
ATOM   329 C  CD1 . LEU A 1 45 ? 0.796   4.233   -3.063  1.00 14.08 ? 480 LEU A CD1 1 
ATOM   330 C  CD2 . LEU A 1 45 ? -0.850  2.679   -1.972  1.00 14.72 ? 480 LEU A CD2 1 
ATOM   331 N  N   . ILE A 1 46 ? 1.172   -0.137  -5.247  1.00 8.40  ? 481 ILE A N   1 
ATOM   332 C  CA  . ILE A 1 46 ? 1.944   -1.268  -4.698  1.00 8.08  ? 481 ILE A CA  1 
ATOM   333 C  C   . ILE A 1 46 ? 3.237   -1.550  -5.449  1.00 8.97  ? 481 ILE A C   1 
ATOM   334 O  O   . ILE A 1 46 ? 4.107   -2.264  -4.925  1.00 8.56  ? 481 ILE A O   1 
ATOM   335 C  CB  . ILE A 1 46 ? 1.121   -2.575  -4.591  1.00 8.36  ? 481 ILE A CB  1 
ATOM   336 C  CG1 . ILE A 1 46 ? 0.754   -3.107  -5.980  1.00 7.91  ? 481 ILE A CG1 1 
ATOM   337 C  CG2 . ILE A 1 46 ? -0.092  -2.348  -3.658  1.00 8.25  ? 481 ILE A CG2 1 
ATOM   338 C  CD1 . ILE A 1 46 ? -0.127  -4.347  -5.960  1.00 9.57  ? 481 ILE A CD1 1 
ATOM   339 N  N   . TYR A 1 47 ? 3.358   -0.997  -6.647  1.00 9.41  ? 482 TYR A N   1 
ATOM   340 C  CA  . TYR A 1 47 ? 4.557   -1.197  -7.452  1.00 10.61 ? 482 TYR A CA  1 
ATOM   341 C  C   . TYR A 1 47 ? 5.567   -0.069  -7.313  1.00 10.93 ? 482 TYR A C   1 
ATOM   342 O  O   . TYR A 1 47 ? 6.627   -0.134  -7.928  1.00 11.13 ? 482 TYR A O   1 
ATOM   343 C  CB  . TYR A 1 47 ? 4.216   -1.432  -8.913  1.00 11.11 ? 482 TYR A CB  1 
ATOM   344 C  CG  . TYR A 1 47 ? 3.634   -2.812  -9.141  1.00 11.42 ? 482 TYR A CG  1 
ATOM   345 C  CD1 . TYR A 1 47 ? 4.464   -3.947  -9.231  1.00 12.07 ? 482 TYR A CD1 1 
ATOM   346 C  CD2 . TYR A 1 47 ? 2.257   -2.989  -9.214  1.00 11.40 ? 482 TYR A CD2 1 
ATOM   347 C  CE1 . TYR A 1 47 ? 3.930   -5.216  -9.412  1.00 12.91 ? 482 TYR A CE1 1 
ATOM   348 C  CE2 . TYR A 1 47 ? 1.707   -4.264  -9.408  1.00 13.41 ? 482 TYR A CE2 1 
ATOM   349 C  CZ  . TYR A 1 47 ? 2.533   -5.362  -9.522  1.00 13.17 ? 482 TYR A CZ  1 
ATOM   350 O  OH  . TYR A 1 47 ? 1.979   -6.614  -9.696  1.00 13.80 ? 482 TYR A OH  1 
ATOM   351 N  N   . LEU A 1 48 ? 5.252   0.952   -6.507  1.00 11.04 ? 483 LEU A N   1 
ATOM   352 C  CA  . LEU A 1 48 ? 6.215   2.053   -6.298  1.00 11.34 ? 483 LEU A CA  1 
ATOM   353 C  C   . LEU A 1 48 ? 7.481   1.508   -5.647  1.00 11.34 ? 483 LEU A C   1 
ATOM   354 O  O   . LEU A 1 48 ? 7.430   0.568   -4.850  1.00 11.48 ? 483 LEU A O   1 
ATOM   355 C  CB  . LEU A 1 48 ? 5.638   3.158   -5.422  1.00 11.47 ? 483 LEU A CB  1 
ATOM   356 C  CG  . LEU A 1 48 ? 4.469   4.002   -5.932  1.00 13.85 ? 483 LEU A CG  1 
ATOM   357 C  CD1 . LEU A 1 48 ? 4.194   5.120   -4.936  1.00 16.15 ? 483 LEU A CD1 1 
ATOM   358 C  CD2 . LEU A 1 48 ? 4.716   4.552   -7.364  1.00 15.30 ? 483 LEU A CD2 1 
ATOM   359 N  N   . ASP A 1 49 ? 8.624   2.068   -6.020  1.00 11.23 ? 484 ASP A N   1 
ATOM   360 C  CA  . ASP A 1 49 ? 9.879   1.604   -5.435  1.00 11.80 ? 484 ASP A CA  1 
ATOM   361 C  C   . ASP A 1 49 ? 10.400  2.543   -4.333  1.00 11.04 ? 484 ASP A C   1 
ATOM   362 O  O   . ASP A 1 49 ? 9.808   3.594   -4.049  1.00 10.06 ? 484 ASP A O   1 
ATOM   363 C  CB  . ASP A 1 49 ? 10.935  1.344   -6.532  1.00 12.36 ? 484 ASP A CB  1 
ATOM   364 C  CG  . ASP A 1 49 ? 11.294  2.584   -7.321  1.00 15.22 ? 484 ASP A CG  1 
ATOM   365 O  OD1 . ASP A 1 49 ? 10.939  3.700   -6.890  1.00 15.76 ? 484 ASP A OD1 1 
ATOM   366 O  OD2 . ASP A 1 49 ? 11.953  2.442   -8.372  1.00 18.84 ? 484 ASP A OD2 1 
ATOM   367 N  N   . ASP A 1 50 ? 11.493  2.132   -3.692  1.00 10.82 ? 485 ASP A N   1 
ATOM   368 C  CA  . ASP A 1 50 ? 12.068  2.858   -2.585  1.00 10.37 ? 485 ASP A CA  1 
ATOM   369 C  C   . ASP A 1 50 ? 12.371  4.311   -2.971  1.00 10.84 ? 485 ASP A C   1 
ATOM   370 O  O   . ASP A 1 50 ? 12.051  5.244   -2.201  1.00 11.25 ? 485 ASP A O   1 
ATOM   371 C  CB  . ASP A 1 50 ? 13.349  2.165   -2.104  1.00 11.10 ? 485 ASP A CB  1 
ATOM   372 C  CG  . ASP A 1 50 ? 14.015  2.932   -0.985  1.00 12.55 ? 485 ASP A CG  1 
ATOM   373 O  OD1 . ASP A 1 50 ? 13.466  2.934   0.142   1.00 13.16 ? 485 ASP A OD1 1 
ATOM   374 O  OD2 . ASP A 1 50 ? 15.085  3.558   -1.241  1.00 17.30 ? 485 ASP A OD2 1 
ATOM   375 N  N   . GLU A 1 51 ? 12.952  4.484   -4.166  1.00 11.65 ? 486 GLU A N   1 
ATOM   376 C  CA  . GLU A 1 51 ? 13.412  5.797   -4.624  1.00 11.39 ? 486 GLU A CA  1 
ATOM   377 C  C   . GLU A 1 51 ? 12.210  6.715   -4.834  1.00 11.37 ? 486 GLU A C   1 
ATOM   378 O  O   . GLU A 1 51 ? 12.235  7.888   -4.448  1.00 10.86 ? 486 GLU A O   1 
ATOM   379 C  CB  . GLU A 1 51 ? 14.172  5.668   -5.932  1.00 13.02 ? 486 GLU A CB  1 
ATOM   380 C  CG  . GLU A 1 51 ? 14.525  7.002   -6.530  1.00 15.89 ? 486 GLU A CG  1 
ATOM   381 C  CD  . GLU A 1 51 ? 15.308  6.846   -7.812  1.00 20.65 ? 486 GLU A CD  1 
ATOM   382 O  OE1 . GLU A 1 51 ? 16.067  5.854   -7.922  1.00 20.39 ? 486 GLU A OE1 1 
ATOM   383 O  OE2 . GLU A 1 51 ? 15.146  7.699   -8.705  1.00 23.53 ? 486 GLU A OE2 1 
ATOM   384 N  N   . THR A 1 52 ? 11.155  6.157   -5.429  1.00 10.49 ? 487 THR A N   1 
ATOM   385 C  CA  . THR A 1 52 ? 9.955   6.940   -5.707  1.00 11.12 ? 487 THR A CA  1 
ATOM   386 C  C   . THR A 1 52 ? 9.250   7.339   -4.403  1.00 10.96 ? 487 THR A C   1 
ATOM   387 O  O   . THR A 1 52 ? 8.836   8.500   -4.242  1.00 11.37 ? 487 THR A O   1 
ATOM   388 C  CB  . THR A 1 52 ? 9.007   6.198   -6.668  1.00 11.23 ? 487 THR A CB  1 
ATOM   389 O  OG1 . THR A 1 52 ? 9.687   5.921   -7.895  1.00 11.97 ? 487 THR A OG1 1 
ATOM   390 C  CG2 . THR A 1 52 ? 7.774   7.039   -6.963  1.00 11.56 ? 487 THR A CG2 1 
ATOM   391 N  N   . LEU A 1 53 ? 9.133   6.388   -3.462  1.00 10.98 ? 488 LEU A N   1 
ATOM   392 C  CA  . LEU A 1 53 ? 8.583   6.686   -2.143  1.00 10.48 ? 488 LEU A CA  1 
ATOM   393 C  C   . LEU A 1 53 ? 9.331   7.830   -1.458  1.00 11.12 ? 488 LEU A C   1 
ATOM   394 O  O   . LEU A 1 53 ? 8.701   8.724   -0.902  1.00 10.51 ? 488 LEU A O   1 
ATOM   395 C  CB  . LEU A 1 53 ? 8.561   5.443   -1.254  1.00 10.70 ? 488 LEU A CB  1 
ATOM   396 C  CG  . LEU A 1 53 ? 7.591   4.333   -1.705  1.00 9.69  ? 488 LEU A CG  1 
ATOM   397 C  CD1 . LEU A 1 53 ? 7.842   3.122   -0.850  1.00 9.12  ? 488 LEU A CD1 1 
ATOM   398 C  CD2 . LEU A 1 53 ? 6.120   4.804   -1.544  1.00 10.62 ? 488 LEU A CD2 1 
ATOM   399 N  N   . GLU A 1 54 ? 10.674  7.808   -1.499  1.00 11.02 ? 489 GLU A N   1 
ATOM   400 C  CA  . GLU A 1 54 ? 11.447  8.867   -0.841  1.00 12.80 ? 489 GLU A CA  1 
ATOM   401 C  C   . GLU A 1 54 ? 11.166  10.204  -1.532  1.00 12.45 ? 489 GLU A C   1 
ATOM   402 O  O   . GLU A 1 54 ? 10.958  11.226  -0.878  1.00 13.28 ? 489 GLU A O   1 
ATOM   403 C  CB  . GLU A 1 54 ? 12.952  8.581   -0.873  1.00 13.12 ? 489 GLU A CB  1 
ATOM   404 C  CG  . GLU A 1 54 ? 13.691  9.414   0.162   1.00 13.88 ? 489 GLU A CG  1 
ATOM   405 C  CD  . GLU A 1 54 ? 15.199  9.151   0.215   1.00 15.64 ? 489 GLU A CD  1 
ATOM   406 O  OE1 . GLU A 1 54 ? 15.672  8.177   -0.408  1.00 20.03 ? 489 GLU A OE1 1 
ATOM   407 O  OE2 . GLU A 1 54 ? 15.896  9.936   0.889   1.00 19.59 ? 489 GLU A OE2 1 
ATOM   408 N  N   . LYS A 1 55 ? 11.139  10.176  -2.859  1.00 12.47 ? 490 LYS A N   1 
ATOM   409 C  CA  . LYS A 1 55 ? 10.904  11.378  -3.654  1.00 12.47 ? 490 LYS A CA  1 
ATOM   410 C  C   . LYS A 1 55 ? 9.500   11.948  -3.418  1.00 13.45 ? 490 LYS A C   1 
ATOM   411 O  O   . LYS A 1 55 ? 9.260   13.149  -3.621  1.00 13.70 ? 490 LYS A O   1 
ATOM   412 C  CB  . LYS A 1 55 ? 11.184  11.097  -5.126  1.00 12.72 ? 490 LYS A CB  1 
ATOM   413 C  CG  . LYS A 1 55 ? 12.690  11.000  -5.422  1.00 12.59 ? 490 LYS A CG  1 
ATOM   414 C  CD  . LYS A 1 55 ? 13.018  10.634  -6.868  1.00 13.32 ? 490 LYS A CD  1 
ATOM   415 C  CE  . LYS A 1 55 ? 14.514  10.734  -7.119  1.00 14.91 ? 490 LYS A CE  1 
ATOM   416 N  NZ  . LYS A 1 55 ? 14.925  10.287  -8.497  1.00 17.50 ? 490 LYS A NZ  1 
ATOM   417 N  N   . LYS A 1 56 ? 8.574   11.075  -3.006  1.00 13.37 ? 491 LYS A N   1 
ATOM   418 C  CA  . LYS A 1 56 ? 7.195   11.493  -2.703  1.00 14.92 ? 491 LYS A CA  1 
ATOM   419 C  C   . LYS A 1 56 ? 7.003   11.934  -1.251  1.00 14.48 ? 491 LYS A C   1 
ATOM   420 O  O   . LYS A 1 56 ? 5.896   12.297  -0.841  1.00 16.11 ? 491 LYS A O   1 
ATOM   421 C  CB  . LYS A 1 56 ? 6.199   10.388  -3.101  1.00 13.72 ? 491 LYS A CB  1 
ATOM   422 C  CG  . LYS A 1 56 ? 5.943   10.370  -4.639  1.00 16.28 ? 491 LYS A CG  1 
ATOM   423 C  CD  . LYS A 1 56 ? 5.025   9.244   -5.116  1.00 17.66 ? 491 LYS A CD  1 
ATOM   424 C  CE  . LYS A 1 56 ? 3.527   9.592   -5.020  1.00 24.36 ? 491 LYS A CE  1 
ATOM   425 N  NZ  . LYS A 1 56 ? 3.106   10.798  -5.824  1.00 25.47 ? 491 LYS A NZ  1 
ATOM   426 N  N   . GLY A 1 57 ? 8.074   11.926  -0.462  1.00 12.82 ? 492 GLY A N   1 
ATOM   427 C  CA  . GLY A 1 57 ? 7.992   12.432  0.902   1.00 12.68 ? 492 GLY A CA  1 
ATOM   428 C  C   . GLY A 1 57 ? 8.066   11.408  2.013   1.00 11.90 ? 492 GLY A C   1 
ATOM   429 O  O   . GLY A 1 57 ? 7.932   11.752  3.189   1.00 11.42 ? 492 GLY A O   1 
ATOM   430 N  N   . VAL A 1 58 ? 8.239   10.135  1.659   1.00 11.07 ? 493 VAL A N   1 
ATOM   431 C  CA  . VAL A 1 58 ? 8.408   9.139   2.697   1.00 11.21 ? 493 VAL A CA  1 
ATOM   432 C  C   . VAL A 1 58 ? 9.906   9.129   3.030   1.00 11.35 ? 493 VAL A C   1 
ATOM   433 O  O   . VAL A 1 58 ? 10.669  8.316   2.513   1.00 11.77 ? 493 VAL A O   1 
ATOM   434 C  CB  . VAL A 1 58 ? 7.896   7.744   2.286   1.00 10.98 ? 493 VAL A CB  1 
ATOM   435 C  CG1 . VAL A 1 58 ? 7.860   6.851   3.535   1.00 11.93 ? 493 VAL A CG1 1 
ATOM   436 C  CG2 . VAL A 1 58 ? 6.496   7.852   1.613   1.00 9.89  ? 493 VAL A CG2 1 
ATOM   437 N  N   . LEU A 1 59 ? 10.311  10.077  3.866   1.00 11.97 ? 494 LEU A N   1 
ATOM   438 C  CA  . LEU A 1 59 ? 11.729  10.301  4.136   1.00 12.47 ? 494 LEU A CA  1 
ATOM   439 C  C   . LEU A 1 59 ? 12.347  9.263   5.080   1.00 12.52 ? 494 LEU A C   1 
ATOM   440 O  O   . LEU A 1 59 ? 13.583  9.066   5.080   1.00 13.19 ? 494 LEU A O   1 
ATOM   441 C  CB  . LEU A 1 59 ? 11.919  11.709  4.715   1.00 13.06 ? 494 LEU A CB  1 
ATOM   442 C  CG  . LEU A 1 59 ? 11.313  12.867  3.923   1.00 13.74 ? 494 LEU A CG  1 
ATOM   443 C  CD1 . LEU A 1 59 ? 11.664  14.152  4.658   1.00 15.15 ? 494 LEU A CD1 1 
ATOM   444 C  CD2 . LEU A 1 59 ? 11.788  12.909  2.440   1.00 15.02 ? 494 LEU A CD2 1 
ATOM   445 N  N   . ALA A 1 60 ? 11.528  8.659   5.943   1.00 12.29 ? 495 ALA A N   1 
ATOM   446 C  CA  . ALA A 1 60 ? 12.057  7.698   6.913   1.00 11.77 ? 495 ALA A CA  1 
ATOM   447 C  C   . ALA A 1 60 ? 12.288  6.318   6.268   1.00 11.26 ? 495 ALA A C   1 
ATOM   448 O  O   . ALA A 1 60 ? 11.344  5.679   5.738   1.00 10.38 ? 495 ALA A O   1 
ATOM   449 C  CB  . ALA A 1 60 ? 11.140  7.576   8.125   1.00 12.65 ? 495 ALA A CB  1 
ATOM   450 N  N   . LEU A 1 61 ? 13.530  5.838   6.358   1.00 11.55 ? 496 LEU A N   1 
ATOM   451 C  CA  . LEU A 1 61 ? 13.891  4.503   5.880   1.00 11.07 ? 496 LEU A CA  1 
ATOM   452 C  C   . LEU A 1 61 ? 12.942  3.425   6.391   1.00 10.94 ? 496 LEU A C   1 
ATOM   453 O  O   . LEU A 1 61 ? 12.511  2.581   5.605   1.00 12.22 ? 496 LEU A O   1 
ATOM   454 C  CB  . LEU A 1 61 ? 15.309  4.143   6.331   1.00 11.31 ? 496 LEU A CB  1 
ATOM   455 C  CG  . LEU A 1 61 ? 15.865  2.781   5.904   1.00 11.74 ? 496 LEU A CG  1 
ATOM   456 C  CD1 . LEU A 1 61 ? 15.905  2.579   4.392   1.00 13.49 ? 496 LEU A CD1 1 
ATOM   457 C  CD2 . LEU A 1 61 ? 17.249  2.635   6.497   1.00 14.05 ? 496 LEU A CD2 1 
ATOM   458 N  N   . GLY A 1 62 ? 12.629  3.463   7.690   1.00 11.24 ? 497 GLY A N   1 
ATOM   459 C  CA  . GLY A 1 62 ? 11.708  2.487   8.315   1.00 10.63 ? 497 GLY A CA  1 
ATOM   460 C  C   . GLY A 1 62 ? 10.340  2.454   7.654   1.00 11.23 ? 497 GLY A C   1 
ATOM   461 O  O   . GLY A 1 62 ? 9.768   1.374   7.388   1.00 11.69 ? 497 GLY A O   1 
ATOM   462 N  N   . ALA A 1 63 ? 9.839   3.646   7.362   1.00 11.29 ? 498 ALA A N   1 
ATOM   463 C  CA  . ALA A 1 63 ? 8.518   3.805   6.763   1.00 11.19 ? 498 ALA A CA  1 
ATOM   464 C  C   . ALA A 1 63 ? 8.533   3.250   5.340   1.00 11.19 ? 498 ALA A C   1 
ATOM   465 O  O   . ALA A 1 63 ? 7.627   2.504   4.959   1.00 10.87 ? 498 ALA A O   1 
ATOM   466 C  CB  . ALA A 1 63 ? 8.104   5.268   6.793   1.00 11.72 ? 498 ALA A CB  1 
ATOM   467 N  N   . ARG A 1 64 ? 9.581   3.565   4.559   1.00 9.98  ? 499 ARG A N   1 
ATOM   468 C  CA  . ARG A 1 64 ? 9.676   3.026   3.202   1.00 10.02 ? 499 ARG A CA  1 
ATOM   469 C  C   . ARG A 1 64 ? 9.743   1.515   3.252   1.00 10.32 ? 499 ARG A C   1 
ATOM   470 O  O   . ARG A 1 64 ? 9.104   0.848   2.430   1.00 10.00 ? 499 ARG A O   1 
ATOM   471 C  CB  . ARG A 1 64 ? 10.841  3.599   2.388   1.00 10.79 ? 499 ARG A CB  1 
ATOM   472 C  CG  . ARG A 1 64 ? 10.776  5.096   2.238   1.00 11.05 ? 499 ARG A CG  1 
ATOM   473 C  CD  . ARG A 1 64 ? 11.782  5.585   1.181   1.00 11.12 ? 499 ARG A CD  1 
ATOM   474 N  NE  . ARG A 1 64 ? 13.173  5.248   1.520   1.00 12.41 ? 499 ARG A NE  1 
ATOM   475 C  CZ  . ARG A 1 64 ? 13.953  5.989   2.303   1.00 9.68  ? 499 ARG A CZ  1 
ATOM   476 N  NH1 . ARG A 1 64 ? 13.472  7.103   2.849   1.00 15.10 ? 499 ARG A NH1 1 
ATOM   477 N  NH2 . ARG A 1 64 ? 15.204  5.600   2.569   1.00 15.26 ? 499 ARG A NH2 1 
ATOM   478 N  N   . ARG A 1 65 ? 10.483  0.972   4.220   1.00 9.56  ? 500 ARG A N   1 
ATOM   479 C  CA  . ARG A 1 65 ? 10.645  -0.488  4.300   1.00 9.42  ? 500 ARG A CA  1 
ATOM   480 C  C   . ARG A 1 65 ? 9.315   -1.149  4.647   1.00 9.76  ? 500 ARG A C   1 
ATOM   481 O  O   . ARG A 1 65 ? 8.999   -2.222  4.115   1.00 10.45 ? 500 ARG A O   1 
ATOM   482 C  CB  . ARG A 1 65 ? 11.710  -0.862  5.317   1.00 9.44  ? 500 ARG A CB  1 
ATOM   483 C  CG  . ARG A 1 65 ? 13.097  -0.518  4.826   1.00 9.41  ? 500 ARG A CG  1 
ATOM   484 C  CD  . ARG A 1 65 ? 14.101  -0.630  5.935   1.00 12.64 ? 500 ARG A CD  1 
ATOM   485 N  NE  . ARG A 1 65 ? 15.443  -0.818  5.378   1.00 13.62 ? 500 ARG A NE  1 
ATOM   486 C  CZ  . ARG A 1 65 ? 16.542  -0.948  6.114   1.00 14.99 ? 500 ARG A CZ  1 
ATOM   487 N  NH1 . ARG A 1 65 ? 16.474  -0.849  7.447   1.00 14.06 ? 500 ARG A NH1 1 
ATOM   488 N  NH2 . ARG A 1 65 ? 17.709  -1.148  5.498   1.00 15.29 ? 500 ARG A NH2 1 
ATOM   489 N  N   . LYS A 1 66 ? 8.548   -0.506  5.528   1.00 9.66  ? 501 LYS A N   1 
ATOM   490 C  CA  . LYS A 1 66 ? 7.268   -1.089  5.951   1.00 10.22 ? 501 LYS A CA  1 
ATOM   491 C  C   . LYS A 1 66 ? 6.270   -1.054  4.790   1.00 10.27 ? 501 LYS A C   1 
ATOM   492 O  O   . LYS A 1 66 ? 5.565   -2.043  4.513   1.00 10.44 ? 501 LYS A O   1 
ATOM   493 C  CB  . LYS A 1 66 ? 6.726   -0.344  7.178   1.00 10.05 ? 501 LYS A CB  1 
ATOM   494 C  CG  . LYS A 1 66 ? 5.463   -0.949  7.753   1.00 11.92 ? 501 LYS A CG  1 
ATOM   495 C  CD  . LYS A 1 66 ? 5.108   -0.258  9.074   1.00 12.79 ? 501 LYS A CD  1 
ATOM   496 C  CE  . LYS A 1 66 ? 3.897   -0.915  9.757   1.00 16.00 ? 501 LYS A CE  1 
ATOM   497 N  NZ  . LYS A 1 66 ? 3.691   -0.338  11.128  1.00 19.00 ? 501 LYS A NZ  1 
ATOM   498 N  N   . LEU A 1 67 ? 6.237   0.073   4.083   1.00 8.92  ? 502 LEU A N   1 
ATOM   499 C  CA  . LEU A 1 67 ? 5.389   0.177   2.879   1.00 9.89  ? 502 LEU A CA  1 
ATOM   500 C  C   . LEU A 1 67 ? 5.774   -0.877  1.849   1.00 9.59  ? 502 LEU A C   1 
ATOM   501 O  O   . LEU A 1 67 ? 4.917   -1.612  1.374   1.00 10.55 ? 502 LEU A O   1 
ATOM   502 C  CB  . LEU A 1 67 ? 5.508   1.561   2.265   1.00 9.95  ? 502 LEU A CB  1 
ATOM   503 C  CG  . LEU A 1 67 ? 4.738   2.681   2.957   1.00 9.71  ? 502 LEU A CG  1 
ATOM   504 C  CD1 . LEU A 1 67 ? 5.044   4.000   2.281   1.00 12.85 ? 502 LEU A CD1 1 
ATOM   505 C  CD2 . LEU A 1 67 ? 3.217   2.400   2.853   1.00 9.65  ? 502 LEU A CD2 1 
ATOM   506 N  N   . LEU A 1 68 ? 7.067   -0.997  1.545   1.00 9.79  ? 503 LEU A N   1 
ATOM   507 C  CA  . LEU A 1 68 ? 7.504   -1.937  0.512   1.00 9.19  ? 503 LEU A CA  1 
ATOM   508 C  C   . LEU A 1 68 ? 7.221   -3.397  0.916   1.00 10.20 ? 503 LEU A C   1 
ATOM   509 O  O   . LEU A 1 68 ? 6.907   -4.223  0.047   1.00 10.16 ? 503 LEU A O   1 
ATOM   510 C  CB  . LEU A 1 68 ? 8.996   -1.724  0.183   1.00 10.20 ? 503 LEU A CB  1 
ATOM   511 C  CG  . LEU A 1 68 ? 9.236   -0.382  -0.520  1.00 8.78  ? 503 LEU A CG  1 
ATOM   512 C  CD1 . LEU A 1 68 ? 10.696  0.035   -0.279  1.00 9.80  ? 503 LEU A CD1 1 
ATOM   513 C  CD2 . LEU A 1 68 ? 8.903   -0.439  -2.007  1.00 9.38  ? 503 LEU A CD2 1 
ATOM   514 N  N   . LYS A 1 69 ? 7.279   -3.689  2.220   1.00 9.39  ? 504 LYS A N   1 
ATOM   515 C  CA  . LYS A 1 69 ? 6.919   -5.030  2.728   1.00 10.08 ? 504 LYS A CA  1 
ATOM   516 C  C   . LYS A 1 69 ? 5.431   -5.285  2.514   1.00 10.40 ? 504 LYS A C   1 
ATOM   517 O  O   . LYS A 1 69 ? 5.057   -6.342  1.995   1.00 11.34 ? 504 LYS A O   1 
ATOM   518 C  CB  . LYS A 1 69 ? 7.242   -5.201  4.204   1.00 10.47 ? 504 LYS A CB  1 
ATOM   519 C  CG  . LYS A 1 69 ? 6.919   -6.599  4.731   1.00 13.45 ? 504 LYS A CG  1 
ATOM   520 C  CD  . LYS A 1 69 ? 7.131   -6.707  6.224   1.00 16.43 ? 504 LYS A CD  1 
ATOM   521 C  CE  . LYS A 1 69 ? 6.525   -7.995  6.780   1.00 19.79 ? 504 LYS A CE  1 
ATOM   522 N  NZ  . LYS A 1 69 ? 7.386   -9.163  6.443   1.00 21.73 ? 504 LYS A NZ  1 
ATOM   523 N  N   . ALA A 1 70 ? 4.603   -4.327  2.917   1.00 10.16 ? 505 ALA A N   1 
ATOM   524 C  CA  . ALA A 1 70 ? 3.145   -4.448  2.702   1.00 9.91  ? 505 ALA A CA  1 
ATOM   525 C  C   . ALA A 1 70 ? 2.837   -4.593  1.202   1.00 9.65  ? 505 ALA A C   1 
ATOM   526 O  O   . ALA A 1 70 ? 2.077   -5.473  0.777   1.00 9.83  ? 505 ALA A O   1 
ATOM   527 C  CB  . ALA A 1 70 ? 2.442   -3.247  3.263   1.00 10.48 ? 505 ALA A CB  1 
ATOM   528 N  N   . PHE A 1 71 ? 3.434   -3.724  0.388   1.00 9.16  ? 506 PHE A N   1 
ATOM   529 C  CA  . PHE A 1 71 ? 3.264   -3.792  -1.058  1.00 9.46  ? 506 PHE A CA  1 
ATOM   530 C  C   . PHE A 1 71 ? 3.573   -5.196  -1.590  1.00 9.52  ? 506 PHE A C   1 
ATOM   531 O  O   . PHE A 1 71 ? 2.836   -5.742  -2.393  1.00 10.41 ? 506 PHE A O   1 
ATOM   532 C  CB  . PHE A 1 71 ? 4.199   -2.817  -1.766  1.00 9.65  ? 506 PHE A CB  1 
ATOM   533 C  CG  . PHE A 1 71 ? 3.867   -1.366  -1.577  1.00 9.40  ? 506 PHE A CG  1 
ATOM   534 C  CD1 . PHE A 1 71 ? 2.688   -0.952  -0.971  1.00 8.73  ? 506 PHE A CD1 1 
ATOM   535 C  CD2 . PHE A 1 71 ? 4.749   -0.387  -2.072  1.00 8.33  ? 506 PHE A CD2 1 
ATOM   536 C  CE1 . PHE A 1 71 ? 2.382   0.401   -0.844  1.00 9.83  ? 506 PHE A CE1 1 
ATOM   537 C  CE2 . PHE A 1 71 ? 4.448   0.964   -1.933  1.00 8.63  ? 506 PHE A CE2 1 
ATOM   538 C  CZ  . PHE A 1 71 ? 3.271   1.361   -1.316  1.00 8.94  ? 506 PHE A CZ  1 
ATOM   539 N  N   . GLY A 1 72 ? 4.706   -5.757  -1.160  1.00 9.34  ? 507 GLY A N   1 
ATOM   540 C  CA  . GLY A 1 72 ? 5.118   -7.091  -1.608  1.00 9.30  ? 507 GLY A CA  1 
ATOM   541 C  C   . GLY A 1 72 ? 4.081   -8.171  -1.367  1.00 9.49  ? 507 GLY A C   1 
ATOM   542 O  O   . GLY A 1 72 ? 3.852   -9.042  -2.227  1.00 9.64  ? 507 GLY A O   1 
ATOM   543 N  N   . ILE A 1 73 ? 3.452   -8.108  -0.199  1.00 8.77  ? 508 ILE A N   1 
ATOM   544 C  CA  . ILE A 1 73 ? 2.374   -9.067  0.142   1.00 9.93  ? 508 ILE A CA  1 
ATOM   545 C  C   . ILE A 1 73 ? 1.199   -8.899  -0.840  1.00 10.41 ? 508 ILE A C   1 
ATOM   546 O  O   . ILE A 1 73 ? 0.640   -9.893  -1.363  1.00 10.79 ? 508 ILE A O   1 
ATOM   547 C  CB  . ILE A 1 73 ? 1.929   -8.889  1.611   1.00 10.26 ? 508 ILE A CB  1 
ATOM   548 C  CG1 . ILE A 1 73 ? 3.094   -9.284  2.564   1.00 10.81 ? 508 ILE A CG1 1 
ATOM   549 C  CG2 . ILE A 1 73 ? 0.638   -9.693  1.906   1.00 9.99  ? 508 ILE A CG2 1 
ATOM   550 C  CD1 . ILE A 1 73 ? 2.943   -8.872  3.994   1.00 12.02 ? 508 ILE A CD1 1 
ATOM   551 N  N   . VAL A 1 74 ? 0.815   -7.652  -1.086  1.00 10.30 ? 509 VAL A N   1 
ATOM   552 C  CA  . VAL A 1 74 ? -0.298  -7.396  -2.033  1.00 10.55 ? 509 VAL A CA  1 
ATOM   553 C  C   . VAL A 1 74 ? 0.076   -7.854  -3.464  1.00 10.53 ? 509 VAL A C   1 
ATOM   554 O  O   . VAL A 1 74 ? -0.702  -8.520  -4.157  1.00 11.15 ? 509 VAL A O   1 
ATOM   555 C  CB  . VAL A 1 74 ? -0.767  -5.926  -1.993  1.00 10.80 ? 509 VAL A CB  1 
ATOM   556 C  CG1 . VAL A 1 74 ? -1.903  -5.679  -3.014  1.00 10.45 ? 509 VAL A CG1 1 
ATOM   557 C  CG2 . VAL A 1 74 ? -1.167  -5.511  -0.553  1.00 10.81 ? 509 VAL A CG2 1 
ATOM   558 N  N   . ILE A 1 75 ? 1.296   -7.536  -3.891  1.00 9.63  ? 510 ILE A N   1 
ATOM   559 C  CA  . ILE A 1 75 ? 1.774   -7.964  -5.203  1.00 9.27  ? 510 ILE A CA  1 
ATOM   560 C  C   . ILE A 1 75 ? 1.686   -9.483  -5.380  1.00 9.58  ? 510 ILE A C   1 
ATOM   561 O  O   . ILE A 1 75 ? 1.254   -9.960  -6.445  1.00 9.90  ? 510 ILE A O   1 
ATOM   562 C  CB  . ILE A 1 75 ? 3.222   -7.515  -5.431  1.00 8.68  ? 510 ILE A CB  1 
ATOM   563 C  CG1 . ILE A 1 75 ? 3.267   -5.998  -5.596  1.00 8.64  ? 510 ILE A CG1 1 
ATOM   564 C  CG2 . ILE A 1 75 ? 3.820   -8.222  -6.635  1.00 9.82  ? 510 ILE A CG2 1 
ATOM   565 C  CD1 . ILE A 1 75 ? 4.694   -5.481  -5.654  1.00 9.78  ? 510 ILE A CD1 1 
ATOM   566 N  N   . ASP A 1 76 ? 2.092   -10.220 -4.344  1.00 9.91  ? 511 ASP A N   1 
ATOM   567 C  CA  . ASP A 1 76 ? 2.074   -11.683 -4.393  1.00 11.45 ? 511 ASP A CA  1 
ATOM   568 C  C   . ASP A 1 76 ? 0.649   -12.181 -4.663  1.00 11.26 ? 511 ASP A C   1 
ATOM   569 O  O   . ASP A 1 76 ? 0.426   -13.014 -5.541  1.00 11.84 ? 511 ASP A O   1 
ATOM   570 C  CB  . ASP A 1 76 ? 2.569   -12.248 -3.066  1.00 12.22 ? 511 ASP A CB  1 
ATOM   571 C  CG  . ASP A 1 76 ? 2.626   -13.757 -3.049  1.00 13.81 ? 511 ASP A CG  1 
ATOM   572 O  OD1 . ASP A 1 76 ? 3.034   -14.368 -4.065  1.00 17.06 ? 511 ASP A OD1 1 
ATOM   573 O  OD2 . ASP A 1 76 ? 2.289   -14.325 -1.993  1.00 15.42 ? 511 ASP A OD2 1 
ATOM   574 N  N   . TYR A 1 77 ? -0.313  -11.672 -3.901  1.00 10.37 ? 512 TYR A N   1 
ATOM   575 C  CA  . TYR A 1 77 ? -1.721  -12.065 -4.110  1.00 10.85 ? 512 TYR A CA  1 
ATOM   576 C  C   . TYR A 1 77 ? -2.198  -11.619 -5.501  1.00 11.22 ? 512 TYR A C   1 
ATOM   577 O  O   . TYR A 1 77 ? -2.819  -12.389 -6.243  1.00 10.98 ? 512 TYR A O   1 
ATOM   578 C  CB  . TYR A 1 77 ? -2.583  -11.494 -2.983  1.00 11.48 ? 512 TYR A CB  1 
ATOM   579 C  CG  . TYR A 1 77 ? -2.549  -12.365 -1.729  1.00 12.93 ? 512 TYR A CG  1 
ATOM   580 C  CD1 . TYR A 1 77 ? -1.441  -12.369 -0.863  1.00 13.74 ? 512 TYR A CD1 1 
ATOM   581 C  CD2 . TYR A 1 77 ? -3.600  -13.222 -1.441  1.00 14.30 ? 512 TYR A CD2 1 
ATOM   582 C  CE1 . TYR A 1 77 ? -1.423  -13.188 0.299   1.00 13.30 ? 512 TYR A CE1 1 
ATOM   583 C  CE2 . TYR A 1 77 ? -3.590  -14.042 -0.310  1.00 14.50 ? 512 TYR A CE2 1 
ATOM   584 C  CZ  . TYR A 1 77 ? -2.496  -14.029 0.549   1.00 16.26 ? 512 TYR A CZ  1 
ATOM   585 O  OH  . TYR A 1 77 ? -2.518  -14.843 1.660   1.00 17.18 ? 512 TYR A OH  1 
ATOM   586 N  N   . LYS A 1 78 ? -1.861  -10.399 -5.888  1.00 11.00 ? 513 LYS A N   1 
ATOM   587 C  CA  . LYS A 1 78 ? -2.292  -9.885  -7.186  1.00 11.48 ? 513 LYS A CA  1 
ATOM   588 C  C   . LYS A 1 78 ? -1.783  -10.758 -8.329  1.00 11.87 ? 513 LYS A C   1 
ATOM   589 O  O   . LYS A 1 78 ? -2.538  -11.142 -9.209  1.00 11.67 ? 513 LYS A O   1 
ATOM   590 C  CB  . LYS A 1 78 ? -1.826  -8.450  -7.390  1.00 11.37 ? 513 LYS A CB  1 
ATOM   591 C  CG  . LYS A 1 78 ? -2.243  -7.852  -8.715  1.00 13.30 ? 513 LYS A CG  1 
ATOM   592 C  CD  . LYS A 1 78 ? -1.713  -6.424  -8.815  1.00 14.65 ? 513 LYS A CD  1 
ATOM   593 C  CE  . LYS A 1 78 ? -2.337  -5.637  -9.964  1.00 18.60 ? 513 LYS A CE  1 
ATOM   594 N  NZ  . LYS A 1 78 ? -2.515  -6.365  -11.252 1.00 20.40 ? 513 LYS A NZ  1 
ATOM   595 N  N   . GLU A 1 79 ? -0.491  -11.074 -8.306  1.00 12.57 ? 514 GLU A N   1 
ATOM   596 C  CA  . GLU A 1 79 ? 0.101   -11.811 -9.405  1.00 14.31 ? 514 GLU A CA  1 
ATOM   597 C  C   . GLU A 1 79 ? -0.397  -13.266 -9.495  1.00 13.59 ? 514 GLU A C   1 
ATOM   598 O  O   . GLU A 1 79 ? -0.330  -13.879 -10.561 1.00 15.03 ? 514 GLU A O   1 
ATOM   599 C  CB  . GLU A 1 79 ? 1.630   -11.633 -9.391  1.00 14.76 ? 514 GLU A CB  1 
ATOM   600 C  CG  . GLU A 1 79 ? 1.976   -10.144 -9.592  1.00 16.67 ? 514 GLU A CG  1 
ATOM   601 C  CD  . GLU A 1 79 ? 3.452   -9.839  -9.863  1.00 17.55 ? 514 GLU A CD  1 
ATOM   602 O  OE1 . GLU A 1 79 ? 4.303   -10.739 -9.676  1.00 22.93 ? 514 GLU A OE1 1 
ATOM   603 O  OE2 . GLU A 1 79 ? 3.762   -8.681  -10.254 1.00 21.41 ? 514 GLU A OE2 1 
ATOM   604 N  N   . ARG A 1 80 ? -0.920  -13.787 -8.389  1.00 12.44 ? 515 ARG A N   1 
ATOM   605 C  CA  . ARG A 1 80 ? -1.585  -15.102 -8.376  1.00 13.12 ? 515 ARG A CA  1 
ATOM   606 C  C   . ARG A 1 80 ? -3.094  -14.987 -8.676  1.00 13.33 ? 515 ARG A C   1 
ATOM   607 O  O   . ARG A 1 80 ? -3.815  -15.993 -8.624  1.00 13.92 ? 515 ARG A O   1 
ATOM   608 C  CB  . ARG A 1 80 ? -1.363  -15.792 -7.028  1.00 12.39 ? 515 ARG A CB  1 
ATOM   609 C  CG  . ARG A 1 80 ? 0.107   -16.004 -6.687  1.00 12.70 ? 515 ARG A CG  1 
ATOM   610 C  CD  . ARG A 1 80 ? 0.266   -16.544 -5.289  1.00 14.78 ? 515 ARG A CD  1 
ATOM   611 N  NE  . ARG A 1 80 ? 1.672   -16.851 -4.969  1.00 15.52 ? 515 ARG A NE  1 
ATOM   612 C  CZ  . ARG A 1 80 ? 2.328   -17.949 -5.366  1.00 17.44 ? 515 ARG A CZ  1 
ATOM   613 N  NH1 . ARG A 1 80 ? 1.735   -18.864 -6.117  1.00 15.03 ? 515 ARG A NH1 1 
ATOM   614 N  NH2 . ARG A 1 80 ? 3.586   -18.134 -5.001  1.00 16.50 ? 515 ARG A NH2 1 
ATOM   615 N  N   . ASP A 1 81 ? -3.558  -13.778 -8.978  1.00 13.10 ? 516 ASP A N   1 
ATOM   616 C  CA  . ASP A 1 81 ? -5.001  -13.495 -9.198  1.00 14.23 ? 516 ASP A CA  1 
ATOM   617 C  C   . ASP A 1 81 ? -5.872  -13.850 -7.964  1.00 12.77 ? 516 ASP A C   1 
ATOM   618 O  O   . ASP A 1 81 ? -7.007  -14.383 -8.096  1.00 13.12 ? 516 ASP A O   1 
ATOM   619 C  CB  . ASP A 1 81 ? -5.513  -14.189 -10.477 1.00 14.82 ? 516 ASP A CB  1 
ATOM   620 C  CG  . ASP A 1 81 ? -6.639  -13.412 -11.174 1.00 17.60 ? 516 ASP A CG  1 
ATOM   621 O  OD1 . ASP A 1 81 ? -7.035  -12.299 -10.725 1.00 20.11 ? 516 ASP A OD1 1 
ATOM   622 O  OD2 . ASP A 1 81 ? -7.115  -13.906 -12.222 1.00 22.27 ? 516 ASP A OD2 1 
ATOM   623 N  N   . LEU A 1 82 ? -5.339  -13.547 -6.774  1.00 12.36 ? 517 LEU A N   1 
ATOM   624 C  CA  . LEU A 1 82 ? -6.001  -13.879 -5.519  1.00 11.83 ? 517 LEU A CA  1 
ATOM   625 C  C   . LEU A 1 82 ? -6.456  -12.628 -4.784  1.00 11.62 ? 517 LEU A C   1 
ATOM   626 O  O   . LEU A 1 82 ? -6.627  -12.656 -3.587  1.00 13.20 ? 517 LEU A O   1 
ATOM   627 C  CB  . LEU A 1 82 ? -5.121  -14.786 -4.616  1.00 11.45 ? 517 LEU A CB  1 
ATOM   628 C  CG  . LEU A 1 82 ? -4.817  -16.201 -5.137  1.00 12.87 ? 517 LEU A CG  1 
ATOM   629 C  CD1 . LEU A 1 82 ? -3.791  -16.874 -4.261  1.00 15.32 ? 517 LEU A CD1 1 
ATOM   630 C  CD2 . LEU A 1 82 ? -6.087  -17.046 -5.176  1.00 13.58 ? 517 LEU A CD2 1 
ATOM   631 N  N   . ILE A 1 83 ? -6.661  -11.534 -5.519  1.00 11.58 ? 518 ILE A N   1 
ATOM   632 C  CA  . ILE A 1 83 ? -7.319  -10.366 -4.952  1.00 11.59 ? 518 ILE A CA  1 
ATOM   633 C  C   . ILE A 1 83 ? -8.724  -10.311 -5.533  1.00 10.71 ? 518 ILE A C   1 
ATOM   634 O  O   . ILE A 1 83 ? -8.906  -10.452 -6.754  1.00 10.31 ? 518 ILE A O   1 
ATOM   635 C  CB  . ILE A 1 83 ? -6.555  -9.064  -5.256  1.00 11.94 ? 518 ILE A CB  1 
ATOM   636 C  CG1 . ILE A 1 83 ? -5.194  -9.125  -4.558  1.00 11.38 ? 518 ILE A CG1 1 
ATOM   637 C  CG2 . ILE A 1 83 ? -7.363  -7.819  -4.810  1.00 13.03 ? 518 ILE A CG2 1 
ATOM   638 C  CD1 . ILE A 1 83 ? -4.346  -7.911  -4.728  1.00 15.55 ? 518 ILE A CD1 1 
ATOM   639 N  N   . ASP A 1 84 ? -9.709  -10.109 -4.659  1.00 11.98 ? 519 ASP A N   1 
ATOM   640 C  CA  . ASP A 1 84 ? -11.096 -10.135 -5.098  1.00 12.93 ? 519 ASP A CA  1 
ATOM   641 C  C   . ASP A 1 84 ? -11.300 -9.104  -6.203  1.00 12.60 ? 519 ASP A C   1 
ATOM   642 O  O   . ASP A 1 84 ? -10.807 -7.973  -6.116  1.00 12.70 ? 519 ASP A O   1 
ATOM   643 C  CB  . ASP A 1 84 ? -12.049 -9.893  -3.933  1.00 13.05 ? 519 ASP A CB  1 
ATOM   644 C  CG  . ASP A 1 84 ? -13.473 -10.288 -4.269  1.00 16.21 ? 519 ASP A CG  1 
ATOM   645 O  OD1 . ASP A 1 84 ? -14.135 -9.517  -4.985  1.00 16.25 ? 519 ASP A OD1 1 
ATOM   646 O  OD2 . ASP A 1 84 ? -13.903 -11.379 -3.844  1.00 17.57 ? 519 ASP A OD2 1 
ATOM   647 N  N   . ARG A 1 85 ? -12.014 -9.507  -7.249  1.00 11.65 ? 520 ARG A N   1 
ATOM   648 C  CA  . ARG A 1 85 ? -12.257 -8.625  -8.401  1.00 13.10 ? 520 ARG A CA  1 
ATOM   649 C  C   . ARG A 1 85 ? -12.948 -7.307  -8.006  1.00 12.56 ? 520 ARG A C   1 
ATOM   650 O  O   . ARG A 1 85 ? -12.790 -6.296  -8.708  1.00 13.11 ? 520 ARG A O   1 
ATOM   651 C  CB  . ARG A 1 85 ? -13.049 -9.361  -9.497  1.00 13.57 ? 520 ARG A CB  1 
ATOM   652 C  CG  . ARG A 1 85 ? -13.256 -8.579  -10.812 1.00 17.45 ? 520 ARG A CG  1 
ATOM   653 C  CD  . ARG A 1 85 ? -11.929 -8.090  -11.423 1.00 16.78 ? 520 ARG A CD  1 
ATOM   654 N  NE  . ARG A 1 85 ? -10.834 -9.066  -11.287 1.00 21.88 ? 520 ARG A NE  1 
ATOM   655 C  CZ  . ARG A 1 85 ? -9.673  -9.011  -11.925 1.00 18.97 ? 520 ARG A CZ  1 
ATOM   656 N  NH1 . ARG A 1 85 ? -9.406  -8.020  -12.780 1.00 27.02 ? 520 ARG A NH1 1 
ATOM   657 N  NH2 . ARG A 1 85 ? -8.771  -9.950  -11.699 1.00 25.19 ? 520 ARG A NH2 1 
ATOM   658 N  N   . SER A 1 86 ? -13.679 -7.306  -6.883  1.00 12.79 ? 521 SER A N   1 
ATOM   659 C  CA  . SER A 1 86 ? -14.349 -6.094  -6.369  1.00 13.42 ? 521 SER A CA  1 
ATOM   660 C  C   . SER A 1 86 ? -13.357 -4.973  -6.051  1.00 12.71 ? 521 SER A C   1 
ATOM   661 O  O   . SER A 1 86 ? -13.732 -3.810  -5.999  1.00 12.91 ? 521 SER A O   1 
ATOM   662 C  CB  . SER A 1 86 ? -15.192 -6.399  -5.117  1.00 14.67 ? 521 SER A CB  1 
ATOM   663 O  OG  . SER A 1 86 ? -14.376 -6.845  -4.050  1.00 15.56 ? 521 SER A OG  1 
ATOM   664 N  N   . ALA A 1 87 ? -12.101 -5.339  -5.831  1.00 12.00 ? 522 ALA A N   1 
ATOM   665 C  CA  . ALA A 1 87 ? -11.050 -4.340  -5.523  1.00 11.84 ? 522 ALA A CA  1 
ATOM   666 C  C   . ALA A 1 87 ? -10.626 -3.530  -6.745  1.00 12.49 ? 522 ALA A C   1 
ATOM   667 O  O   . ALA A 1 87 ? -10.076 -2.423  -6.601  1.00 12.80 ? 522 ALA A O   1 
ATOM   668 C  CB  . ALA A 1 87 ? -9.824  -5.043  -4.919  1.00 11.95 ? 522 ALA A CB  1 
ATOM   669 N  N   . TYR A 1 88 ? -10.855 -4.072  -7.938  1.00 12.76 ? 523 TYR A N   1 
ATOM   670 C  CA  . TYR A 1 88 ? -10.315 -3.454  -9.159  1.00 14.24 ? 523 TYR A CA  1 
ATOM   671 C  C   . TYR A 1 88 ? -11.199 -2.326  -9.678  1.00 15.24 ? 523 TYR A C   1 
ATOM   672 O  O   . TYR A 1 88 ? -10.736 -1.529  -10.512 1.00 16.99 ? 523 TYR A O   1 
ATOM   673 C  CB  . TYR A 1 88 ? -10.054 -4.482  -10.265 1.00 14.08 ? 523 TYR A CB  1 
ATOM   674 C  CG  . TYR A 1 88 ? -8.954  -5.476  -9.983  1.00 14.05 ? 523 TYR A CG  1 
ATOM   675 C  CD1 . TYR A 1 88 ? -9.140  -6.498  -9.059  1.00 14.15 ? 523 TYR A CD1 1 
ATOM   676 C  CD2 . TYR A 1 88 ? -7.733  -5.405  -10.658 1.00 14.46 ? 523 TYR A CD2 1 
ATOM   677 C  CE1 . TYR A 1 88 ? -8.146  -7.424  -8.788  1.00 15.72 ? 523 TYR A CE1 1 
ATOM   678 C  CE2 . TYR A 1 88 ? -6.714  -6.334  -10.395 1.00 15.48 ? 523 TYR A CE2 1 
ATOM   679 C  CZ  . TYR A 1 88 ? -6.931  -7.342  -9.459  1.00 14.65 ? 523 TYR A CZ  1 
ATOM   680 O  OH  . TYR A 1 88 ? -5.947  -8.263  -9.203  1.00 13.20 ? 523 TYR A OH  1 
ATOM   681 O  OXT . TYR A 1 88 ? -12.357 -2.175  -9.282  1.00 16.55 ? 523 TYR A OXT 1 
HETATM 682 CA CA  . CA  B 2 .  ? 9.153   10.534  6.957   1.00 18.74 ? 101 CA  A CA  1 
HETATM 683 O  O   . HOH C 3 .  ? 6.767   -8.535  1.365   1.00 14.39 ? 1   HOH A O   1 
HETATM 684 O  O   . HOH C 3 .  ? 7.802   -3.952  -2.727  1.00 12.13 ? 2   HOH A O   1 
HETATM 685 O  O   . HOH C 3 .  ? 12.687  -0.662  -4.014  1.00 21.19 ? 3   HOH A O   1 
HETATM 686 O  O   . HOH C 3 .  ? -7.142  2.336   -4.775  1.00 11.50 ? 4   HOH A O   1 
HETATM 687 O  O   . HOH C 3 .  ? -12.921 6.882   4.773   1.00 26.93 ? 5   HOH A O   1 
HETATM 688 O  O   . HOH C 3 .  ? -13.512 1.271   0.636   1.00 16.02 ? 6   HOH A O   1 
HETATM 689 O  O   . HOH C 3 .  ? -6.837  -10.733 -8.479  1.00 13.34 ? 7   HOH A O   1 
HETATM 690 O  O   . HOH C 3 .  ? 6.824   -2.089  -4.628  1.00 14.32 ? 8   HOH A O   1 
HETATM 691 O  O   . HOH C 3 .  ? 6.835   7.283   9.756   1.00 23.68 ? 9   HOH A O   1 
HETATM 692 O  O   . HOH C 3 .  ? -9.052  -9.633  -1.992  1.00 13.74 ? 10  HOH A O   1 
HETATM 693 O  O   . HOH C 3 .  ? 13.762  5.256   9.741   1.00 18.23 ? 11  HOH A O   1 
HETATM 694 O  O   . HOH C 3 .  ? -9.707  0.735   -7.642  1.00 25.06 ? 12  HOH A O   1 
HETATM 695 O  O   . HOH C 3 .  ? -7.172  -12.018 0.669   1.00 22.63 ? 13  HOH A O   1 
HETATM 696 O  O   . HOH C 3 .  ? 15.753  7.568   7.164   1.00 18.33 ? 14  HOH A O   1 
HETATM 697 O  O   . HOH C 3 .  ? -7.866  1.133   8.456   1.00 28.69 ? 15  HOH A O   1 
HETATM 698 O  O   . HOH C 3 .  ? 14.470  2.261   -5.662  1.00 19.38 ? 16  HOH A O   1 
HETATM 699 O  O   . HOH C 3 .  ? -9.967  -11.225 -9.299  1.00 14.19 ? 18  HOH A O   1 
HETATM 700 O  O   . HOH C 3 .  ? -10.368 7.715   3.560   1.00 22.80 ? 19  HOH A O   1 
HETATM 701 O  O   . HOH C 3 .  ? -3.562  -3.822  7.274   1.00 24.16 ? 20  HOH A O   1 
HETATM 702 O  O   . HOH C 3 .  ? -2.889  12.765  -2.317  1.00 23.88 ? 21  HOH A O   1 
HETATM 703 O  O   . HOH C 3 .  ? -1.272  10.271  -4.985  1.00 18.12 ? 22  HOH A O   1 
HETATM 704 O  O   . HOH C 3 .  ? -5.937  5.928   -4.161  1.00 19.04 ? 23  HOH A O   1 
HETATM 705 O  O   . HOH C 3 .  ? -4.674  -16.443 2.105   1.00 24.68 ? 24  HOH A O   1 
HETATM 706 O  O   . HOH C 3 .  ? 16.620  3.824   0.869   1.00 21.26 ? 25  HOH A O   1 
HETATM 707 O  O   . HOH C 3 .  ? 10.084  -0.930  8.964   1.00 21.12 ? 26  HOH A O   1 
HETATM 708 O  O   . HOH C 3 .  ? 3.727   2.230   -9.989  1.00 18.83 ? 27  HOH A O   1 
HETATM 709 O  O   . HOH C 3 .  ? 13.661  0.410   1.306   1.00 20.54 ? 28  HOH A O   1 
HETATM 710 O  O   . HOH C 3 .  ? -13.550 2.117   3.368   1.00 24.76 ? 29  HOH A O   1 
HETATM 711 O  O   . HOH C 3 .  ? 4.694   12.599  2.121   1.00 23.68 ? 30  HOH A O   1 
HETATM 712 O  O   . HOH C 3 .  ? 15.689  6.254   -1.961  1.00 23.71 ? 31  HOH A O   1 
HETATM 713 O  O   . HOH C 3 .  ? 10.999  -3.811  3.234   1.00 20.48 ? 32  HOH A O   1 
HETATM 714 O  O   . HOH C 3 .  ? -0.845  -19.352 -7.238  1.00 24.22 ? 33  HOH A O   1 
HETATM 715 O  O   . HOH C 3 .  ? -8.182  5.095   -2.473  1.00 15.70 ? 34  HOH A O   1 
HETATM 716 O  O   . HOH C 3 .  ? -2.089  -1.839  -14.103 1.00 20.37 ? 35  HOH A O   1 
HETATM 717 O  O   . HOH C 3 .  ? 1.337   7.952   10.077  1.00 22.39 ? 36  HOH A O   1 
HETATM 718 O  O   . HOH C 3 .  ? 9.550   10.647  10.000  1.00 29.25 ? 37  HOH A O   1 
HETATM 719 O  O   . HOH C 3 .  ? 4.188   2.668   10.852  1.00 26.21 ? 38  HOH A O   1 
HETATM 720 O  O   . HOH C 3 .  ? 3.435   -14.046 -7.037  1.00 35.87 ? 39  HOH A O   1 
HETATM 721 O  O   . HOH C 3 .  ? -6.897  6.869   -7.033  1.00 23.62 ? 40  HOH A O   1 
HETATM 722 O  O   . HOH C 3 .  ? -8.158  7.921   -2.107  1.00 24.21 ? 41  HOH A O   1 
HETATM 723 O  O   . HOH C 3 .  ? 7.812   13.051  12.809  1.00 20.91 ? 42  HOH A O   1 
HETATM 724 O  O   . HOH C 3 .  ? 3.464   13.785  4.905   1.00 20.73 ? 43  HOH A O   1 
HETATM 725 O  O   . HOH C 3 .  ? 12.799  4.541   -9.658  1.00 34.61 ? 44  HOH A O   1 
HETATM 726 O  O   . HOH C 3 .  ? -0.903  -3.089  -11.892 1.00 30.68 ? 45  HOH A O   1 
HETATM 727 O  O   . HOH C 3 .  ? -3.088  -11.029 -12.038 1.00 23.39 ? 46  HOH A O   1 
HETATM 728 O  O   . HOH C 3 .  ? -8.939  -10.091 2.457   1.00 38.08 ? 47  HOH A O   1 
HETATM 729 O  O   . HOH C 3 .  ? -15.791 -7.693  -2.003  1.00 29.48 ? 48  HOH A O   1 
HETATM 730 O  O   . HOH C 3 .  ? 8.120   3.621   -8.877  1.00 21.37 ? 49  HOH A O   1 
HETATM 731 O  O   . HOH C 3 .  ? 5.916   -10.193 -3.827  1.00 18.53 ? 50  HOH A O   1 
HETATM 732 O  O   . HOH C 3 .  ? 15.350  11.045  3.981   1.00 31.14 ? 51  HOH A O   1 
HETATM 733 O  O   . HOH C 3 .  ? 6.910   -10.319 3.482   1.00 29.13 ? 53  HOH A O   1 
HETATM 734 O  O   . HOH C 3 .  ? 8.312   -6.648  -3.045  1.00 18.55 ? 54  HOH A O   1 
HETATM 735 O  O   . HOH C 3 .  ? 10.462  -3.845  -2.780  1.00 16.15 ? 55  HOH A O   1 
HETATM 736 O  O   . HOH C 3 .  ? -2.513  -7.309  10.787  1.00 32.88 ? 56  HOH A O   1 
HETATM 737 O  O   . HOH C 3 .  ? -4.421  -8.596  -11.352 1.00 23.43 ? 57  HOH A O   1 
HETATM 738 O  O   . HOH C 3 .  ? 1.924   -12.555 0.047   1.00 22.36 ? 58  HOH A O   1 
HETATM 739 O  O   . HOH C 3 .  ? 16.354  7.741   4.248   1.00 17.80 ? 59  HOH A O   1 
HETATM 740 O  O   . HOH C 3 .  ? 0.106   14.173  -4.160  1.00 26.65 ? 60  HOH A O   1 
HETATM 741 O  O   . HOH C 3 .  ? 0.124   -7.618  -11.415 1.00 29.51 ? 61  HOH A O   1 
HETATM 742 O  O   . HOH C 3 .  ? 8.207   1.241   -9.783  1.00 29.95 ? 62  HOH A O   1 
HETATM 743 O  O   . HOH C 3 .  ? 16.275  -0.952  2.418   1.00 26.46 ? 63  HOH A O   1 
HETATM 744 O  O   . HOH C 3 .  ? -8.436  -4.540  8.389   1.00 33.66 ? 64  HOH A O   1 
HETATM 745 O  O   . HOH C 3 .  ? -13.000 0.780   -9.405  1.00 29.91 ? 65  HOH A O   1 
HETATM 746 O  O   . HOH C 3 .  ? -6.313  -7.852  -13.320 1.00 34.24 ? 66  HOH A O   1 
HETATM 747 O  O   . HOH C 3 .  ? -1.279  13.115  5.175   1.00 35.11 ? 67  HOH A O   1 
HETATM 748 O  O   . HOH C 3 .  ? 2.053   7.863   -7.361  1.00 36.96 ? 68  HOH A O   1 
HETATM 749 O  O   . HOH C 3 .  ? -6.238  11.634  3.426   1.00 37.91 ? 69  HOH A O   1 
HETATM 750 O  O   . HOH C 3 .  ? 8.828   13.948  -6.523  1.00 27.74 ? 70  HOH A O   1 
HETATM 751 O  O   . HOH C 3 .  ? -7.780  10.611  5.562   1.00 31.17 ? 71  HOH A O   1 
HETATM 752 O  O   . HOH C 3 .  ? 0.002   -13.032 9.115   1.00 30.24 ? 72  HOH A O   1 
HETATM 753 O  O   . HOH C 3 .  ? 6.538   11.131  16.360  1.00 35.54 ? 73  HOH A O   1 
HETATM 754 O  O   . HOH C 3 .  ? -1.455  0.659   -13.101 1.00 33.72 ? 74  HOH A O   1 
HETATM 755 O  O   . HOH C 3 .  ? -2.574  3.699   -12.796 1.00 31.87 ? 75  HOH A O   1 
# 
loop_
_atom_site_anisotrop.id 
_atom_site_anisotrop.type_symbol 
_atom_site_anisotrop.pdbx_label_atom_id 
_atom_site_anisotrop.pdbx_label_alt_id 
_atom_site_anisotrop.pdbx_label_comp_id 
_atom_site_anisotrop.pdbx_label_asym_id 
_atom_site_anisotrop.pdbx_label_seq_id 
_atom_site_anisotrop.pdbx_PDB_ins_code 
_atom_site_anisotrop.U[1][1] 
_atom_site_anisotrop.U[2][2] 
_atom_site_anisotrop.U[3][3] 
_atom_site_anisotrop.U[1][2] 
_atom_site_anisotrop.U[1][3] 
_atom_site_anisotrop.U[2][3] 
_atom_site_anisotrop.pdbx_auth_seq_id 
_atom_site_anisotrop.pdbx_auth_comp_id 
_atom_site_anisotrop.pdbx_auth_asym_id 
_atom_site_anisotrop.pdbx_auth_atom_id 
1   N  N   . SER A 6  ? 0.3829 0.3896 0.3954 -0.0037 -0.0006 0.0026  441 SER A N   
2   C  CA  . SER A 6  ? 0.3741 0.3807 0.3870 -0.0028 -0.0035 0.0004  441 SER A CA  
3   C  C   . SER A 6  ? 0.3629 0.3671 0.3786 -0.0023 -0.0043 0.0000  441 SER A C   
4   O  O   . SER A 6  ? 0.3682 0.3729 0.3915 -0.0007 -0.0065 0.0024  441 SER A O   
5   C  CB  . SER A 6  ? 0.3839 0.3908 0.3919 -0.0032 -0.0059 0.0023  441 SER A CB  
6   N  N   . MET A 7  ? 0.3431 0.3451 0.3619 -0.0050 -0.0020 -0.0026 442 MET A N   
7   C  CA  . MET A 7  ? 0.3191 0.3241 0.3477 -0.0081 -0.0025 0.0000  442 MET A CA  
8   C  C   . MET A 7  ? 0.3019 0.3079 0.3325 -0.0042 -0.0005 0.0003  442 MET A C   
9   O  O   . MET A 7  ? 0.2966 0.3147 0.3322 0.0012  -0.0059 0.0000  442 MET A O   
10  C  CB  . MET A 7  ? 0.3072 0.3096 0.3423 -0.0140 -0.0006 0.0017  442 MET A CB  
11  C  CG  . MET A 7  ? 0.3036 0.3005 0.3237 -0.0108 -0.0021 0.0027  442 MET A CG  
12  S  SD  . MET A 7  ? 0.2040 0.2493 0.3123 -0.0314 -0.0168 0.0165  442 MET A SD  
13  C  CE  . MET A 7  ? 0.2692 0.2735 0.3077 -0.0108 -0.0204 -0.0038 442 MET A CE  
14  N  N   . ASN A 8  ? 0.2686 0.2814 0.3012 -0.0035 -0.0041 0.0009  443 ASN A N   
15  C  CA  . ASN A 8  ? 0.2522 0.2685 0.2817 -0.0052 -0.0007 0.0032  443 ASN A CA  
16  C  C   . ASN A 8  ? 0.2286 0.2449 0.2631 -0.0074 0.0021  0.0023  443 ASN A C   
17  O  O   . ASN A 8  ? 0.2083 0.2338 0.2471 -0.0075 -0.0013 -0.0016 443 ASN A O   
18  C  CB  . ASN A 8  ? 0.2589 0.2778 0.2815 -0.0028 0.0030  0.0015  443 ASN A CB  
19  C  CG  . ASN A 8  ? 0.2643 0.2952 0.3037 -0.0121 0.0094  -0.0043 443 ASN A CG  
20  O  OD1 . ASN A 8  ? 0.2774 0.3235 0.3080 -0.0116 0.0182  0.0102  443 ASN A OD1 
21  N  ND2 . ASN A 8  ? 0.3304 0.3400 0.3309 -0.0040 0.0198  0.0021  443 ASN A ND2 
22  N  N   . PRO A 9  ? 0.2168 0.2269 0.2577 -0.0041 0.0038  0.0072  444 PRO A N   
23  C  CA  . PRO A 9  ? 0.2180 0.2234 0.2499 -0.0050 0.0022  0.0054  444 PRO A CA  
24  C  C   . PRO A 9  ? 0.2214 0.2146 0.2452 -0.0102 -0.0039 0.0031  444 PRO A C   
25  O  O   . PRO A 9  ? 0.2265 0.2176 0.2558 -0.0128 -0.0081 0.0085  444 PRO A O   
26  C  CB  . PRO A 9  ? 0.2240 0.2225 0.2526 -0.0010 0.0042  0.0102  444 PRO A CB  
27  C  CG  . PRO A 9  ? 0.2285 0.2297 0.2580 -0.0013 -0.0042 -0.0003 444 PRO A CG  
28  C  CD  . PRO A 9  ? 0.2299 0.2384 0.2584 0.0024  0.0053  0.0096  444 PRO A CD  
29  N  N   . LYS A 10 ? 0.2121 0.2143 0.2447 -0.0127 -0.0021 0.0033  445 LYS A N   
30  C  CA  . LYS A 10 ? 0.2131 0.2169 0.2423 -0.0161 -0.0040 0.0026  445 LYS A CA  
31  C  C   . LYS A 10 ? 0.1954 0.2101 0.2293 -0.0188 -0.0067 0.0042  445 LYS A C   
32  O  O   . LYS A 10 ? 0.2094 0.2044 0.2483 -0.0271 -0.0187 0.0024  445 LYS A O   
33  C  CB  . LYS A 10 ? 0.2374 0.2504 0.2678 -0.0171 -0.0022 0.0163  445 LYS A CB  
34  C  CG  . LYS A 10 ? 0.2820 0.2438 0.2725 -0.0056 0.0014  -0.0069 445 LYS A CG  
35  C  CD  . LYS A 10 ? 0.3145 0.3419 0.3027 -0.0071 -0.0034 0.0091  445 LYS A CD  
36  C  CE  . LYS A 10 ? 0.2961 0.2221 0.2528 -0.0097 -0.0054 -0.0316 445 LYS A CE  
37  N  NZ  . LYS A 10 ? 0.2734 0.3003 0.3248 0.0009  -0.0076 -0.0093 445 LYS A NZ  
38  N  N   . SER A 11 ? 0.1818 0.2005 0.2182 -0.0193 -0.0034 0.0026  446 SER A N   
39  C  CA  . SER A 11 ? 0.1763 0.2009 0.2127 -0.0142 -0.0067 0.0022  446 SER A CA  
40  C  C   . SER A 11 ? 0.1548 0.1926 0.1984 -0.0106 -0.0042 0.0004  446 SER A C   
41  O  O   . SER A 11 ? 0.1463 0.1877 0.2013 -0.0091 0.0008  0.0012  446 SER A O   
42  C  CB  . SER A 11 ? 0.1933 0.2073 0.2136 -0.0098 -0.0066 0.0021  446 SER A CB  
43  O  OG  . SER A 11 ? 0.2338 0.2412 0.2659 -0.0110 -0.0052 -0.0086 446 SER A OG  
44  N  N   . LEU A 12 ? 0.1326 0.1730 0.1872 -0.0071 -0.0137 -0.0001 447 LEU A N   
45  C  CA  . LEU A 12 ? 0.1183 0.1558 0.1819 -0.0090 -0.0143 -0.0009 447 LEU A CA  
46  C  C   . LEU A 12 ? 0.1082 0.1478 0.1810 -0.0153 -0.0166 -0.0018 447 LEU A C   
47  O  O   . LEU A 12 ? 0.0910 0.1343 0.1900 -0.0370 -0.0202 -0.0123 447 LEU A O   
48  C  CB  . LEU A 12 ? 0.1194 0.1584 0.1824 -0.0074 -0.0108 -0.0018 447 LEU A CB  
49  C  CG  . LEU A 12 ? 0.1569 0.1581 0.1919 -0.0030 -0.0238 0.0028  447 LEU A CG  
50  C  CD1 . LEU A 12 ? 0.1511 0.1969 0.2258 0.0026  -0.0102 -0.0023 447 LEU A CD1 
51  C  CD2 . LEU A 12 ? 0.1583 0.1399 0.1987 -0.0111 -0.0263 -0.0045 447 LEU A CD2 
52  N  N   . THR A 13 ? 0.1017 0.1499 0.1937 -0.0114 -0.0068 -0.0020 448 THR A N   
53  C  CA  . THR A 13 ? 0.0949 0.1427 0.1863 -0.0066 -0.0049 0.0010  448 THR A CA  
54  C  C   . THR A 13 ? 0.1040 0.1479 0.1844 -0.0111 -0.0048 0.0058  448 THR A C   
55  O  O   . THR A 13 ? 0.0964 0.1665 0.2035 -0.0080 -0.0150 0.0123  448 THR A O   
56  C  CB  . THR A 13 ? 0.1047 0.1500 0.1948 -0.0059 0.0026  -0.0021 448 THR A CB  
57  O  OG1 . THR A 13 ? 0.1547 0.1454 0.2144 0.0003  -0.0136 0.0027  448 THR A OG1 
58  C  CG2 . THR A 13 ? 0.0848 0.1511 0.1756 -0.0233 0.0083  -0.0034 448 THR A CG2 
59  N  N   . ASP A 14 ? 0.1010 0.1523 0.1835 -0.0063 -0.0053 0.0102  449 ASP A N   
60  C  CA  . ASP A 14 ? 0.1161 0.1595 0.1869 -0.0041 -0.0038 0.0051  449 ASP A CA  
61  C  C   . ASP A 14 ? 0.1088 0.1481 0.1755 -0.0053 -0.0074 0.0069  449 ASP A C   
62  O  O   . ASP A 14 ? 0.1005 0.1430 0.1892 -0.0070 -0.0255 0.0053  449 ASP A O   
63  C  CB  . ASP A 14 ? 0.1280 0.1710 0.1971 -0.0026 0.0008  0.0076  449 ASP A CB  
64  C  CG  . ASP A 14 ? 0.1480 0.2092 0.2205 -0.0011 -0.0032 0.0010  449 ASP A CG  
65  O  OD1 . ASP A 14 ? 0.1625 0.2691 0.2477 0.0124  -0.0049 -0.0017 449 ASP A OD1 
66  O  OD2 . ASP A 14 ? 0.1836 0.2719 0.2327 0.0078  0.0155  0.0084  449 ASP A OD2 
67  N  N   . PRO A 15 ? 0.1145 0.1535 0.1898 -0.0137 -0.0061 0.0039  450 PRO A N   
68  C  CA  . PRO A 15 ? 0.1144 0.1623 0.1851 -0.0156 -0.0136 0.0027  450 PRO A CA  
69  C  C   . PRO A 15 ? 0.1166 0.1720 0.1841 -0.0112 -0.0069 0.0024  450 PRO A C   
70  O  O   . PRO A 15 ? 0.1060 0.1731 0.1812 -0.0060 0.0039  0.0074  450 PRO A O   
71  C  CB  . PRO A 15 ? 0.1249 0.1556 0.1841 -0.0183 -0.0165 0.0061  450 PRO A CB  
72  C  CG  . PRO A 15 ? 0.1509 0.1817 0.2042 -0.0222 -0.0159 0.0180  450 PRO A CG  
73  C  CD  . PRO A 15 ? 0.1247 0.1634 0.1962 -0.0153 -0.0091 0.0069  450 PRO A CD  
74  N  N   . LYS A 16 ? 0.1181 0.1821 0.1871 -0.0134 -0.0045 0.0051  451 LYS A N   
75  C  CA  . LYS A 16 ? 0.1235 0.1768 0.1888 -0.0087 -0.0034 0.0068  451 LYS A CA  
76  C  C   . LYS A 16 ? 0.1245 0.1716 0.1892 -0.0006 -0.0140 0.0097  451 LYS A C   
77  O  O   . LYS A 16 ? 0.1122 0.1734 0.2067 0.0014  -0.0293 0.0142  451 LYS A O   
78  C  CB  . LYS A 16 ? 0.1418 0.1865 0.1924 -0.0092 0.0036  0.0066  451 LYS A CB  
79  C  CG  . LYS A 16 ? 0.1601 0.1944 0.2090 -0.0161 -0.0126 0.0020  451 LYS A CG  
80  C  CD  . LYS A 16 ? 0.2273 0.2438 0.2498 -0.0088 0.0082  0.0102  451 LYS A CD  
81  C  CE  . LYS A 16 ? 0.2586 0.2785 0.2789 0.0010  -0.0052 0.0075  451 LYS A CE  
82  N  NZ  . LYS A 16 ? 0.3198 0.2992 0.3317 -0.0052 -0.0134 -0.0040 451 LYS A NZ  
83  N  N   . LEU A 17 ? 0.0925 0.1711 0.1871 0.0000  -0.0150 0.0110  452 LEU A N   
84  C  CA  . LEU A 17 ? 0.1153 0.1648 0.1741 0.0012  -0.0186 0.0066  452 LEU A CA  
85  C  C   . LEU A 17 ? 0.0875 0.1506 0.1607 0.0001  -0.0211 0.0061  452 LEU A C   
86  O  O   . LEU A 17 ? 0.0985 0.1478 0.1734 0.0032  -0.0224 -0.0049 452 LEU A O   
87  C  CB  . LEU A 17 ? 0.1293 0.1804 0.1814 0.0091  -0.0154 0.0162  452 LEU A CB  
88  C  CG  . LEU A 17 ? 0.1941 0.2013 0.1861 0.0142  -0.0099 0.0083  452 LEU A CG  
89  C  CD1 . LEU A 17 ? 0.2303 0.2420 0.2236 0.0159  -0.0244 0.0135  452 LEU A CD1 
90  C  CD2 . LEU A 17 ? 0.2319 0.2140 0.1765 0.0221  -0.0100 0.0074  452 LEU A CD2 
91  N  N   . LEU A 18 ? 0.0756 0.1473 0.1640 -0.0009 -0.0155 0.0028  453 LEU A N   
92  C  CA  . LEU A 18 ? 0.0853 0.1382 0.1583 -0.0069 -0.0165 0.0030  453 LEU A CA  
93  C  C   . LEU A 18 ? 0.0899 0.1357 0.1734 -0.0038 -0.0087 0.0041  453 LEU A C   
94  O  O   . LEU A 18 ? 0.0909 0.1467 0.2021 -0.0058 -0.0009 0.0115  453 LEU A O   
95  C  CB  . LEU A 18 ? 0.0686 0.1257 0.1641 -0.0047 -0.0136 0.0023  453 LEU A CB  
96  C  CG  . LEU A 18 ? 0.0623 0.1045 0.1160 -0.0210 -0.0179 0.0087  453 LEU A CG  
97  C  CD1 . LEU A 18 ? 0.0842 0.1134 0.1197 -0.0180 -0.0008 0.0087  453 LEU A CD1 
98  C  CD2 . LEU A 18 ? 0.0483 0.1439 0.1560 -0.0216 0.0028  0.0213  453 LEU A CD2 
99  N  N   . LYS A 19 ? 0.0839 0.1414 0.1839 -0.0086 -0.0117 0.0062  454 LYS A N   
100 C  CA  . LYS A 19 ? 0.0878 0.1439 0.1806 -0.0065 -0.0196 0.0028  454 LYS A CA  
101 C  C   . LYS A 19 ? 0.0960 0.1435 0.1806 -0.0033 -0.0194 0.0006  454 LYS A C   
102 O  O   . LYS A 19 ? 0.1038 0.1540 0.1904 0.0058  -0.0432 -0.0069 454 LYS A O   
103 C  CB  . LYS A 19 ? 0.0917 0.1487 0.1904 -0.0041 -0.0242 -0.0001 454 LYS A CB  
104 C  CG  . LYS A 19 ? 0.1112 0.1702 0.1967 -0.0048 -0.0322 -0.0017 454 LYS A CG  
105 C  CD  . LYS A 19 ? 0.0901 0.1333 0.1708 -0.0163 -0.0190 0.0022  454 LYS A CD  
106 C  CE  . LYS A 19 ? 0.1498 0.1146 0.1951 -0.0051 -0.0144 -0.0049 454 LYS A CE  
107 N  NZ  . LYS A 19 ? 0.1179 0.1530 0.2028 -0.0023 -0.0104 0.0018  454 LYS A NZ  
108 N  N   . ASN A 20 ? 0.0882 0.1461 0.1776 -0.0047 -0.0119 -0.0078 455 ASN A N   
109 C  CA  . ASN A 20 ? 0.0908 0.1550 0.1829 -0.0065 -0.0124 -0.0074 455 ASN A CA  
110 C  C   . ASN A 20 ? 0.0838 0.1490 0.1716 -0.0003 -0.0093 -0.0025 455 ASN A C   
111 O  O   . ASN A 20 ? 0.0747 0.1625 0.1817 -0.0158 -0.0106 0.0013  455 ASN A O   
112 C  CB  . ASN A 20 ? 0.0987 0.1508 0.1812 0.0059  -0.0103 -0.0067 455 ASN A CB  
113 C  CG  . ASN A 20 ? 0.1266 0.1718 0.2019 -0.0058 0.0016  -0.0173 455 ASN A CG  
114 O  OD1 . ASN A 20 ? 0.0947 0.1719 0.2350 0.0082  0.0088  -0.0429 455 ASN A OD1 
115 N  ND2 . ASN A 20 ? 0.1451 0.2255 0.2375 -0.0042 0.0059  -0.0085 455 ASN A ND2 
116 N  N   . ILE A 21 ? 0.0948 0.1500 0.1701 -0.0033 -0.0115 -0.0013 456 ILE A N   
117 C  CA  . ILE A 21 ? 0.1047 0.1622 0.1645 -0.0083 -0.0051 -0.0050 456 ILE A CA  
118 C  C   . ILE A 21 ? 0.1112 0.1549 0.1696 -0.0045 -0.0049 -0.0042 456 ILE A C   
119 O  O   . ILE A 21 ? 0.1191 0.1623 0.1434 0.0048  -0.0126 -0.0050 456 ILE A O   
120 C  CB  . ILE A 21 ? 0.1216 0.1688 0.1672 -0.0095 0.0047  -0.0064 456 ILE A CB  
121 C  CG1 . ILE A 21 ? 0.1386 0.1694 0.1699 -0.0209 -0.0104 -0.0143 456 ILE A CG1 
122 C  CG2 . ILE A 21 ? 0.1147 0.1716 0.1877 -0.0189 -0.0030 -0.0051 456 ILE A CG2 
123 C  CD1 . ILE A 21 ? 0.1469 0.1911 0.2037 -0.0006 -0.0060 -0.0038 456 ILE A CD1 
124 N  N   . PRO A 22 ? 0.1186 0.1591 0.1785 -0.0045 -0.0084 -0.0012 457 PRO A N   
125 C  CA  . PRO A 22 ? 0.1180 0.1596 0.1811 -0.0024 -0.0079 -0.0060 457 PRO A CA  
126 C  C   . PRO A 22 ? 0.1270 0.1611 0.1820 -0.0032 -0.0083 -0.0058 457 PRO A C   
127 O  O   . PRO A 22 ? 0.1366 0.1786 0.2014 -0.0053 -0.0095 -0.0076 457 PRO A O   
128 C  CB  . PRO A 22 ? 0.1384 0.1537 0.1857 -0.0012 -0.0106 -0.0066 457 PRO A CB  
129 C  CG  . PRO A 22 ? 0.1244 0.1514 0.1842 -0.0030 -0.0127 -0.0011 457 PRO A CG  
130 C  CD  . PRO A 22 ? 0.1052 0.1610 0.1822 -0.0012 -0.0124 -0.0036 457 PRO A CD  
131 N  N   . MET A 23 ? 0.1143 0.1561 0.1824 -0.0053 -0.0092 -0.0083 458 MET A N   
132 C  CA  . MET A 23 ? 0.1115 0.1608 0.1830 -0.0069 -0.0080 -0.0035 458 MET A CA  
133 C  C   . MET A 23 ? 0.1125 0.1558 0.1735 -0.0070 -0.0065 -0.0054 458 MET A C   
134 O  O   . MET A 23 ? 0.1178 0.1692 0.1629 -0.0079 -0.0087 -0.0070 458 MET A O   
135 C  CB  . MET A 23 ? 0.1328 0.1765 0.2023 -0.0101 -0.0045 -0.0119 458 MET A CB  
136 C  CG  . MET A 23 ? 0.1382 0.1911 0.2257 0.0028  0.0038  0.0071  458 MET A CG  
137 S  SD  . MET A 23 ? 0.1932 0.2766 0.2923 0.0385  -0.0025 -0.0232 458 MET A SD  
138 C  CE  . MET A 23 ? 0.2440 0.2992 0.3158 0.0084  -0.0104 0.0031  458 MET A CE  
139 N  N   . TRP A 24 ? 0.0950 0.1337 0.1650 -0.0085 -0.0106 -0.0037 459 TRP A N   
140 C  CA  . TRP A 24 ? 0.0936 0.1357 0.1663 -0.0113 -0.0098 -0.0024 459 TRP A CA  
141 C  C   . TRP A 24 ? 0.1050 0.1364 0.1712 -0.0124 -0.0127 -0.0025 459 TRP A C   
142 O  O   . TRP A 24 ? 0.0977 0.1368 0.1984 -0.0121 -0.0128 -0.0001 459 TRP A O   
143 C  CB  . TRP A 24 ? 0.0815 0.1269 0.1660 -0.0010 -0.0066 -0.0088 459 TRP A CB  
144 C  CG  . TRP A 24 ? 0.1019 0.1265 0.1785 0.0018  -0.0070 -0.0037 459 TRP A CG  
145 C  CD1 . TRP A 24 ? 0.0540 0.1194 0.1697 -0.0212 -0.0213 -0.0155 459 TRP A CD1 
146 C  CD2 . TRP A 24 ? 0.0768 0.1182 0.1543 -0.0240 -0.0133 0.0056  459 TRP A CD2 
147 N  NE1 . TRP A 24 ? 0.0967 0.1310 0.1689 -0.0189 -0.0155 0.0077  459 TRP A NE1 
148 C  CE2 . TRP A 24 ? 0.0566 0.1182 0.1631 -0.0132 -0.0079 -0.0003 459 TRP A CE2 
149 C  CE3 . TRP A 24 ? 0.0873 0.1281 0.1472 -0.0224 -0.0132 0.0003  459 TRP A CE3 
150 C  CZ2 . TRP A 24 ? 0.0671 0.1044 0.1305 -0.0042 -0.0029 -0.0019 459 TRP A CZ2 
151 C  CZ3 . TRP A 24 ? 0.0855 0.1215 0.1605 -0.0097 -0.0096 0.0019  459 TRP A CZ3 
152 C  CH2 . TRP A 24 ? 0.0705 0.1057 0.1576 -0.0130 -0.0078 -0.0090 459 TRP A CH2 
153 N  N   . LEU A 25 ? 0.1061 0.1377 0.1749 -0.0131 -0.0164 -0.0041 460 LEU A N   
154 C  CA  . LEU A 25 ? 0.1126 0.1531 0.1754 -0.0108 -0.0145 -0.0038 460 LEU A CA  
155 C  C   . LEU A 25 ? 0.1321 0.1663 0.1830 -0.0028 -0.0129 -0.0075 460 LEU A C   
156 O  O   . LEU A 25 ? 0.1370 0.1803 0.2037 0.0141  -0.0120 -0.0057 460 LEU A O   
157 C  CB  . LEU A 25 ? 0.1177 0.1434 0.1751 -0.0036 -0.0161 -0.0036 460 LEU A CB  
158 C  CG  . LEU A 25 ? 0.1233 0.1372 0.1839 -0.0001 -0.0035 0.0065  460 LEU A CG  
159 C  CD1 . LEU A 25 ? 0.1549 0.1379 0.2235 0.0047  -0.0012 0.0154  460 LEU A CD1 
160 C  CD2 . LEU A 25 ? 0.1227 0.1626 0.1764 0.0100  -0.0220 0.0049  460 LEU A CD2 
161 N  N   . LYS A 26 ? 0.1290 0.1811 0.1853 -0.0004 -0.0063 -0.0045 461 LYS A N   
162 C  CA  . LYS A 26 ? 0.1817 0.2130 0.2199 -0.0009 -0.0081 -0.0020 461 LYS A CA  
163 C  C   . LYS A 26 ? 0.1659 0.2046 0.2003 0.0003  -0.0062 -0.0031 461 LYS A C   
164 O  O   . LYS A 26 ? 0.1645 0.2048 0.2057 0.0041  -0.0184 -0.0067 461 LYS A O   
165 C  CB  . LYS A 26 ? 0.1534 0.2107 0.2037 0.0033  0.0026  -0.0073 461 LYS A CB  
166 C  CG  . LYS A 26 ? 0.2300 0.2476 0.2229 0.0016  -0.0021 -0.0054 461 LYS A CG  
167 C  CD  . LYS A 26 ? 0.1781 0.2382 0.2086 0.0259  0.0234  -0.0209 461 LYS A CD  
168 C  CE  . LYS A 26 ? 0.3923 0.3377 0.3134 -0.0359 -0.0134 0.0074  461 LYS A CE  
169 N  NZ  . LYS A 26 ? 0.2252 0.3059 0.3185 0.0521  0.0200  -0.0167 461 LYS A NZ  
170 N  N   . SER A 27 ? 0.1677 0.1975 0.2071 -0.0096 -0.0116 -0.0027 462 SER A N   
171 C  CA  . SER A 27 ? 0.1868 0.2044 0.2189 -0.0103 -0.0144 -0.0020 462 SER A CA  
172 C  C   . SER A 27 ? 0.1859 0.2048 0.2144 -0.0119 -0.0166 -0.0020 462 SER A C   
173 O  O   . SER A 27 ? 0.1821 0.2228 0.2316 -0.0178 -0.0219 0.0086  462 SER A O   
174 C  CB  . SER A 27 ? 0.1985 0.2061 0.2093 -0.0114 -0.0111 -0.0022 462 SER A CB  
175 O  OG  . SER A 27 ? 0.2238 0.2003 0.2545 -0.0174 -0.0040 -0.0069 462 SER A OG  
176 N  N   . LEU A 28 ? 0.1756 0.2060 0.2126 -0.0071 -0.0135 -0.0024 463 LEU A N   
177 C  CA  . LEU A 28 ? 0.1806 0.2054 0.2092 -0.0034 -0.0146 -0.0042 463 LEU A CA  
178 C  C   . LEU A 28 ? 0.1784 0.1986 0.2007 -0.0031 -0.0096 -0.0019 463 LEU A C   
179 O  O   . LEU A 28 ? 0.1745 0.1998 0.2032 0.0029  -0.0109 -0.0060 463 LEU A O   
180 C  CB  . LEU A 28 ? 0.1859 0.2024 0.2154 -0.0013 -0.0110 -0.0050 463 LEU A CB  
181 C  CG  . LEU A 28 ? 0.1988 0.2059 0.2132 0.0027  -0.0113 -0.0119 463 LEU A CG  
182 C  CD1 . LEU A 28 ? 0.2092 0.2050 0.2129 0.0034  -0.0086 -0.0117 463 LEU A CD1 
183 C  CD2 . LEU A 28 ? 0.2397 0.2063 0.2198 0.0045  0.0009  -0.0063 463 LEU A CD2 
184 N  N   . ARG A 29 ? 0.1801 0.2004 0.1945 -0.0028 -0.0105 0.0015  464 ARG A N   
185 C  CA  . ARG A 29 ? 0.1751 0.2023 0.1954 -0.0074 -0.0147 0.0061  464 ARG A CA  
186 C  C   . ARG A 29 ? 0.1724 0.1991 0.1981 -0.0080 -0.0171 0.0069  464 ARG A C   
187 O  O   . ARG A 29 ? 0.1732 0.2074 0.2086 -0.0204 -0.0268 0.0076  464 ARG A O   
188 C  CB  . ARG A 29 ? 0.1861 0.2157 0.1980 -0.0076 -0.0122 0.0050  464 ARG A CB  
189 C  CG  . ARG A 29 ? 0.2063 0.2328 0.2181 -0.0164 -0.0106 0.0062  464 ARG A CG  
190 C  CD  . ARG A 29 ? 0.2239 0.2711 0.2225 0.0185  -0.0058 0.0059  464 ARG A CD  
191 N  NE  . ARG A 29 ? 0.3493 0.4140 0.2823 -0.0328 -0.0111 0.0232  464 ARG A NE  
192 C  CZ  . ARG A 29 ? 0.2004 0.2142 0.3098 0.0046  -0.0232 -0.0365 464 ARG A CZ  
193 N  NH1 . ARG A 29 ? 0.4180 0.4196 0.3481 0.0437  0.0038  0.0207  464 ARG A NH1 
194 N  NH2 . ARG A 29 ? 0.4138 0.3525 0.3144 -0.0079 0.0011  -0.0008 464 ARG A NH2 
195 N  N   . LEU A 30 ? 0.1532 0.1788 0.1895 -0.0063 -0.0171 -0.0029 465 LEU A N   
196 C  CA  . LEU A 30 ? 0.1598 0.1743 0.1904 0.0008  -0.0177 -0.0023 465 LEU A CA  
197 C  C   . LEU A 30 ? 0.1529 0.1650 0.1861 -0.0014 -0.0166 -0.0048 465 LEU A C   
198 O  O   . LEU A 30 ? 0.1458 0.1560 0.1824 0.0028  -0.0189 -0.0160 465 LEU A O   
199 C  CB  . LEU A 30 ? 0.1568 0.1752 0.1951 0.0001  -0.0081 -0.0014 465 LEU A CB  
200 C  CG  . LEU A 30 ? 0.1848 0.1950 0.2085 -0.0005 -0.0167 0.0047  465 LEU A CG  
201 C  CD1 . LEU A 30 ? 0.1893 0.2228 0.2107 0.0050  -0.0061 -0.0042 465 LEU A CD1 
202 C  CD2 . LEU A 30 ? 0.1892 0.2056 0.2352 -0.0104 -0.0239 0.0125  465 LEU A CD2 
203 N  N   . HIS A 31 ? 0.1601 0.1664 0.1931 -0.0031 -0.0136 -0.0047 466 HIS A N   
204 C  CA  A HIS A 31 ? 0.1606 0.1686 0.1952 0.0000  -0.0118 -0.0020 466 HIS A CA  
205 C  CA  B HIS A 31 ? 0.1577 0.1662 0.1924 -0.0002 -0.0119 -0.0020 466 HIS A CA  
206 C  C   . HIS A 31 ? 0.1671 0.1766 0.2033 -0.0013 -0.0163 0.0000  466 HIS A C   
207 O  O   . HIS A 31 ? 0.1600 0.1638 0.2235 0.0040  -0.0173 -0.0023 466 HIS A O   
208 C  CB  A HIS A 31 ? 0.1612 0.1685 0.1863 -0.0009 -0.0091 0.0001  466 HIS A CB  
209 C  CB  B HIS A 31 ? 0.1542 0.1624 0.1831 -0.0003 -0.0107 0.0004  466 HIS A CB  
210 C  CG  A HIS A 31 ? 0.1566 0.1582 0.1752 0.0008  -0.0034 -0.0024 466 HIS A CG  
211 C  CG  B HIS A 31 ? 0.1382 0.1401 0.1548 -0.0014 -0.0037 -0.0001 466 HIS A CG  
212 N  ND1 A HIS A 31 ? 0.1559 0.1369 0.1687 -0.0017 0.0045  -0.0024 466 HIS A ND1 
213 N  ND1 B HIS A 31 ? 0.1169 0.1314 0.1358 -0.0021 -0.0073 -0.0038 466 HIS A ND1 
214 C  CD2 A HIS A 31 ? 0.1443 0.1509 0.1632 0.0019  -0.0023 0.0040  466 HIS A CD2 
215 C  CD2 B HIS A 31 ? 0.1230 0.1252 0.1391 0.0007  0.0026  -0.0010 466 HIS A CD2 
216 C  CE1 A HIS A 31 ? 0.1458 0.1271 0.1523 -0.0005 -0.0048 0.0037  466 HIS A CE1 
217 C  CE1 B HIS A 31 ? 0.1262 0.1227 0.1306 0.0044  -0.0024 0.0008  466 HIS A CE1 
218 N  NE2 A HIS A 31 ? 0.1662 0.1628 0.1645 -0.0004 0.0028  -0.0006 466 HIS A NE2 
219 N  NE2 B HIS A 31 ? 0.1072 0.1196 0.1371 -0.0022 -0.0076 -0.0001 466 HIS A NE2 
220 N  N   . LYS A 32 ? 0.1791 0.1884 0.2290 -0.0020 -0.0144 -0.0054 467 LYS A N   
221 C  CA  . LYS A 32 ? 0.2115 0.2163 0.2589 -0.0045 -0.0050 -0.0027 467 LYS A CA  
222 C  C   . LYS A 32 ? 0.1872 0.1967 0.2455 -0.0035 -0.0093 -0.0018 467 LYS A C   
223 O  O   . LYS A 32 ? 0.2098 0.2006 0.2680 0.0002  -0.0067 0.0031  467 LYS A O   
224 C  CB  . LYS A 32 ? 0.2149 0.2223 0.2525 -0.0046 -0.0178 -0.0047 467 LYS A CB  
225 C  CG  . LYS A 32 ? 0.2363 0.2485 0.2789 0.0057  -0.0048 0.0032  467 LYS A CG  
226 C  CD  . LYS A 32 ? 0.2101 0.2080 0.2343 0.0169  -0.0443 0.0233  467 LYS A CD  
227 C  CE  . LYS A 32 ? 0.4080 0.3410 0.4372 0.0005  0.1364  0.0042  467 LYS A CE  
228 N  NZ  . LYS A 32 ? 0.2059 0.3540 0.1866 -0.0378 -0.1194 -0.0181 467 LYS A NZ  
229 N  N   . TYR A 33 ? 0.1665 0.1920 0.2417 -0.0052 -0.0077 0.0000  468 TYR A N   
230 C  CA  . TYR A 33 ? 0.1690 0.1918 0.2336 -0.0013 -0.0166 -0.0057 468 TYR A CA  
231 C  C   . TYR A 33 ? 0.1692 0.1986 0.2310 0.0009  -0.0120 -0.0018 468 TYR A C   
232 O  O   . TYR A 33 ? 0.1535 0.1962 0.2326 -0.0008 -0.0117 -0.0043 468 TYR A O   
233 C  CB  . TYR A 33 ? 0.1654 0.1911 0.2275 -0.0001 -0.0147 -0.0048 468 TYR A CB  
234 C  CG  . TYR A 33 ? 0.1560 0.1848 0.2273 -0.0012 -0.0217 0.0036  468 TYR A CG  
235 C  CD1 . TYR A 33 ? 0.1725 0.1589 0.2174 -0.0061 -0.0088 0.0068  468 TYR A CD1 
236 C  CD2 . TYR A 33 ? 0.1657 0.1836 0.2275 -0.0117 -0.0068 0.0098  468 TYR A CD2 
237 C  CE1 . TYR A 33 ? 0.1551 0.1589 0.2052 -0.0031 -0.0087 0.0067  468 TYR A CE1 
238 C  CE2 . TYR A 33 ? 0.1353 0.1671 0.2257 -0.0131 -0.0065 0.0152  468 TYR A CE2 
239 C  CZ  . TYR A 33 ? 0.1738 0.1657 0.2135 -0.0117 -0.0152 0.0010  468 TYR A CZ  
240 O  OH  . TYR A 33 ? 0.1526 0.1988 0.2404 -0.0065 -0.0100 0.0149  468 TYR A OH  
241 N  N   . SER A 34 ? 0.1914 0.2159 0.2412 -0.0043 -0.0085 0.0009  469 SER A N   
242 C  CA  . SER A 34 ? 0.2050 0.2363 0.2458 -0.0045 -0.0076 -0.0006 469 SER A CA  
243 C  C   . SER A 34 ? 0.2126 0.2396 0.2460 -0.0051 -0.0056 -0.0001 469 SER A C   
244 O  O   . SER A 34 ? 0.2281 0.2426 0.2461 -0.0095 -0.0055 -0.0068 469 SER A O   
245 C  CB  . SER A 34 ? 0.1986 0.2409 0.2476 -0.0043 -0.0063 -0.0040 469 SER A CB  
246 O  OG  . SER A 34 ? 0.2340 0.2828 0.2709 -0.0010 -0.0040 -0.0023 469 SER A OG  
247 N  N   . ASP A 35 ? 0.2341 0.2455 0.2617 -0.0050 -0.0065 0.0044  470 ASP A N   
248 C  CA  . ASP A 35 ? 0.2533 0.2580 0.2806 -0.0114 -0.0068 0.0044  470 ASP A CA  
249 C  C   . ASP A 35 ? 0.2555 0.2567 0.2823 -0.0121 -0.0074 0.0040  470 ASP A C   
250 O  O   . ASP A 35 ? 0.2648 0.2716 0.3021 -0.0148 -0.0130 0.0024  470 ASP A O   
251 C  CB  . ASP A 35 ? 0.2752 0.2644 0.2869 -0.0082 -0.0083 0.0029  470 ASP A CB  
252 C  CG  . ASP A 35 ? 0.2811 0.2877 0.3074 -0.0136 -0.0098 -0.0005 470 ASP A CG  
253 O  OD1 . ASP A 35 ? 0.2841 0.2977 0.3234 -0.0095 -0.0228 -0.0068 470 ASP A OD1 
254 O  OD2 . ASP A 35 ? 0.3245 0.2980 0.3327 -0.0264 -0.0099 0.0017  470 ASP A OD2 
255 N  N   . ALA A 36 ? 0.2383 0.2542 0.2819 -0.0153 -0.0021 0.0020  471 ALA A N   
256 C  CA  . ALA A 36 ? 0.2443 0.2610 0.2781 -0.0113 -0.0015 0.0001  471 ALA A CA  
257 C  C   . ALA A 36 ? 0.2410 0.2613 0.2731 -0.0121 0.0017  0.0021  471 ALA A C   
258 O  O   . ALA A 36 ? 0.2460 0.2708 0.2804 -0.0206 0.0117  0.0083  471 ALA A O   
259 C  CB  . ALA A 36 ? 0.2419 0.2726 0.2826 -0.0024 -0.0010 0.0023  471 ALA A CB  
260 N  N   . LEU A 37 ? 0.2299 0.2480 0.2608 -0.0084 0.0077  0.0042  472 LEU A N   
261 C  CA  . LEU A 37 ? 0.2149 0.2408 0.2494 -0.0048 0.0009  0.0022  472 LEU A CA  
262 C  C   . LEU A 37 ? 0.2109 0.2332 0.2435 0.0009  -0.0076 0.0021  472 LEU A C   
263 O  O   . LEU A 37 ? 0.2230 0.2372 0.2552 0.0071  -0.0106 0.0070  472 LEU A O   
264 C  CB  . LEU A 37 ? 0.2150 0.2371 0.2418 -0.0029 0.0020  0.0039  472 LEU A CB  
265 C  CG  . LEU A 37 ? 0.2102 0.2234 0.2328 -0.0035 0.0051  0.0003  472 LEU A CG  
266 C  CD1 . LEU A 37 ? 0.1625 0.2325 0.2001 -0.0026 0.0227  0.0064  472 LEU A CD1 
267 C  CD2 . LEU A 37 ? 0.2133 0.2427 0.2438 -0.0058 0.0087  -0.0033 472 LEU A CD2 
268 N  N   . SER A 38 ? 0.1965 0.2340 0.2380 -0.0039 -0.0061 -0.0007 473 SER A N   
269 C  CA  . SER A 38 ? 0.2007 0.2286 0.2399 0.0001  -0.0019 -0.0052 473 SER A CA  
270 C  C   . SER A 38 ? 0.1977 0.2161 0.2308 0.0044  -0.0003 -0.0012 473 SER A C   
271 O  O   . SER A 38 ? 0.2067 0.2092 0.2357 0.0104  0.0009  -0.0045 473 SER A O   
272 C  CB  . SER A 38 ? 0.1929 0.2288 0.2430 -0.0020 -0.0022 -0.0019 473 SER A CB  
273 O  OG  . SER A 38 ? 0.2499 0.2532 0.2772 0.0023  -0.0015 -0.0095 473 SER A OG  
274 N  N   . GLY A 39 ? 0.1921 0.2049 0.2262 0.0106  -0.0003 -0.0023 474 GLY A N   
275 C  CA  . GLY A 39 ? 0.1836 0.1963 0.2125 0.0109  -0.0029 0.0051  474 GLY A CA  
276 C  C   . GLY A 39 ? 0.1738 0.1901 0.2139 0.0113  -0.0077 0.0078  474 GLY A C   
277 O  O   . GLY A 39 ? 0.1736 0.1962 0.2084 0.0151  -0.0035 0.0077  474 GLY A O   
278 N  N   . THR A 40 ? 0.1665 0.1750 0.2101 0.0114  -0.0043 0.0125  475 THR A N   
279 C  CA  . THR A 40 ? 0.1460 0.1525 0.2054 0.0062  -0.0058 0.0140  475 THR A CA  
280 C  C   . THR A 40 ? 0.1365 0.1552 0.1972 0.0110  -0.0059 0.0107  475 THR A C   
281 O  O   . THR A 40 ? 0.1146 0.1348 0.1867 0.0196  -0.0105 0.0109  475 THR A O   
282 C  CB  . THR A 40 ? 0.1487 0.1514 0.2073 0.0004  -0.0064 0.0130  475 THR A CB  
283 O  OG1 . THR A 40 ? 0.1448 0.1523 0.2609 0.0058  -0.0191 0.0211  475 THR A OG1 
284 C  CG2 . THR A 40 ? 0.1708 0.1637 0.2270 0.0097  0.0025  0.0115  475 THR A CG2 
285 N  N   . PRO A 41 ? 0.1328 0.1523 0.1910 0.0053  -0.0045 0.0103  476 PRO A N   
286 C  CA  . PRO A 41 ? 0.1389 0.1556 0.1892 0.0000  -0.0048 0.0106  476 PRO A CA  
287 C  C   . PRO A 41 ? 0.1233 0.1424 0.1756 -0.0016 -0.0025 0.0142  476 PRO A C   
288 O  O   . PRO A 41 ? 0.1121 0.1392 0.1899 -0.0059 0.0054  0.0243  476 PRO A O   
289 C  CB  . PRO A 41 ? 0.1555 0.1677 0.1919 0.0069  -0.0056 0.0062  476 PRO A CB  
290 C  CG  . PRO A 41 ? 0.1526 0.1685 0.1918 -0.0083 0.0004  0.0027  476 PRO A CG  
291 C  CD  . PRO A 41 ? 0.1441 0.1671 0.1981 -0.0018 -0.0073 0.0057  476 PRO A CD  
292 N  N   . TRP A 42 ? 0.1119 0.1459 0.1582 -0.0048 -0.0009 0.0138  477 TRP A N   
293 C  CA  . TRP A 42 ? 0.1099 0.1361 0.1650 -0.0042 -0.0007 0.0097  477 TRP A CA  
294 C  C   . TRP A 42 ? 0.1135 0.1470 0.1603 -0.0080 -0.0010 0.0088  477 TRP A C   
295 O  O   . TRP A 42 ? 0.1157 0.1545 0.1620 -0.0042 -0.0018 0.0104  477 TRP A O   
296 C  CB  . TRP A 42 ? 0.1169 0.1361 0.1651 -0.0079 -0.0066 0.0115  477 TRP A CB  
297 C  CG  . TRP A 42 ? 0.1046 0.1357 0.1743 0.0007  -0.0151 0.0016  477 TRP A CG  
298 C  CD1 . TRP A 42 ? 0.0984 0.1523 0.1753 0.0032  -0.0202 0.0042  477 TRP A CD1 
299 C  CD2 . TRP A 42 ? 0.0968 0.1395 0.1510 -0.0088 -0.0155 -0.0105 477 TRP A CD2 
300 N  NE1 . TRP A 42 ? 0.0930 0.1245 0.1915 0.0020  -0.0241 -0.0017 477 TRP A NE1 
301 C  CE2 . TRP A 42 ? 0.0968 0.1375 0.1741 -0.0031 -0.0154 0.0013  477 TRP A CE2 
302 C  CE3 . TRP A 42 ? 0.1120 0.1235 0.1499 0.0021  -0.0119 -0.0103 477 TRP A CE3 
303 C  CZ2 . TRP A 42 ? 0.1011 0.1386 0.1760 -0.0006 -0.0052 0.0019  477 TRP A CZ2 
304 C  CZ3 . TRP A 42 ? 0.1121 0.1394 0.1882 -0.0063 -0.0210 -0.0022 477 TRP A CZ3 
305 C  CH2 . TRP A 42 ? 0.0990 0.1323 0.1798 -0.0098 -0.0214 0.0072  477 TRP A CH2 
306 N  N   . ILE A 43 ? 0.1272 0.1610 0.1688 -0.0086 0.0004  0.0085  478 ILE A N   
307 C  CA  . ILE A 43 ? 0.1565 0.1787 0.1926 -0.0107 -0.0006 0.0035  478 ILE A CA  
308 C  C   . ILE A 43 ? 0.1464 0.1739 0.1895 -0.0017 0.0035  0.0067  478 ILE A C   
309 O  O   . ILE A 43 ? 0.1546 0.1786 0.2129 0.0004  0.0017  0.0092  478 ILE A O   
310 C  CB  . ILE A 43 ? 0.1594 0.1805 0.1936 -0.0143 -0.0056 0.0053  478 ILE A CB  
311 C  CG1 . ILE A 43 ? 0.1988 0.2075 0.2101 -0.0077 -0.0129 0.0040  478 ILE A CG1 
312 C  CG2 . ILE A 43 ? 0.1794 0.2002 0.2190 -0.0194 0.0026  0.0050  478 ILE A CG2 
313 C  CD1 . ILE A 43 ? 0.1855 0.2151 0.2131 -0.0069 -0.0042 0.0088  478 ILE A CD1 
314 N  N   . GLU A 44 ? 0.1306 0.1607 0.1790 -0.0071 -0.0015 0.0068  479 GLU A N   
315 C  CA  . GLU A 44 ? 0.1464 0.1606 0.1900 0.0014  -0.0023 0.0128  479 GLU A CA  
316 C  C   . GLU A 44 ? 0.1303 0.1519 0.1885 -0.0012 0.0019  0.0103  479 GLU A C   
317 O  O   . GLU A 44 ? 0.1341 0.1767 0.2000 0.0104  0.0095  0.0201  479 GLU A O   
318 C  CB  . GLU A 44 ? 0.1298 0.1448 0.1830 -0.0053 -0.0034 0.0059  479 GLU A CB  
319 C  CG  . GLU A 44 ? 0.1575 0.1655 0.2170 0.0014  0.0003  0.0199  479 GLU A CG  
320 C  CD  . GLU A 44 ? 0.1903 0.1811 0.2281 0.0046  -0.0049 0.0169  479 GLU A CD  
321 O  OE1 . GLU A 44 ? 0.2385 0.2386 0.2586 0.0209  -0.0175 0.0226  479 GLU A OE1 
322 O  OE2 . GLU A 44 ? 0.2638 0.2245 0.2974 0.0032  -0.0046 0.0272  479 GLU A OE2 
323 N  N   . LEU A 45 ? 0.1204 0.1479 0.1743 0.0014  -0.0013 0.0105  480 LEU A N   
324 C  CA  . LEU A 45 ? 0.1085 0.1343 0.1645 0.0039  0.0059  0.0028  480 LEU A CA  
325 C  C   . LEU A 45 ? 0.0880 0.1206 0.1501 -0.0006 -0.0044 0.0076  480 LEU A C   
326 O  O   . LEU A 45 ? 0.0854 0.1280 0.1747 -0.0008 -0.0048 -0.0009 480 LEU A O   
327 C  CB  . LEU A 45 ? 0.1326 0.1501 0.1722 0.0052  0.0070  0.0033  480 LEU A CB  
328 C  CG  . LEU A 45 ? 0.1242 0.1675 0.1750 -0.0055 0.0048  0.0094  480 LEU A CG  
329 C  CD1 . LEU A 45 ? 0.1399 0.1790 0.2161 0.0008  -0.0111 0.0027  480 LEU A CD1 
330 C  CD2 . LEU A 45 ? 0.1513 0.2123 0.1956 0.0033  0.0209  0.0128  480 LEU A CD2 
331 N  N   . ILE A 46 ? 0.0640 0.1133 0.1416 0.0004  0.0054  0.0121  481 ILE A N   
332 C  CA  . ILE A 46 ? 0.0565 0.0997 0.1507 -0.0060 0.0092  0.0098  481 ILE A CA  
333 C  C   . ILE A 46 ? 0.0688 0.1176 0.1544 -0.0061 0.0034  0.0078  481 ILE A C   
334 O  O   . ILE A 46 ? 0.0535 0.1222 0.1494 0.0092  -0.0064 0.0188  481 ILE A O   
335 C  CB  . ILE A 46 ? 0.0680 0.0955 0.1541 -0.0044 0.0070  0.0086  481 ILE A CB  
336 C  CG1 . ILE A 46 ? 0.0658 0.0918 0.1426 -0.0142 0.0189  0.0090  481 ILE A CG1 
337 C  CG2 . ILE A 46 ? 0.0514 0.1086 0.1533 0.0151  0.0111  0.0053  481 ILE A CG2 
338 C  CD1 . ILE A 46 ? 0.0899 0.1028 0.1707 -0.0162 -0.0003 -0.0004 481 ILE A CD1 
339 N  N   . TYR A 47 ? 0.0711 0.1258 0.1606 -0.0098 -0.0013 0.0059  482 TYR A N   
340 C  CA  . TYR A 47 ? 0.0973 0.1342 0.1715 -0.0108 0.0016  0.0055  482 TYR A CA  
341 C  C   . TYR A 47 ? 0.1028 0.1355 0.1770 -0.0121 -0.0040 -0.0014 482 TYR A C   
342 O  O   . TYR A 47 ? 0.1147 0.1287 0.1792 -0.0113 0.0023  -0.0046 482 TYR A O   
343 C  CB  . TYR A 47 ? 0.1003 0.1457 0.1762 -0.0143 -0.0005 0.0081  482 TYR A CB  
344 C  CG  . TYR A 47 ? 0.1264 0.1382 0.1689 -0.0029 -0.0085 -0.0075 482 TYR A CG  
345 C  CD1 . TYR A 47 ? 0.1178 0.1512 0.1897 -0.0002 -0.0127 0.0044  482 TYR A CD1 
346 C  CD2 . TYR A 47 ? 0.1281 0.1527 0.1522 -0.0162 0.0025  0.0020  482 TYR A CD2 
347 C  CE1 . TYR A 47 ? 0.1315 0.1587 0.2004 -0.0050 -0.0227 -0.0045 482 TYR A CE1 
348 C  CE2 . TYR A 47 ? 0.1544 0.1652 0.1896 -0.0156 -0.0120 0.0037  482 TYR A CE2 
349 C  CZ  . TYR A 47 ? 0.1376 0.1608 0.2017 -0.0189 -0.0004 -0.0019 482 TYR A CZ  
350 O  OH  . TYR A 47 ? 0.1586 0.1696 0.1958 -0.0208 -0.0121 -0.0092 482 TYR A OH  
351 N  N   . LEU A 48 ? 0.1047 0.1362 0.1782 -0.0104 -0.0048 0.0019  483 LEU A N   
352 C  CA  . LEU A 48 ? 0.0971 0.1500 0.1838 -0.0108 -0.0106 -0.0018 483 LEU A CA  
353 C  C   . LEU A 48 ? 0.0986 0.1516 0.1804 -0.0098 -0.0056 0.0047  483 LEU A C   
354 O  O   . LEU A 48 ? 0.0714 0.1694 0.1951 -0.0236 -0.0177 0.0129  483 LEU A O   
355 C  CB  . LEU A 48 ? 0.1074 0.1470 0.1812 -0.0127 -0.0094 -0.0030 483 LEU A CB  
356 C  CG  . LEU A 48 ? 0.1488 0.1819 0.1956 0.0052  -0.0040 0.0033  483 LEU A CG  
357 C  CD1 . LEU A 48 ? 0.2039 0.1934 0.2162 0.0164  -0.0043 0.0008  483 LEU A CD1 
358 C  CD2 . LEU A 48 ? 0.1553 0.2154 0.2106 0.0095  0.0041  0.0172  483 LEU A CD2 
359 N  N   . ASP A 49 ? 0.0975 0.1412 0.1880 -0.0193 -0.0065 0.0009  484 ASP A N   
360 C  CA  . ASP A 49 ? 0.1152 0.1449 0.1880 -0.0101 -0.0034 0.0045  484 ASP A CA  
361 C  C   . ASP A 49 ? 0.1054 0.1366 0.1773 -0.0050 -0.0007 0.0055  484 ASP A C   
362 O  O   . ASP A 49 ? 0.0838 0.1171 0.1813 -0.0097 -0.0076 0.0087  484 ASP A O   
363 C  CB  . ASP A 49 ? 0.1368 0.1479 0.1848 -0.0092 0.0030  0.0022  484 ASP A CB  
364 C  CG  . ASP A 49 ? 0.1853 0.1798 0.2131 -0.0037 0.0007  0.0036  484 ASP A CG  
365 O  OD1 . ASP A 49 ? 0.2193 0.1468 0.2328 -0.0031 0.0148  0.0115  484 ASP A OD1 
366 O  OD2 . ASP A 49 ? 0.2405 0.2243 0.2510 0.0086  0.0282  -0.0027 484 ASP A OD2 
367 N  N   . ASP A 50 ? 0.0939 0.1356 0.1816 -0.0087 -0.0050 0.0050  485 ASP A N   
368 C  CA  . ASP A 50 ? 0.0895 0.1283 0.1758 -0.0042 -0.0074 0.0103  485 ASP A CA  
369 C  C   . ASP A 50 ? 0.1014 0.1307 0.1796 -0.0128 -0.0056 0.0055  485 ASP A C   
370 O  O   . ASP A 50 ? 0.1116 0.1364 0.1792 -0.0167 0.0081  0.0101  485 ASP A O   
371 C  CB  . ASP A 50 ? 0.0974 0.1340 0.1903 -0.0059 -0.0199 0.0155  485 ASP A CB  
372 C  CG  . ASP A 50 ? 0.1263 0.1668 0.1835 -0.0122 -0.0041 0.0056  485 ASP A CG  
373 O  OD1 . ASP A 50 ? 0.1469 0.1575 0.1954 -0.0035 -0.0002 0.0095  485 ASP A OD1 
374 O  OD2 . ASP A 50 ? 0.1707 0.2367 0.2498 -0.0377 0.0087  0.0172  485 ASP A OD2 
375 N  N   . GLU A 51 ? 0.1192 0.1279 0.1954 -0.0164 -0.0061 0.0086  486 GLU A N   
376 C  CA  . GLU A 51 ? 0.1201 0.1292 0.1832 -0.0078 0.0059  0.0166  486 GLU A CA  
377 C  C   . GLU A 51 ? 0.1217 0.1284 0.1819 -0.0101 -0.0024 0.0096  486 GLU A C   
378 O  O   . GLU A 51 ? 0.1072 0.1107 0.1943 -0.0137 -0.0033 0.0025  486 GLU A O   
379 C  CB  . GLU A 51 ? 0.1460 0.1482 0.2003 -0.0020 0.0073  0.0107  486 GLU A CB  
380 C  CG  . GLU A 51 ? 0.1853 0.1889 0.2296 -0.0056 0.0268  0.0210  486 GLU A CG  
381 C  CD  . GLU A 51 ? 0.2687 0.2594 0.2563 0.0005  0.0298  0.0065  486 GLU A CD  
382 O  OE1 . GLU A 51 ? 0.2540 0.2354 0.2852 0.0105  0.0567  0.0273  486 GLU A OE1 
383 O  OE2 . GLU A 51 ? 0.3183 0.2654 0.3104 -0.0053 0.0195  0.0241  486 GLU A OE2 
384 N  N   . THR A 52 ? 0.1075 0.1188 0.1724 -0.0116 -0.0046 0.0092  487 THR A N   
385 C  CA  . THR A 52 ? 0.1168 0.1238 0.1818 -0.0111 -0.0079 0.0102  487 THR A CA  
386 C  C   . THR A 52 ? 0.1152 0.1196 0.1814 -0.0057 -0.0064 0.0095  487 THR A C   
387 O  O   . THR A 52 ? 0.1139 0.1258 0.1921 0.0002  -0.0084 0.0043  487 THR A O   
388 C  CB  . THR A 52 ? 0.1244 0.1254 0.1766 -0.0064 -0.0072 0.0024  487 THR A CB  
389 O  OG1 . THR A 52 ? 0.1533 0.1220 0.1793 -0.0209 -0.0035 0.0098  487 THR A OG1 
390 C  CG2 . THR A 52 ? 0.1082 0.1372 0.1939 -0.0121 -0.0069 0.0174  487 THR A CG2 
391 N  N   . LEU A 53 ? 0.1170 0.1254 0.1746 -0.0073 -0.0057 0.0063  488 LEU A N   
392 C  CA  . LEU A 53 ? 0.1025 0.1209 0.1748 -0.0077 -0.0047 0.0130  488 LEU A CA  
393 C  C   . LEU A 53 ? 0.1124 0.1316 0.1784 -0.0078 -0.0029 0.0077  488 LEU A C   
394 O  O   . LEU A 53 ? 0.0902 0.1158 0.1931 -0.0040 -0.0191 0.0054  488 LEU A O   
395 C  CB  . LEU A 53 ? 0.1064 0.1256 0.1744 -0.0091 -0.0073 0.0129  488 LEU A CB  
396 C  CG  . LEU A 53 ? 0.0895 0.1060 0.1726 -0.0080 -0.0008 0.0034  488 LEU A CG  
397 C  CD1 . LEU A 53 ? 0.0819 0.1057 0.1587 -0.0105 0.0002  0.0123  488 LEU A CD1 
398 C  CD2 . LEU A 53 ? 0.0838 0.1263 0.1931 -0.0032 0.0007  0.0058  488 LEU A CD2 
399 N  N   . GLU A 54 ? 0.0999 0.1311 0.1875 -0.0059 -0.0057 0.0073  489 GLU A N   
400 C  CA  . GLU A 54 ? 0.1326 0.1535 0.2000 -0.0074 -0.0046 0.0034  489 GLU A CA  
401 C  C   . GLU A 54 ? 0.1348 0.1433 0.1948 -0.0110 -0.0017 0.0045  489 GLU A C   
402 O  O   . GLU A 54 ? 0.1468 0.1591 0.1985 -0.0038 0.0069  0.0044  489 GLU A O   
403 C  CB  . GLU A 54 ? 0.1367 0.1592 0.2025 -0.0065 -0.0050 0.0024  489 GLU A CB  
404 C  CG  . GLU A 54 ? 0.1315 0.1726 0.2231 -0.0156 -0.0076 0.0015  489 GLU A CG  
405 C  CD  . GLU A 54 ? 0.1545 0.2007 0.2390 -0.0083 -0.0093 -0.0022 489 GLU A CD  
406 O  OE1 . GLU A 54 ? 0.1979 0.2614 0.3016 -0.0002 -0.0085 -0.0048 489 GLU A OE1 
407 O  OE2 . GLU A 54 ? 0.2163 0.2385 0.2894 -0.0472 -0.0157 0.0076  489 GLU A OE2 
408 N  N   . LYS A 55 ? 0.1332 0.1376 0.2031 -0.0108 0.0013  0.0063  490 LYS A N   
409 C  CA  . LYS A 55 ? 0.1354 0.1401 0.1980 -0.0083 0.0024  0.0104  490 LYS A CA  
410 C  C   . LYS A 55 ? 0.1490 0.1490 0.2128 -0.0040 0.0063  0.0058  490 LYS A C   
411 O  O   . LYS A 55 ? 0.1508 0.1509 0.2185 -0.0054 0.0166  0.0097  490 LYS A O   
412 C  CB  . LYS A 55 ? 0.1421 0.1365 0.2046 -0.0072 -0.0054 0.0040  490 LYS A CB  
413 C  CG  . LYS A 55 ? 0.1446 0.1368 0.1967 -0.0184 0.0061  -0.0010 490 LYS A CG  
414 C  CD  . LYS A 55 ? 0.1573 0.1490 0.1996 -0.0060 0.0049  0.0078  490 LYS A CD  
415 C  CE  . LYS A 55 ? 0.1717 0.1796 0.2151 0.0056  -0.0008 0.0078  490 LYS A CE  
416 N  NZ  . LYS A 55 ? 0.2150 0.2031 0.2468 0.0254  0.0128  0.0093  490 LYS A NZ  
417 N  N   . LYS A 56 ? 0.1405 0.1588 0.2085 -0.0038 0.0094  0.0073  491 LYS A N   
418 C  CA  . LYS A 56 ? 0.1627 0.1813 0.2226 -0.0003 0.0004  0.0015  491 LYS A CA  
419 C  C   . LYS A 56 ? 0.1578 0.1763 0.2159 -0.0014 -0.0020 0.0003  491 LYS A C   
420 O  O   . LYS A 56 ? 0.1742 0.2070 0.2308 0.0084  -0.0001 -0.0066 491 LYS A O   
421 C  CB  . LYS A 56 ? 0.1448 0.1663 0.2099 -0.0019 0.0013  -0.0048 491 LYS A CB  
422 C  CG  . LYS A 56 ? 0.1912 0.2055 0.2216 -0.0023 -0.0002 0.0035  491 LYS A CG  
423 C  CD  . LYS A 56 ? 0.2041 0.2118 0.2551 -0.0011 -0.0106 -0.0022 491 LYS A CD  
424 C  CE  . LYS A 56 ? 0.2702 0.3288 0.3263 -0.0035 0.0077  -0.0099 491 LYS A CE  
425 N  NZ  . LYS A 56 ? 0.3197 0.3133 0.3345 0.0083  -0.0068 0.0315  491 LYS A NZ  
426 N  N   . GLY A 57 ? 0.1433 0.1468 0.1969 -0.0029 -0.0098 0.0029  492 GLY A N   
427 C  CA  . GLY A 57 ? 0.1494 0.1399 0.1923 -0.0035 -0.0078 0.0039  492 GLY A CA  
428 C  C   . GLY A 57 ? 0.1342 0.1347 0.1831 -0.0058 -0.0098 -0.0002 492 GLY A C   
429 O  O   . GLY A 57 ? 0.1376 0.1207 0.1755 -0.0011 -0.0157 0.0025  492 GLY A O   
430 N  N   . VAL A 58 ? 0.1180 0.1223 0.1800 -0.0090 -0.0159 0.0020  493 VAL A N   
431 C  CA  . VAL A 58 ? 0.1191 0.1209 0.1857 -0.0076 -0.0119 0.0027  493 VAL A CA  
432 C  C   . VAL A 58 ? 0.1219 0.1230 0.1862 -0.0057 -0.0123 0.0032  493 VAL A C   
433 O  O   . VAL A 58 ? 0.1194 0.1205 0.2072 -0.0023 -0.0114 0.0013  493 VAL A O   
434 C  CB  . VAL A 58 ? 0.1189 0.1249 0.1731 -0.0134 -0.0115 0.0071  493 VAL A CB  
435 C  CG1 . VAL A 58 ? 0.1407 0.1237 0.1888 -0.0026 -0.0110 0.0142  493 VAL A CG1 
436 C  CG2 . VAL A 58 ? 0.0973 0.1115 0.1667 -0.0142 -0.0041 0.0004  493 VAL A CG2 
437 N  N   . LEU A 59 ? 0.1273 0.1254 0.2018 -0.0003 -0.0150 0.0028  494 LEU A N   
438 C  CA  . LEU A 59 ? 0.1379 0.1352 0.2005 -0.0084 -0.0196 -0.0027 494 LEU A CA  
439 C  C   . LEU A 59 ? 0.1293 0.1368 0.2094 -0.0053 -0.0166 0.0023  494 LEU A C   
440 O  O   . LEU A 59 ? 0.1259 0.1462 0.2290 0.0068  -0.0178 0.0062  494 LEU A O   
441 C  CB  . LEU A 59 ? 0.1487 0.1307 0.2165 -0.0143 -0.0163 0.0052  494 LEU A CB  
442 C  CG  . LEU A 59 ? 0.1729 0.1519 0.1973 0.0011  -0.0042 -0.0037 494 LEU A CG  
443 C  CD1 . LEU A 59 ? 0.2067 0.1382 0.2304 -0.0102 -0.0075 -0.0057 494 LEU A CD1 
444 C  CD2 . LEU A 59 ? 0.1949 0.1718 0.2041 0.0101  -0.0001 0.0002  494 LEU A CD2 
445 N  N   . ALA A 60 ? 0.1234 0.1377 0.2058 -0.0071 -0.0237 0.0026  495 ALA A N   
446 C  CA  . ALA A 60 ? 0.1138 0.1357 0.1977 -0.0097 -0.0189 0.0024  495 ALA A CA  
447 C  C   . ALA A 60 ? 0.1030 0.1346 0.1900 -0.0037 -0.0173 -0.0029 495 ALA A C   
448 O  O   . ALA A 60 ? 0.0717 0.1369 0.1858 -0.0172 -0.0229 -0.0049 495 ALA A O   
449 C  CB  . ALA A 60 ? 0.1328 0.1475 0.1999 -0.0029 -0.0182 0.0059  495 ALA A CB  
450 N  N   . LEU A 61 ? 0.1030 0.1358 0.2000 -0.0077 -0.0189 0.0008  496 LEU A N   
451 C  CA  . LEU A 61 ? 0.0961 0.1293 0.1949 -0.0016 -0.0184 0.0064  496 LEU A CA  
452 C  C   . LEU A 61 ? 0.0975 0.1300 0.1881 0.0003  -0.0175 0.0075  496 LEU A C   
453 O  O   . LEU A 61 ? 0.1270 0.1300 0.2070 -0.0012 -0.0153 0.0030  496 LEU A O   
454 C  CB  . LEU A 61 ? 0.0968 0.1362 0.1966 0.0040  -0.0215 0.0110  496 LEU A CB  
455 C  CG  . LEU A 61 ? 0.1151 0.1378 0.1930 -0.0076 -0.0132 0.0081  496 LEU A CG  
456 C  CD1 . LEU A 61 ? 0.1436 0.1644 0.2044 -0.0011 -0.0171 0.0300  496 LEU A CD1 
457 C  CD2 . LEU A 61 ? 0.1313 0.1755 0.2267 -0.0161 -0.0168 0.0185  496 LEU A CD2 
458 N  N   . GLY A 62 ? 0.1059 0.1261 0.1948 -0.0010 -0.0184 0.0109  497 GLY A N   
459 C  CA  . GLY A 62 ? 0.0916 0.1291 0.1829 -0.0020 -0.0154 0.0077  497 GLY A CA  
460 C  C   . GLY A 62 ? 0.1056 0.1333 0.1879 -0.0035 -0.0183 0.0022  497 GLY A C   
461 O  O   . GLY A 62 ? 0.1061 0.1400 0.1981 -0.0083 -0.0249 0.0080  497 GLY A O   
462 N  N   . ALA A 63 ? 0.0968 0.1417 0.1905 -0.0004 -0.0211 0.0036  498 ALA A N   
463 C  CA  . ALA A 63 ? 0.1014 0.1358 0.1879 0.0047  -0.0149 0.0065  498 ALA A CA  
464 C  C   . ALA A 63 ? 0.1095 0.1358 0.1797 -0.0010 -0.0124 0.0111  498 ALA A C   
465 O  O   . ALA A 63 ? 0.0950 0.1378 0.1799 -0.0019 0.0067  0.0026  498 ALA A O   
466 C  CB  . ALA A 63 ? 0.1122 0.1354 0.1974 0.0050  -0.0132 0.0029  498 ALA A CB  
467 N  N   . ARG A 64 ? 0.0905 0.1222 0.1663 0.0031  -0.0023 0.0089  499 ARG A N   
468 C  CA  . ARG A 64 ? 0.0918 0.1226 0.1661 -0.0098 -0.0064 0.0131  499 ARG A CA  
469 C  C   . ARG A 64 ? 0.0961 0.1271 0.1687 -0.0015 -0.0062 0.0098  499 ARG A C   
470 O  O   . ARG A 64 ? 0.0925 0.1299 0.1575 -0.0104 -0.0168 0.0071  499 ARG A O   
471 C  CB  . ARG A 64 ? 0.0936 0.1290 0.1872 -0.0086 -0.0060 0.0176  499 ARG A CB  
472 C  CG  . ARG A 64 ? 0.1080 0.1349 0.1767 -0.0099 -0.0244 0.0220  499 ARG A CG  
473 C  CD  . ARG A 64 ? 0.0720 0.1715 0.1788 -0.0027 -0.0091 0.0138  499 ARG A CD  
474 N  NE  . ARG A 64 ? 0.1217 0.1581 0.1916 -0.0082 -0.0017 0.0209  499 ARG A NE  
475 C  CZ  . ARG A 64 ? 0.0499 0.1253 0.1924 0.0016  -0.0320 -0.0094 499 ARG A CZ  
476 N  NH1 . ARG A 64 ? 0.1521 0.1679 0.2536 -0.0195 -0.0233 0.0010  499 ARG A NH1 
477 N  NH2 . ARG A 64 ? 0.1452 0.1896 0.2449 -0.0183 -0.0040 0.0127  499 ARG A NH2 
478 N  N   . ARG A 65 ? 0.0856 0.1179 0.1597 -0.0128 -0.0040 0.0115  500 ARG A N   
479 C  CA  . ARG A 65 ? 0.0756 0.1182 0.1641 -0.0110 -0.0046 0.0151  500 ARG A CA  
480 C  C   . ARG A 65 ? 0.0876 0.1186 0.1643 -0.0172 -0.0037 0.0107  500 ARG A C   
481 O  O   . ARG A 65 ? 0.0899 0.1125 0.1946 -0.0149 -0.0089 0.0142  500 ARG A O   
482 C  CB  . ARG A 65 ? 0.0902 0.1186 0.1496 -0.0080 -0.0049 0.0152  500 ARG A CB  
483 C  CG  . ARG A 65 ? 0.0633 0.1302 0.1638 -0.0131 -0.0159 0.0049  500 ARG A CG  
484 C  CD  . ARG A 65 ? 0.1072 0.1734 0.1997 0.0019  -0.0226 0.0129  500 ARG A CD  
485 N  NE  . ARG A 65 ? 0.1147 0.1849 0.2180 0.0007  -0.0100 0.0054  500 ARG A NE  
486 C  CZ  . ARG A 65 ? 0.1576 0.1934 0.2183 -0.0167 -0.0108 0.0099  500 ARG A CZ  
487 N  NH1 . ARG A 65 ? 0.1484 0.1615 0.2244 -0.0262 -0.0062 0.0166  500 ARG A NH1 
488 N  NH2 . ARG A 65 ? 0.1354 0.1877 0.2577 0.0012  -0.0121 0.0182  500 ARG A NH2 
489 N  N   . LYS A 66 ? 0.0758 0.1198 0.1714 -0.0169 -0.0085 0.0090  501 LYS A N   
490 C  CA  . LYS A 66 ? 0.0900 0.1376 0.1606 -0.0090 -0.0034 0.0143  501 LYS A CA  
491 C  C   . LYS A 66 ? 0.0961 0.1289 0.1652 -0.0138 -0.0067 0.0084  501 LYS A C   
492 O  O   . LYS A 66 ? 0.1011 0.1136 0.1817 -0.0268 -0.0143 0.0176  501 LYS A O   
493 C  CB  . LYS A 66 ? 0.0857 0.1381 0.1578 -0.0036 -0.0093 0.0054  501 LYS A CB  
494 C  CG  . LYS A 66 ? 0.1140 0.1688 0.1700 -0.0097 -0.0063 0.0112  501 LYS A CG  
495 C  CD  . LYS A 66 ? 0.1382 0.1930 0.1546 0.0104  0.0111  0.0049  501 LYS A CD  
496 C  CE  . LYS A 66 ? 0.1705 0.2220 0.2153 0.0060  0.0145  0.0018  501 LYS A CE  
497 N  NZ  . LYS A 66 ? 0.2305 0.2543 0.2368 0.0130  0.0200  0.0021  501 LYS A NZ  
498 N  N   . LEU A 67 ? 0.0848 0.1191 0.1349 -0.0028 -0.0179 0.0187  502 LEU A N   
499 C  CA  . LEU A 67 ? 0.0979 0.1277 0.1500 -0.0019 -0.0171 0.0106  502 LEU A CA  
500 C  C   . LEU A 67 ? 0.0880 0.1257 0.1506 0.0044  -0.0146 0.0146  502 LEU A C   
501 O  O   . LEU A 67 ? 0.0995 0.1264 0.1748 0.0038  -0.0172 0.0031  502 LEU A O   
502 C  CB  . LEU A 67 ? 0.1030 0.1218 0.1529 -0.0018 -0.0084 0.0130  502 LEU A CB  
503 C  CG  . LEU A 67 ? 0.0807 0.1258 0.1624 -0.0051 -0.0025 0.0010  502 LEU A CG  
504 C  CD1 . LEU A 67 ? 0.1435 0.1405 0.2041 -0.0182 0.0006  0.0134  502 LEU A CD1 
505 C  CD2 . LEU A 67 ? 0.0524 0.1475 0.1666 0.0067  0.0027  -0.0097 502 LEU A CD2 
506 N  N   . LEU A 68 ? 0.0776 0.1290 0.1654 -0.0059 -0.0062 0.0115  503 LEU A N   
507 C  CA  . LEU A 68 ? 0.0680 0.1137 0.1674 -0.0090 -0.0012 0.0136  503 LEU A CA  
508 C  C   . LEU A 68 ? 0.0865 0.1223 0.1786 -0.0059 -0.0045 0.0091  503 LEU A C   
509 O  O   . LEU A 68 ? 0.0982 0.1282 0.1596 -0.0068 -0.0088 0.0139  503 LEU A O   
510 C  CB  . LEU A 68 ? 0.0775 0.1177 0.1921 -0.0234 -0.0010 0.0094  503 LEU A CB  
511 C  CG  . LEU A 68 ? 0.0716 0.1159 0.1461 -0.0199 0.0038  0.0152  503 LEU A CG  
512 C  CD1 . LEU A 68 ? 0.0664 0.1246 0.1812 -0.0133 -0.0139 0.0014  503 LEU A CD1 
513 C  CD2 . LEU A 68 ? 0.0899 0.1141 0.1524 -0.0195 -0.0127 0.0277  503 LEU A CD2 
514 N  N   . LYS A 69 ? 0.0682 0.1140 0.1745 -0.0076 -0.0062 0.0124  504 LYS A N   
515 C  CA  . LYS A 69 ? 0.0751 0.1260 0.1819 -0.0191 -0.0095 0.0127  504 LYS A CA  
516 C  C   . LYS A 69 ? 0.0785 0.1350 0.1817 -0.0126 -0.0079 0.0065  504 LYS A C   
517 O  O   . LYS A 69 ? 0.0935 0.1333 0.2041 -0.0135 -0.0072 0.0043  504 LYS A O   
518 C  CB  . LYS A 69 ? 0.0859 0.1317 0.1800 -0.0201 -0.0007 0.0144  504 LYS A CB  
519 C  CG  . LYS A 69 ? 0.1438 0.1546 0.2123 -0.0160 0.0059  0.0150  504 LYS A CG  
520 C  CD  . LYS A 69 ? 0.1910 0.2047 0.2284 -0.0083 -0.0149 0.0131  504 LYS A CD  
521 C  CE  . LYS A 69 ? 0.2324 0.2298 0.2897 -0.0142 -0.0102 0.0099  504 LYS A CE  
522 N  NZ  . LYS A 69 ? 0.2779 0.2490 0.2986 -0.0102 -0.0171 -0.0075 504 LYS A NZ  
523 N  N   . ALA A 70 ? 0.0781 0.1280 0.1796 -0.0125 -0.0117 0.0034  505 ALA A N   
524 C  CA  . ALA A 70 ? 0.0847 0.1269 0.1649 -0.0088 -0.0089 0.0061  505 ALA A CA  
525 C  C   . ALA A 70 ? 0.0877 0.1212 0.1577 -0.0071 -0.0076 0.0102  505 ALA A C   
526 O  O   . ALA A 70 ? 0.0980 0.1116 0.1636 -0.0137 -0.0021 0.0174  505 ALA A O   
527 C  CB  . ALA A 70 ? 0.1046 0.1334 0.1601 -0.0011 -0.0063 0.0018  505 ALA A CB  
528 N  N   . PHE A 71 ? 0.0862 0.1048 0.1570 -0.0118 -0.0048 0.0135  506 PHE A N   
529 C  CA  . PHE A 71 ? 0.0855 0.1110 0.1630 -0.0053 -0.0059 0.0163  506 PHE A CA  
530 C  C   . PHE A 71 ? 0.0824 0.1223 0.1568 -0.0096 -0.0036 0.0095  506 PHE A C   
531 O  O   . PHE A 71 ? 0.0635 0.1403 0.1915 -0.0021 -0.0154 0.0158  506 PHE A O   
532 C  CB  . PHE A 71 ? 0.0930 0.1130 0.1605 -0.0105 -0.0012 0.0106  506 PHE A CB  
533 C  CG  . PHE A 71 ? 0.0826 0.1015 0.1728 -0.0138 -0.0089 0.0127  506 PHE A CG  
534 C  CD1 . PHE A 71 ? 0.0886 0.0833 0.1599 -0.0208 -0.0011 -0.0108 506 PHE A CD1 
535 C  CD2 . PHE A 71 ? 0.0624 0.1038 0.1501 -0.0252 -0.0067 0.0029  506 PHE A CD2 
536 C  CE1 . PHE A 71 ? 0.0771 0.1016 0.1944 -0.0134 -0.0096 0.0005  506 PHE A CE1 
537 C  CE2 . PHE A 71 ? 0.0598 0.1074 0.1605 -0.0242 0.0020  -0.0032 506 PHE A CE2 
538 C  CZ  . PHE A 71 ? 0.0678 0.1060 0.1655 -0.0147 0.0000  0.0080  506 PHE A CZ  
539 N  N   . GLY A 72 ? 0.0714 0.1204 0.1629 -0.0061 -0.0087 0.0133  507 GLY A N   
540 C  CA  . GLY A 72 ? 0.0648 0.1178 0.1705 -0.0069 -0.0103 0.0144  507 GLY A CA  
541 C  C   . GLY A 72 ? 0.0780 0.1161 0.1662 -0.0065 -0.0130 0.0139  507 GLY A C   
542 O  O   . GLY A 72 ? 0.0813 0.1172 0.1676 -0.0174 -0.0116 0.0089  507 GLY A O   
543 N  N   . ILE A 73 ? 0.0698 0.1051 0.1582 -0.0130 -0.0138 0.0267  508 ILE A N   
544 C  CA  . ILE A 73 ? 0.0750 0.1272 0.1748 -0.0142 -0.0116 0.0141  508 ILE A CA  
545 C  C   . ILE A 73 ? 0.0890 0.1342 0.1723 -0.0100 -0.0133 0.0070  508 ILE A C   
546 O  O   . ILE A 73 ? 0.0790 0.1358 0.1952 -0.0102 -0.0161 0.0003  508 ILE A O   
547 C  CB  . ILE A 73 ? 0.0834 0.1283 0.1781 -0.0145 -0.0167 0.0116  508 ILE A CB  
548 C  CG1 . ILE A 73 ? 0.1220 0.1353 0.1532 -0.0063 -0.0222 0.0094  508 ILE A CG1 
549 C  CG2 . ILE A 73 ? 0.0768 0.1365 0.1660 -0.0165 0.0024  0.0081  508 ILE A CG2 
550 C  CD1 . ILE A 73 ? 0.1299 0.1745 0.1522 -0.0191 0.0003  0.0168  508 ILE A CD1 
551 N  N   . VAL A 74 ? 0.0862 0.1343 0.1707 -0.0129 -0.0101 0.0078  509 VAL A N   
552 C  CA  . VAL A 74 ? 0.0960 0.1354 0.1692 -0.0088 -0.0112 0.0073  509 VAL A CA  
553 C  C   . VAL A 74 ? 0.0880 0.1435 0.1685 -0.0119 -0.0039 0.0093  509 VAL A C   
554 O  O   . VAL A 74 ? 0.0969 0.1496 0.1770 -0.0183 0.0050  -0.0071 509 VAL A O   
555 C  CB  . VAL A 74 ? 0.0997 0.1373 0.1735 -0.0045 -0.0152 0.0019  509 VAL A CB  
556 C  CG1 . VAL A 74 ? 0.0983 0.1367 0.1620 -0.0064 -0.0183 0.0108  509 VAL A CG1 
557 C  CG2 . VAL A 74 ? 0.1002 0.1341 0.1764 -0.0027 -0.0016 0.0059  509 VAL A CG2 
558 N  N   . ILE A 75 ? 0.0694 0.1346 0.1616 -0.0242 0.0009  0.0051  510 ILE A N   
559 C  CA  . ILE A 75 ? 0.0660 0.1234 0.1627 -0.0209 -0.0002 0.0050  510 ILE A CA  
560 C  C   . ILE A 75 ? 0.0683 0.1274 0.1681 -0.0147 0.0023  0.0035  510 ILE A C   
561 O  O   . ILE A 75 ? 0.0724 0.1266 0.1771 -0.0111 -0.0035 0.0022  510 ILE A O   
562 C  CB  . ILE A 75 ? 0.0549 0.1231 0.1518 -0.0213 -0.0012 0.0080  510 ILE A CB  
563 C  CG1 . ILE A 75 ? 0.0719 0.1119 0.1442 -0.0199 -0.0052 0.0191  510 ILE A CG1 
564 C  CG2 . ILE A 75 ? 0.0862 0.1263 0.1604 -0.0132 0.0116  0.0153  510 ILE A CG2 
565 C  CD1 . ILE A 75 ? 0.0668 0.1369 0.1680 -0.0243 -0.0235 0.0207  510 ILE A CD1 
566 N  N   . ASP A 76 ? 0.0697 0.1272 0.1795 -0.0197 -0.0053 0.0027  511 ASP A N   
567 C  CA  . ASP A 76 ? 0.0984 0.1453 0.1912 -0.0108 -0.0073 0.0033  511 ASP A CA  
568 C  C   . ASP A 76 ? 0.0982 0.1464 0.1831 -0.0142 -0.0032 0.0024  511 ASP A C   
569 O  O   . ASP A 76 ? 0.0965 0.1555 0.1979 -0.0169 0.0133  -0.0040 511 ASP A O   
570 C  CB  . ASP A 76 ? 0.1183 0.1553 0.1904 -0.0079 -0.0045 0.0108  511 ASP A CB  
571 C  CG  . ASP A 76 ? 0.1511 0.1692 0.2042 -0.0117 -0.0062 -0.0036 511 ASP A CG  
572 O  OD1 . ASP A 76 ? 0.1866 0.2203 0.2410 0.0133  -0.0006 -0.0045 511 ASP A OD1 
573 O  OD2 . ASP A 76 ? 0.1805 0.1801 0.2251 -0.0105 0.0018  0.0008  511 ASP A OD2 
574 N  N   . TYR A 77 ? 0.0894 0.1330 0.1716 -0.0083 -0.0042 -0.0042 512 TYR A N   
575 C  CA  . TYR A 77 ? 0.1025 0.1426 0.1669 -0.0136 -0.0051 0.0036  512 TYR A CA  
576 C  C   . TYR A 77 ? 0.1065 0.1465 0.1732 -0.0098 -0.0044 -0.0018 512 TYR A C   
577 O  O   . TYR A 77 ? 0.0986 0.1544 0.1641 -0.0267 -0.0119 -0.0070 512 TYR A O   
578 C  CB  . TYR A 77 ? 0.1158 0.1456 0.1745 -0.0077 -0.0026 0.0066  512 TYR A CB  
579 C  CG  . TYR A 77 ? 0.1426 0.1704 0.1781 -0.0074 -0.0033 0.0074  512 TYR A CG  
580 C  CD1 . TYR A 77 ? 0.1600 0.1763 0.1858 0.0011  -0.0066 0.0154  512 TYR A CD1 
581 C  CD2 . TYR A 77 ? 0.1613 0.1829 0.1988 -0.0238 -0.0084 0.0093  512 TYR A CD2 
582 C  CE1 . TYR A 77 ? 0.1608 0.1657 0.1786 -0.0038 -0.0110 0.0063  512 TYR A CE1 
583 C  CE2 . TYR A 77 ? 0.1695 0.1811 0.2003 -0.0287 -0.0264 0.0162  512 TYR A CE2 
584 C  CZ  . TYR A 77 ? 0.2100 0.2015 0.2063 0.0005  -0.0103 0.0197  512 TYR A CZ  
585 O  OH  . TYR A 77 ? 0.2494 0.2006 0.2029 -0.0081 -0.0142 0.0305  512 TYR A OH  
586 N  N   . LYS A 78 ? 0.0989 0.1450 0.1739 -0.0218 -0.0017 0.0019  513 LYS A N   
587 C  CA  . LYS A 78 ? 0.1087 0.1464 0.1809 -0.0138 -0.0074 0.0015  513 LYS A CA  
588 C  C   . LYS A 78 ? 0.1137 0.1562 0.1808 -0.0082 -0.0012 0.0043  513 LYS A C   
589 O  O   . LYS A 78 ? 0.0969 0.1591 0.1872 -0.0195 -0.0001 -0.0100 513 LYS A O   
590 C  CB  . LYS A 78 ? 0.1038 0.1392 0.1889 -0.0101 0.0014  0.0112  513 LYS A CB  
591 C  CG  . LYS A 78 ? 0.1460 0.1648 0.1945 -0.0113 -0.0067 0.0002  513 LYS A CG  
592 C  CD  . LYS A 78 ? 0.1651 0.1745 0.2169 -0.0217 0.0135  0.0049  513 LYS A CD  
593 C  CE  . LYS A 78 ? 0.2199 0.2340 0.2526 -0.0048 0.0023  0.0031  513 LYS A CE  
594 N  NZ  . LYS A 78 ? 0.2537 0.2642 0.2572 -0.0023 -0.0004 -0.0008 513 LYS A NZ  
595 N  N   . GLU A 79 ? 0.1154 0.1703 0.1917 -0.0108 -0.0005 -0.0049 514 GLU A N   
596 C  CA  . GLU A 79 ? 0.1448 0.1860 0.2129 -0.0048 -0.0017 -0.0090 514 GLU A CA  
597 C  C   . GLU A 79 ? 0.1333 0.1783 0.2048 -0.0009 -0.0044 -0.0106 514 GLU A C   
598 O  O   . GLU A 79 ? 0.1586 0.1913 0.2210 -0.0086 -0.0090 -0.0175 514 GLU A O   
599 C  CB  . GLU A 79 ? 0.1453 0.1957 0.2195 -0.0014 0.0067  -0.0116 514 GLU A CB  
600 C  CG  . GLU A 79 ? 0.1786 0.2075 0.2471 -0.0026 -0.0030 -0.0007 514 GLU A CG  
601 C  CD  . GLU A 79 ? 0.1894 0.2180 0.2593 -0.0057 0.0093  0.0021  514 GLU A CD  
602 O  OE1 . GLU A 79 ? 0.2742 0.2631 0.3341 0.0253  0.0017  0.0108  514 GLU A OE1 
603 O  OE2 . GLU A 79 ? 0.2801 0.2524 0.2807 -0.0017 0.0132  0.0092  514 GLU A OE2 
604 N  N   . ARG A 80 ? 0.1134 0.1565 0.2025 -0.0052 -0.0146 -0.0099 515 ARG A N   
605 C  CA  . ARG A 80 ? 0.1220 0.1721 0.2043 -0.0075 -0.0070 -0.0050 515 ARG A CA  
606 C  C   . ARG A 80 ? 0.1276 0.1746 0.2040 -0.0100 -0.0098 -0.0092 515 ARG A C   
607 O  O   . ARG A 80 ? 0.1308 0.1790 0.2189 -0.0168 0.0000  -0.0094 515 ARG A O   
608 C  CB  . ARG A 80 ? 0.1094 0.1681 0.1931 -0.0104 -0.0192 -0.0095 515 ARG A CB  
609 C  CG  . ARG A 80 ? 0.1175 0.1741 0.1908 0.0128  -0.0126 -0.0025 515 ARG A CG  
610 C  CD  . ARG A 80 ? 0.1700 0.1939 0.1974 0.0065  -0.0028 -0.0041 515 ARG A CD  
611 N  NE  . ARG A 80 ? 0.1633 0.1991 0.2271 0.0146  -0.0083 0.0121  515 ARG A NE  
612 C  CZ  . ARG A 80 ? 0.2126 0.2192 0.2306 -0.0013 0.0085  0.0153  515 ARG A CZ  
613 N  NH1 . ARG A 80 ? 0.1985 0.1540 0.2185 0.0262  0.0090  -0.0058 515 ARG A NH1 
614 N  NH2 . ARG A 80 ? 0.1734 0.2086 0.2446 0.0148  0.0035  0.0223  515 ARG A NH2 
615 N  N   . ASP A 81 ? 0.1245 0.1730 0.2001 -0.0099 -0.0076 -0.0059 516 ASP A N   
616 C  CA  . ASP A 81 ? 0.1436 0.1836 0.2132 -0.0010 -0.0053 -0.0053 516 ASP A CA  
617 C  C   . ASP A 81 ? 0.1196 0.1620 0.2036 -0.0015 -0.0046 -0.0055 516 ASP A C   
618 O  O   . ASP A 81 ? 0.1153 0.1588 0.2244 -0.0007 -0.0068 -0.0051 516 ASP A O   
619 C  CB  . ASP A 81 ? 0.1560 0.1930 0.2139 -0.0022 -0.0073 -0.0066 516 ASP A CB  
620 C  CG  . ASP A 81 ? 0.1990 0.2338 0.2356 0.0064  -0.0164 -0.0087 516 ASP A CG  
621 O  OD1 . ASP A 81 ? 0.2303 0.2761 0.2574 0.0043  -0.0129 -0.0321 516 ASP A OD1 
622 O  OD2 . ASP A 81 ? 0.2686 0.2821 0.2954 0.0017  -0.0141 -0.0193 516 ASP A OD2 
623 N  N   . LEU A 82 ? 0.1105 0.1567 0.2023 -0.0021 -0.0022 -0.0012 517 LEU A N   
624 C  CA  . LEU A 82 ? 0.1082 0.1509 0.1903 0.0002  -0.0099 -0.0024 517 LEU A CA  
625 C  C   . LEU A 82 ? 0.1010 0.1467 0.1938 -0.0016 -0.0103 0.0021  517 LEU A C   
626 O  O   . LEU A 82 ? 0.1218 0.1570 0.2225 0.0072  -0.0086 0.0039  517 LEU A O   
627 C  CB  . LEU A 82 ? 0.0987 0.1473 0.1889 -0.0055 -0.0058 0.0012  517 LEU A CB  
628 C  CG  . LEU A 82 ? 0.1276 0.1517 0.2094 -0.0097 -0.0077 0.0049  517 LEU A CG  
629 C  CD1 . LEU A 82 ? 0.1431 0.1968 0.2421 0.0066  0.0094  0.0157  517 LEU A CD1 
630 C  CD2 . LEU A 82 ? 0.1375 0.1504 0.2280 -0.0161 -0.0029 -0.0131 517 LEU A CD2 
631 N  N   . ILE A 83 ? 0.1000 0.1467 0.1930 -0.0015 -0.0087 0.0031  518 ILE A N   
632 C  CA  . ILE A 83 ? 0.1001 0.1461 0.1938 -0.0040 -0.0143 0.0003  518 ILE A CA  
633 C  C   . ILE A 83 ? 0.0901 0.1369 0.1799 -0.0023 -0.0129 0.0037  518 ILE A C   
634 O  O   . ILE A 83 ? 0.0659 0.1454 0.1801 -0.0053 -0.0172 0.0011  518 ILE A O   
635 C  CB  . ILE A 83 ? 0.1118 0.1420 0.1999 -0.0028 -0.0143 -0.0001 518 ILE A CB  
636 C  CG1 . ILE A 83 ? 0.0907 0.1368 0.2047 0.0095  -0.0178 -0.0112 518 ILE A CG1 
637 C  CG2 . ILE A 83 ? 0.1379 0.1648 0.1920 0.0057  -0.0177 -0.0065 518 ILE A CG2 
638 C  CD1 . ILE A 83 ? 0.1672 0.1754 0.2480 -0.0047 -0.0192 0.0183  518 ILE A CD1 
639 N  N   . ASP A 84 ? 0.1073 0.1573 0.1905 -0.0037 -0.0134 0.0065  519 ASP A N   
640 C  CA  . ASP A 84 ? 0.1192 0.1733 0.1985 -0.0035 -0.0122 0.0079  519 ASP A CA  
641 C  C   . ASP A 84 ? 0.1183 0.1627 0.1976 -0.0070 -0.0073 0.0051  519 ASP A C   
642 O  O   . ASP A 84 ? 0.1034 0.1680 0.2108 -0.0190 -0.0150 -0.0013 519 ASP A O   
643 C  CB  . ASP A 84 ? 0.1156 0.1766 0.2033 0.0012  -0.0074 0.0151  519 ASP A CB  
644 C  CG  . ASP A 84 ? 0.1529 0.2178 0.2452 -0.0101 -0.0070 0.0164  519 ASP A CG  
645 O  OD1 . ASP A 84 ? 0.1424 0.2155 0.2595 -0.0095 -0.0227 0.0293  519 ASP A OD1 
646 O  OD2 . ASP A 84 ? 0.1356 0.2381 0.2936 -0.0225 -0.0110 0.0174  519 ASP A OD2 
647 N  N   . ARG A 85 ? 0.1056 0.1559 0.1812 -0.0170 -0.0118 0.0027  520 ARG A N   
648 C  CA  . ARG A 85 ? 0.1375 0.1728 0.1875 -0.0148 -0.0183 0.0032  520 ARG A CA  
649 C  C   . ARG A 85 ? 0.1292 0.1642 0.1837 -0.0193 -0.0186 -0.0022 520 ARG A C   
650 O  O   . ARG A 85 ? 0.1330 0.1751 0.1901 -0.0113 -0.0220 0.0054  520 ARG A O   
651 C  CB  . ARG A 85 ? 0.1555 0.1800 0.1798 -0.0120 -0.0120 -0.0026 520 ARG A CB  
652 C  CG  . ARG A 85 ? 0.2241 0.2091 0.2297 -0.0022 -0.0133 0.0076  520 ARG A CG  
653 C  CD  . ARG A 85 ? 0.2196 0.1974 0.2203 -0.0030 0.0030  0.0156  520 ARG A CD  
654 N  NE  . ARG A 85 ? 0.3013 0.2447 0.2853 -0.0108 -0.0191 0.0033  520 ARG A NE  
655 C  CZ  . ARG A 85 ? 0.2516 0.2090 0.2600 0.0139  0.0177  0.0362  520 ARG A CZ  
656 N  NH1 . ARG A 85 ? 0.3402 0.3525 0.3338 -0.0006 -0.0052 -0.0155 520 ARG A NH1 
657 N  NH2 . ARG A 85 ? 0.3230 0.3279 0.3061 -0.0235 0.0080  -0.0092 520 ARG A NH2 
658 N  N   . SER A 86 ? 0.1311 0.1587 0.1960 -0.0223 -0.0162 -0.0032 521 SER A N   
659 C  CA  . SER A 86 ? 0.1346 0.1642 0.2108 -0.0219 -0.0087 0.0020  521 SER A CA  
660 C  C   . SER A 86 ? 0.1171 0.1531 0.2127 -0.0183 -0.0139 0.0028  521 SER A C   
661 O  O   . SER A 86 ? 0.0982 0.1572 0.2351 -0.0186 -0.0157 0.0005  521 SER A O   
662 C  CB  . SER A 86 ? 0.1642 0.1814 0.2117 -0.0132 -0.0068 0.0025  521 SER A CB  
663 O  OG  . SER A 86 ? 0.1765 0.1857 0.2288 0.0012  -0.0047 0.0052  521 SER A OG  
664 N  N   . ALA A 87 ? 0.1029 0.1443 0.2086 -0.0171 -0.0197 0.0066  522 ALA A N   
665 C  CA  . ALA A 87 ? 0.1027 0.1457 0.2014 -0.0116 -0.0197 0.0055  522 ALA A CA  
666 C  C   . ALA A 87 ? 0.1142 0.1530 0.2071 -0.0009 -0.0161 0.0064  522 ALA A C   
667 O  O   . ALA A 87 ? 0.1124 0.1577 0.2162 -0.0062 -0.0110 0.0095  522 ALA A O   
668 C  CB  . ALA A 87 ? 0.0919 0.1641 0.1978 -0.0117 -0.0238 0.0033  522 ALA A CB  
669 N  N   . TYR A 88 ? 0.1195 0.1606 0.2047 -0.0017 -0.0170 0.0091  523 TYR A N   
670 C  CA  . TYR A 88 ? 0.1521 0.1841 0.2049 -0.0043 -0.0168 0.0094  523 TYR A CA  
671 C  C   . TYR A 88 ? 0.1767 0.1894 0.2129 -0.0019 -0.0101 0.0108  523 TYR A C   
672 O  O   . TYR A 88 ? 0.2044 0.2060 0.2349 -0.0073 -0.0156 0.0137  523 TYR A O   
673 C  CB  . TYR A 88 ? 0.1430 0.1788 0.2128 -0.0044 -0.0100 0.0115  523 TYR A CB  
674 C  CG  . TYR A 88 ? 0.1460 0.1762 0.2116 -0.0017 -0.0067 0.0126  523 TYR A CG  
675 C  CD1 . TYR A 88 ? 0.1674 0.1714 0.1990 -0.0048 0.0026  0.0060  523 TYR A CD1 
676 C  CD2 . TYR A 88 ? 0.1689 0.1826 0.1977 0.0126  0.0073  0.0263  523 TYR A CD2 
677 C  CE1 . TYR A 88 ? 0.1664 0.1951 0.2358 -0.0080 -0.0023 0.0118  523 TYR A CE1 
678 C  CE2 . TYR A 88 ? 0.1621 0.2011 0.2249 0.0002  -0.0018 0.0115  523 TYR A CE2 
679 C  CZ  . TYR A 88 ? 0.1538 0.1887 0.2143 0.0049  -0.0042 0.0106  523 TYR A CZ  
680 O  OH  . TYR A 88 ? 0.1014 0.1746 0.2255 -0.0298 -0.0155 0.0110  523 TYR A OH  
681 O  OXT . TYR A 88 ? 0.1965 0.2063 0.2258 -0.0018 -0.0133 0.0154  523 TYR A OXT 
682 CA CA  . CA  B .  ? 0.1738 0.2036 0.3343 -0.0139 -0.0445 0.0178  101 CA  A CA  
683 O  O   . HOH C .  ? 0.1146 0.2087 0.2230 -0.0014 -0.0163 0.0013  1   HOH A O   
684 O  O   . HOH C .  ? 0.0835 0.1730 0.2041 -0.0181 0.0137  0.0284  2   HOH A O   
685 O  O   . HOH C .  ? 0.3130 0.1726 0.3194 0.0574  0.0331  0.0190  3   HOH A O   
686 O  O   . HOH C .  ? 0.0848 0.1484 0.2034 -0.0043 -0.0028 0.0406  4   HOH A O   
687 O  O   . HOH C .  ? 0.3311 0.3656 0.3266 0.0172  0.0107  -0.0197 5   HOH A O   
688 O  O   . HOH C .  ? 0.1108 0.2198 0.2782 -0.0327 -0.0574 0.0074  6   HOH A O   
689 O  O   . HOH C .  ? 0.1332 0.1698 0.2036 -0.0113 -0.0055 -0.0090 7   HOH A O   
690 O  O   . HOH C .  ? 0.1167 0.2084 0.2189 0.0003  -0.0032 -0.0191 8   HOH A O   
691 O  O   . HOH C .  ? 0.3417 0.2923 0.2656 -0.0022 0.0203  0.0093  9   HOH A O   
692 O  O   . HOH C .  ? 0.1594 0.1759 0.1865 -0.0442 -0.0204 -0.0129 10  HOH A O   
693 O  O   . HOH C .  ? 0.2351 0.2127 0.2446 -0.0259 -0.0445 -0.0123 11  HOH A O   
694 O  O   . HOH C .  ? 0.2970 0.3164 0.3388 -0.0022 -0.0210 -0.0128 12  HOH A O   
695 O  O   . HOH C .  ? 0.3159 0.2633 0.2806 -0.0535 -0.0037 0.0055  13  HOH A O   
696 O  O   . HOH C .  ? 0.1880 0.2419 0.2662 -0.0103 -0.0488 -0.0083 14  HOH A O   
697 O  O   . HOH C .  ? 0.3562 0.3671 0.3667 0.0014  0.0091  0.0219  15  HOH A O   
698 O  O   . HOH C .  ? 0.2376 0.2066 0.2919 0.0074  0.0036  0.0060  16  HOH A O   
699 O  O   . HOH C .  ? 0.1383 0.1742 0.2268 -0.0433 -0.0358 0.0306  18  HOH A O   
700 O  O   . HOH C .  ? 0.2487 0.2961 0.3213 0.0129  -0.0348 -0.0220 19  HOH A O   
701 O  O   . HOH C .  ? 0.3158 0.2899 0.3122 -0.0208 0.0019  -0.0109 20  HOH A O   
702 O  O   . HOH C .  ? 0.3024 0.3047 0.3002 0.0027  -0.0289 0.0080  21  HOH A O   
703 O  O   . HOH C .  ? 0.2079 0.1897 0.2907 -0.0215 -0.0071 0.0216  22  HOH A O   
704 O  O   . HOH C .  ? 0.1984 0.2453 0.2796 -0.0056 -0.0203 0.0126  23  HOH A O   
705 O  O   . HOH C .  ? 0.2895 0.3013 0.3469 0.0020  0.0035  0.0172  24  HOH A O   
706 O  O   . HOH C .  ? 0.1837 0.2928 0.3309 0.0101  -0.0241 0.0044  25  HOH A O   
707 O  O   . HOH C .  ? 0.2579 0.2665 0.2780 0.0126  0.0060  0.0356  26  HOH A O   
708 O  O   . HOH C .  ? 0.1964 0.2581 0.2609 -0.0269 -0.0028 0.0380  27  HOH A O   
709 O  O   . HOH C .  ? 0.2275 0.2441 0.3088 -0.0137 0.0013  0.0341  28  HOH A O   
710 O  O   . HOH C .  ? 0.2944 0.3324 0.3139 -0.0464 -0.0001 -0.0213 29  HOH A O   
711 O  O   . HOH C .  ? 0.2749 0.2862 0.3387 -0.0332 -0.0080 -0.0024 30  HOH A O   
712 O  O   . HOH C .  ? 0.2721 0.2876 0.3407 0.0199  -0.0068 0.0202  31  HOH A O   
713 O  O   . HOH C .  ? 0.1781 0.2583 0.3415 0.0159  -0.0112 -0.0013 32  HOH A O   
714 O  O   . HOH C .  ? 0.3129 0.2866 0.3208 0.0107  -0.0253 -0.0118 33  HOH A O   
715 O  O   . HOH C .  ? 0.1642 0.2201 0.2121 -0.0217 -0.0283 0.0243  34  HOH A O   
716 O  O   . HOH C .  ? 0.2534 0.3169 0.2036 0.0137  0.0056  -0.0146 35  HOH A O   
717 O  O   . HOH C .  ? 0.2709 0.2654 0.3141 0.0136  -0.0393 0.0037  36  HOH A O   
718 O  O   . HOH C .  ? 0.4191 0.3440 0.3482 0.0047  -0.0235 -0.0121 37  HOH A O   
719 O  O   . HOH C .  ? 0.2911 0.3564 0.3483 -0.0263 0.0035  -0.0017 38  HOH A O   
720 O  O   . HOH C .  ? 0.4533 0.4598 0.4495 -0.0047 -0.0008 -0.0070 39  HOH A O   
721 O  O   . HOH C .  ? 0.2620 0.3041 0.3312 0.0072  -0.0242 0.0017  40  HOH A O   
722 O  O   . HOH C .  ? 0.2608 0.3192 0.3398 0.0025  -0.0011 0.0039  41  HOH A O   
723 O  O   . HOH C .  ? 0.2830 0.2124 0.2991 -0.0514 -0.0006 -0.0022 42  HOH A O   
724 O  O   . HOH C .  ? 0.2141 0.2694 0.3040 -0.0025 -0.0004 0.0185  43  HOH A O   
725 O  O   . HOH C .  ? 0.4626 0.4414 0.4108 -0.0064 0.0246  -0.0104 44  HOH A O   
726 O  O   . HOH C .  ? 0.3793 0.3852 0.4012 -0.0054 -0.0098 0.0105  45  HOH A O   
727 O  O   . HOH C .  ? 0.3107 0.3183 0.2597 0.0030  -0.0117 -0.0056 46  HOH A O   
728 O  O   . HOH C .  ? 0.4779 0.4748 0.4940 -0.0023 -0.0091 -0.0006 47  HOH A O   
729 O  O   . HOH C .  ? 0.3459 0.3735 0.4004 0.0019  -0.0025 0.0114  48  HOH A O   
730 O  O   . HOH C .  ? 0.2426 0.2853 0.2837 0.0043  0.0321  0.0108  49  HOH A O   
731 O  O   . HOH C .  ? 0.1625 0.2276 0.3139 -0.0310 0.0262  -0.0020 50  HOH A O   
732 O  O   . HOH C .  ? 0.3783 0.3965 0.4083 -0.0103 0.0100  0.0073  51  HOH A O   
733 O  O   . HOH C .  ? 0.3592 0.3630 0.3844 0.0184  0.0046  0.0138  53  HOH A O   
734 O  O   . HOH C .  ? 0.1743 0.2257 0.3046 0.0150  -0.0054 0.0186  54  HOH A O   
735 O  O   . HOH C .  ? 0.1202 0.2318 0.2613 -0.0029 -0.0061 0.0138  55  HOH A O   
736 O  O   . HOH C .  ? 0.4044 0.4356 0.4090 -0.0010 0.0061  0.0023  56  HOH A O   
737 O  O   . HOH C .  ? 0.2596 0.3508 0.2797 -0.0135 0.0025  0.0034  57  HOH A O   
738 O  O   . HOH C .  ? 0.2894 0.2470 0.3131 -0.0327 0.0202  0.0095  58  HOH A O   
739 O  O   . HOH C .  ? 0.1874 0.2738 0.2152 -0.0165 -0.0356 -0.0171 59  HOH A O   
740 O  O   . HOH C .  ? 0.3590 0.3060 0.3476 0.0163  -0.0223 -0.0038 60  HOH A O   
741 O  O   . HOH C .  ? 0.3567 0.3969 0.3676 -0.0312 -0.0059 -0.0195 61  HOH A O   
742 O  O   . HOH C .  ? 0.3764 0.3816 0.3799 0.0095  0.0211  -0.0054 62  HOH A O   
743 O  O   . HOH C .  ? 0.3119 0.3622 0.3313 -0.0066 0.0072  -0.0131 63  HOH A O   
744 O  O   . HOH C .  ? 0.4150 0.4449 0.4188 0.0135  0.0180  -0.0086 64  HOH A O   
745 O  O   . HOH C .  ? 0.3749 0.3713 0.3901 0.0179  0.0044  0.0225  65  HOH A O   
746 O  O   . HOH C .  ? 0.4224 0.4417 0.4367 0.0075  0.0003  -0.0029 66  HOH A O   
747 O  O   . HOH C .  ? 0.4551 0.4528 0.4260 -0.0065 -0.0124 -0.0032 67  HOH A O   
748 O  O   . HOH C .  ? 0.4539 0.4722 0.4780 -0.0108 0.0038  0.0016  68  HOH A O   
749 O  O   . HOH C .  ? 0.4847 0.4692 0.4865 -0.0017 -0.0081 -0.0026 69  HOH A O   
750 O  O   . HOH C .  ? 0.4082 0.3261 0.3196 -0.0006 0.0216  0.0117  70  HOH A O   
751 O  O   . HOH C .  ? 0.3879 0.3864 0.4099 0.0095  -0.0230 -0.0039 71  HOH A O   
752 O  O   . HOH C .  ? 0.3836 0.3658 0.3994 0.0106  -0.0114 -0.0014 72  HOH A O   
753 O  O   . HOH C .  ? 0.4380 0.4530 0.4593 -0.0081 -0.0009 -0.0046 73  HOH A O   
754 O  O   . HOH C .  ? 0.4201 0.4231 0.4379 0.0011  -0.0115 0.0044  74  HOH A O   
755 O  O   . HOH C .  ? 0.4098 0.4042 0.3969 0.0067  -0.0090 -0.0072 75  HOH A O   
# 
